data_6AEP
# 
_entry.id   6AEP 
# 
_audit_conform.dict_name       mmcif_pdbx.dic 
_audit_conform.dict_version    5.398 
_audit_conform.dict_location   http://mmcif.pdb.org/dictionaries/ascii/mmcif_pdbx.dic 
# 
loop_
_database_2.database_id 
_database_2.database_code 
_database_2.pdbx_database_accession 
_database_2.pdbx_DOI 
PDB   6AEP         pdb_00006aep 10.2210/pdb6aep/pdb 
WWPDB D_1300008617 ?            ?                   
# 
loop_
_pdbx_audit_revision_history.ordinal 
_pdbx_audit_revision_history.data_content_type 
_pdbx_audit_revision_history.major_revision 
_pdbx_audit_revision_history.minor_revision 
_pdbx_audit_revision_history.revision_date 
1 'Structure model' 1 0 2019-08-07 
2 'Structure model' 1 1 2023-11-22 
3 'Structure model' 1 2 2024-11-06 
# 
_pdbx_audit_revision_details.ordinal             1 
_pdbx_audit_revision_details.revision_ordinal    1 
_pdbx_audit_revision_details.data_content_type   'Structure model' 
_pdbx_audit_revision_details.provider            repository 
_pdbx_audit_revision_details.type                'Initial release' 
_pdbx_audit_revision_details.description         ? 
_pdbx_audit_revision_details.details             ? 
# 
loop_
_pdbx_audit_revision_group.ordinal 
_pdbx_audit_revision_group.revision_ordinal 
_pdbx_audit_revision_group.data_content_type 
_pdbx_audit_revision_group.group 
1 2 'Structure model' 'Data collection'        
2 2 'Structure model' 'Database references'    
3 2 'Structure model' 'Refinement description' 
4 3 'Structure model' 'Structure summary'      
# 
loop_
_pdbx_audit_revision_category.ordinal 
_pdbx_audit_revision_category.revision_ordinal 
_pdbx_audit_revision_category.data_content_type 
_pdbx_audit_revision_category.category 
1 2 'Structure model' chem_comp_atom                
2 2 'Structure model' chem_comp_bond                
3 2 'Structure model' database_2                    
4 2 'Structure model' pdbx_initial_refinement_model 
5 3 'Structure model' pdbx_entry_details            
6 3 'Structure model' pdbx_modification_feature     
# 
loop_
_pdbx_audit_revision_item.ordinal 
_pdbx_audit_revision_item.revision_ordinal 
_pdbx_audit_revision_item.data_content_type 
_pdbx_audit_revision_item.item 
1 2 'Structure model' '_database_2.pdbx_DOI'                
2 2 'Structure model' '_database_2.pdbx_database_accession' 
# 
_pdbx_database_status.status_code                     REL 
_pdbx_database_status.status_code_sf                  REL 
_pdbx_database_status.status_code_mr                  ? 
_pdbx_database_status.entry_id                        6AEP 
_pdbx_database_status.recvd_initial_deposition_date   2018-08-06 
_pdbx_database_status.SG_entry                        N 
_pdbx_database_status.deposit_site                    PDBJ 
_pdbx_database_status.process_site                    PDBJ 
_pdbx_database_status.status_code_cs                  ? 
_pdbx_database_status.methods_development_category    ? 
_pdbx_database_status.pdb_format_compatible           Y 
_pdbx_database_status.status_code_nmr_data            ? 
# 
loop_
_audit_author.name 
_audit_author.pdbx_ordinal 
_audit_author.identifier_ORCID 
'Huang, Y.H.' 1 ? 
'Huang, C.Y.' 2 ? 
# 
_citation.abstract                  ? 
_citation.abstract_id_CAS           ? 
_citation.book_id_ISBN              ? 
_citation.book_publisher            ? 
_citation.book_publisher_city       ? 
_citation.book_title                ? 
_citation.coordinate_linkage        ? 
_citation.country                   ? 
_citation.database_id_Medline       ? 
_citation.details                   ? 
_citation.id                        primary 
_citation.journal_abbrev            'To Be Published' 
_citation.journal_id_ASTM           ? 
_citation.journal_id_CSD            0353 
_citation.journal_id_ISSN           ? 
_citation.journal_full              ? 
_citation.journal_issue             ? 
_citation.journal_volume            ? 
_citation.language                  ? 
_citation.page_first                ? 
_citation.page_last                 ? 
_citation.title                     
'Crystal structure of the ssDNA-binding domain of DnaT from Salmonella enterica Serovar Typhimurium LT2 at 1.84 angstrom resolution' 
_citation.year                      ? 
_citation.database_id_CSD           ? 
_citation.pdbx_database_id_DOI      ? 
_citation.pdbx_database_id_PubMed   ? 
_citation.unpublished_flag          ? 
# 
loop_
_citation_author.citation_id 
_citation_author.name 
_citation_author.ordinal 
_citation_author.identifier_ORCID 
primary 'Huang, Y.H.' 1 ? 
primary 'Huang, C.Y.' 2 ? 
# 
loop_
_entity.id 
_entity.type 
_entity.src_method 
_entity.pdbx_description 
_entity.formula_weight 
_entity.pdbx_number_of_molecules 
_entity.pdbx_ec 
_entity.pdbx_mutation 
_entity.pdbx_fragment 
_entity.details 
1 polymer man 'Primosomal protein 1' 11646.032 2   ? ? ? ? 
2 water   nat water                  18.015    106 ? ? ? ? 
# 
_entity_name_com.entity_id   1 
_entity_name_com.name        'Primosomal protein I' 
# 
_entity_poly.entity_id                      1 
_entity_poly.type                           'polypeptide(L)' 
_entity_poly.nstd_linkage                   no 
_entity_poly.nstd_monomer                   no 
_entity_poly.pdbx_seq_one_letter_code       
;IPCGKFAMYPAWQPDADFQRQAALWGVALREPVTAEELAAFIAYWQAEGKVFHHIQWQQKLARSVQISRSSNGGMPQRDI
NSVSEPDNHIPPGFRGHHHHHH
;
_entity_poly.pdbx_seq_one_letter_code_can   
;IPCGKFAMYPAWQPDADFQRQAALWGVALREPVTAEELAAFIAYWQAEGKVFHHIQWQQKLARSVQISRSSNGGMPQRDI
NSVSEPDNHIPPGFRGHHHHHH
;
_entity_poly.pdbx_strand_id                 A,B 
_entity_poly.pdbx_target_identifier         ? 
# 
_pdbx_entity_nonpoly.entity_id   2 
_pdbx_entity_nonpoly.name        water 
_pdbx_entity_nonpoly.comp_id     HOH 
# 
loop_
_entity_poly_seq.entity_id 
_entity_poly_seq.num 
_entity_poly_seq.mon_id 
_entity_poly_seq.hetero 
1 1   ILE n 
1 2   PRO n 
1 3   CYS n 
1 4   GLY n 
1 5   LYS n 
1 6   PHE n 
1 7   ALA n 
1 8   MET n 
1 9   TYR n 
1 10  PRO n 
1 11  ALA n 
1 12  TRP n 
1 13  GLN n 
1 14  PRO n 
1 15  ASP n 
1 16  ALA n 
1 17  ASP n 
1 18  PHE n 
1 19  GLN n 
1 20  ARG n 
1 21  GLN n 
1 22  ALA n 
1 23  ALA n 
1 24  LEU n 
1 25  TRP n 
1 26  GLY n 
1 27  VAL n 
1 28  ALA n 
1 29  LEU n 
1 30  ARG n 
1 31  GLU n 
1 32  PRO n 
1 33  VAL n 
1 34  THR n 
1 35  ALA n 
1 36  GLU n 
1 37  GLU n 
1 38  LEU n 
1 39  ALA n 
1 40  ALA n 
1 41  PHE n 
1 42  ILE n 
1 43  ALA n 
1 44  TYR n 
1 45  TRP n 
1 46  GLN n 
1 47  ALA n 
1 48  GLU n 
1 49  GLY n 
1 50  LYS n 
1 51  VAL n 
1 52  PHE n 
1 53  HIS n 
1 54  HIS n 
1 55  ILE n 
1 56  GLN n 
1 57  TRP n 
1 58  GLN n 
1 59  GLN n 
1 60  LYS n 
1 61  LEU n 
1 62  ALA n 
1 63  ARG n 
1 64  SER n 
1 65  VAL n 
1 66  GLN n 
1 67  ILE n 
1 68  SER n 
1 69  ARG n 
1 70  SER n 
1 71  SER n 
1 72  ASN n 
1 73  GLY n 
1 74  GLY n 
1 75  MET n 
1 76  PRO n 
1 77  GLN n 
1 78  ARG n 
1 79  ASP n 
1 80  ILE n 
1 81  ASN n 
1 82  SER n 
1 83  VAL n 
1 84  SER n 
1 85  GLU n 
1 86  PRO n 
1 87  ASP n 
1 88  ASN n 
1 89  HIS n 
1 90  ILE n 
1 91  PRO n 
1 92  PRO n 
1 93  GLY n 
1 94  PHE n 
1 95  ARG n 
1 96  GLY n 
1 97  HIS n 
1 98  HIS n 
1 99  HIS n 
1 100 HIS n 
1 101 HIS n 
1 102 HIS n 
# 
_entity_src_gen.entity_id                          1 
_entity_src_gen.pdbx_src_id                        1 
_entity_src_gen.pdbx_alt_source_flag               sample 
_entity_src_gen.pdbx_seq_type                      'Biological sequence' 
_entity_src_gen.pdbx_beg_seq_num                   1 
_entity_src_gen.pdbx_end_seq_num                   102 
_entity_src_gen.gene_src_common_name               ? 
_entity_src_gen.gene_src_genus                     ? 
_entity_src_gen.pdbx_gene_src_gene                 'dnaT, STM4544' 
_entity_src_gen.gene_src_species                   ? 
_entity_src_gen.gene_src_strain                    'LT2 / SGSC1412 / ATCC 700720' 
_entity_src_gen.gene_src_tissue                    ? 
_entity_src_gen.gene_src_tissue_fraction           ? 
_entity_src_gen.gene_src_details                   ? 
_entity_src_gen.pdbx_gene_src_fragment             ? 
_entity_src_gen.pdbx_gene_src_scientific_name      'Salmonella enterica subsp. enterica serovar Typhimurium str. LT2' 
_entity_src_gen.pdbx_gene_src_ncbi_taxonomy_id     99287 
_entity_src_gen.pdbx_gene_src_variant              ? 
_entity_src_gen.pdbx_gene_src_cell_line            ? 
_entity_src_gen.pdbx_gene_src_atcc                 ? 
_entity_src_gen.pdbx_gene_src_organ                ? 
_entity_src_gen.pdbx_gene_src_organelle            ? 
_entity_src_gen.pdbx_gene_src_cell                 ? 
_entity_src_gen.pdbx_gene_src_cellular_location    ? 
_entity_src_gen.host_org_common_name               ? 
_entity_src_gen.pdbx_host_org_scientific_name      'Escherichia coli BL21(DE3)' 
_entity_src_gen.pdbx_host_org_ncbi_taxonomy_id     469008 
_entity_src_gen.host_org_genus                     ? 
_entity_src_gen.pdbx_host_org_gene                 ? 
_entity_src_gen.pdbx_host_org_organ                ? 
_entity_src_gen.host_org_species                   ? 
_entity_src_gen.pdbx_host_org_tissue               ? 
_entity_src_gen.pdbx_host_org_tissue_fraction      ? 
_entity_src_gen.pdbx_host_org_strain               'BL21(DE3)' 
_entity_src_gen.pdbx_host_org_variant              ? 
_entity_src_gen.pdbx_host_org_cell_line            ? 
_entity_src_gen.pdbx_host_org_atcc                 ? 
_entity_src_gen.pdbx_host_org_culture_collection   ? 
_entity_src_gen.pdbx_host_org_cell                 ? 
_entity_src_gen.pdbx_host_org_organelle            ? 
_entity_src_gen.pdbx_host_org_cellular_location    ? 
_entity_src_gen.pdbx_host_org_vector_type          ? 
_entity_src_gen.pdbx_host_org_vector               ? 
_entity_src_gen.host_org_details                   ? 
_entity_src_gen.expression_system_id               ? 
_entity_src_gen.plasmid_name                       ? 
_entity_src_gen.plasmid_details                    ? 
_entity_src_gen.pdbx_description                   ? 
# 
loop_
_chem_comp.id 
_chem_comp.type 
_chem_comp.mon_nstd_flag 
_chem_comp.name 
_chem_comp.pdbx_synonyms 
_chem_comp.formula 
_chem_comp.formula_weight 
ALA 'L-peptide linking' y ALANINE         ? 'C3 H7 N O2'     89.093  
ARG 'L-peptide linking' y ARGININE        ? 'C6 H15 N4 O2 1' 175.209 
ASN 'L-peptide linking' y ASPARAGINE      ? 'C4 H8 N2 O3'    132.118 
ASP 'L-peptide linking' y 'ASPARTIC ACID' ? 'C4 H7 N O4'     133.103 
CYS 'L-peptide linking' y CYSTEINE        ? 'C3 H7 N O2 S'   121.158 
GLN 'L-peptide linking' y GLUTAMINE       ? 'C5 H10 N2 O3'   146.144 
GLU 'L-peptide linking' y 'GLUTAMIC ACID' ? 'C5 H9 N O4'     147.129 
GLY 'peptide linking'   y GLYCINE         ? 'C2 H5 N O2'     75.067  
HIS 'L-peptide linking' y HISTIDINE       ? 'C6 H10 N3 O2 1' 156.162 
HOH non-polymer         . WATER           ? 'H2 O'           18.015  
ILE 'L-peptide linking' y ISOLEUCINE      ? 'C6 H13 N O2'    131.173 
LEU 'L-peptide linking' y LEUCINE         ? 'C6 H13 N O2'    131.173 
LYS 'L-peptide linking' y LYSINE          ? 'C6 H15 N2 O2 1' 147.195 
MET 'L-peptide linking' y METHIONINE      ? 'C5 H11 N O2 S'  149.211 
PHE 'L-peptide linking' y PHENYLALANINE   ? 'C9 H11 N O2'    165.189 
PRO 'L-peptide linking' y PROLINE         ? 'C5 H9 N O2'     115.130 
SER 'L-peptide linking' y SERINE          ? 'C3 H7 N O3'     105.093 
THR 'L-peptide linking' y THREONINE       ? 'C4 H9 N O3'     119.119 
TRP 'L-peptide linking' y TRYPTOPHAN      ? 'C11 H12 N2 O2'  204.225 
TYR 'L-peptide linking' y TYROSINE        ? 'C9 H11 N O3'    181.189 
VAL 'L-peptide linking' y VALINE          ? 'C5 H11 N O2'    117.146 
# 
loop_
_pdbx_poly_seq_scheme.asym_id 
_pdbx_poly_seq_scheme.entity_id 
_pdbx_poly_seq_scheme.seq_id 
_pdbx_poly_seq_scheme.mon_id 
_pdbx_poly_seq_scheme.ndb_seq_num 
_pdbx_poly_seq_scheme.pdb_seq_num 
_pdbx_poly_seq_scheme.auth_seq_num 
_pdbx_poly_seq_scheme.pdb_mon_id 
_pdbx_poly_seq_scheme.auth_mon_id 
_pdbx_poly_seq_scheme.pdb_strand_id 
_pdbx_poly_seq_scheme.pdb_ins_code 
_pdbx_poly_seq_scheme.hetero 
A 1 1   ILE 1   84  84  ILE ILE A . n 
A 1 2   PRO 2   85  85  PRO PRO A . n 
A 1 3   CYS 3   86  86  CYS CYS A . n 
A 1 4   GLY 4   87  87  GLY GLY A . n 
A 1 5   LYS 5   88  88  LYS LYS A . n 
A 1 6   PHE 6   89  89  PHE PHE A . n 
A 1 7   ALA 7   90  90  ALA ALA A . n 
A 1 8   MET 8   91  91  MET MET A . n 
A 1 9   TYR 9   92  92  TYR TYR A . n 
A 1 10  PRO 10  93  93  PRO PRO A . n 
A 1 11  ALA 11  94  94  ALA ALA A . n 
A 1 12  TRP 12  95  95  TRP TRP A . n 
A 1 13  GLN 13  96  96  GLN GLN A . n 
A 1 14  PRO 14  97  97  PRO PRO A . n 
A 1 15  ASP 15  98  98  ASP ASP A . n 
A 1 16  ALA 16  99  99  ALA ALA A . n 
A 1 17  ASP 17  100 100 ASP ASP A . n 
A 1 18  PHE 18  101 101 PHE PHE A . n 
A 1 19  GLN 19  102 102 GLN GLN A . n 
A 1 20  ARG 20  103 103 ARG ARG A . n 
A 1 21  GLN 21  104 104 GLN GLN A . n 
A 1 22  ALA 22  105 105 ALA ALA A . n 
A 1 23  ALA 23  106 106 ALA ALA A . n 
A 1 24  LEU 24  107 107 LEU LEU A . n 
A 1 25  TRP 25  108 108 TRP TRP A . n 
A 1 26  GLY 26  109 109 GLY GLY A . n 
A 1 27  VAL 27  110 110 VAL VAL A . n 
A 1 28  ALA 28  111 111 ALA ALA A . n 
A 1 29  LEU 29  112 112 LEU LEU A . n 
A 1 30  ARG 30  113 113 ARG ARG A . n 
A 1 31  GLU 31  114 114 GLU GLU A . n 
A 1 32  PRO 32  115 115 PRO PRO A . n 
A 1 33  VAL 33  116 116 VAL VAL A . n 
A 1 34  THR 34  117 117 THR THR A . n 
A 1 35  ALA 35  118 118 ALA ALA A . n 
A 1 36  GLU 36  119 119 GLU GLU A . n 
A 1 37  GLU 37  120 120 GLU GLU A . n 
A 1 38  LEU 38  121 121 LEU LEU A . n 
A 1 39  ALA 39  122 122 ALA ALA A . n 
A 1 40  ALA 40  123 123 ALA ALA A . n 
A 1 41  PHE 41  124 124 PHE PHE A . n 
A 1 42  ILE 42  125 125 ILE ILE A . n 
A 1 43  ALA 43  126 126 ALA ALA A . n 
A 1 44  TYR 44  127 127 TYR TYR A . n 
A 1 45  TRP 45  128 128 TRP TRP A . n 
A 1 46  GLN 46  129 129 GLN GLN A . n 
A 1 47  ALA 47  130 130 ALA ALA A . n 
A 1 48  GLU 48  131 131 GLU GLU A . n 
A 1 49  GLY 49  132 132 GLY GLY A . n 
A 1 50  LYS 50  133 133 LYS LYS A . n 
A 1 51  VAL 51  134 134 VAL VAL A . n 
A 1 52  PHE 52  135 135 PHE PHE A . n 
A 1 53  HIS 53  136 136 HIS HIS A . n 
A 1 54  HIS 54  137 137 HIS HIS A . n 
A 1 55  ILE 55  138 138 ILE ILE A . n 
A 1 56  GLN 56  139 139 GLN GLN A . n 
A 1 57  TRP 57  140 140 TRP TRP A . n 
A 1 58  GLN 58  141 141 GLN GLN A . n 
A 1 59  GLN 59  142 142 GLN GLN A . n 
A 1 60  LYS 60  143 143 LYS LYS A . n 
A 1 61  LEU 61  144 144 LEU LEU A . n 
A 1 62  ALA 62  145 145 ALA ALA A . n 
A 1 63  ARG 63  146 146 ARG ARG A . n 
A 1 64  SER 64  147 147 SER SER A . n 
A 1 65  VAL 65  148 148 VAL VAL A . n 
A 1 66  GLN 66  149 149 GLN GLN A . n 
A 1 67  ILE 67  150 150 ILE ILE A . n 
A 1 68  SER 68  151 151 SER SER A . n 
A 1 69  ARG 69  152 152 ARG ARG A . n 
A 1 70  SER 70  153 153 SER SER A . n 
A 1 71  SER 71  154 154 SER SER A . n 
A 1 72  ASN 72  155 155 ASN ASN A . n 
A 1 73  GLY 73  156 156 GLY GLY A . n 
A 1 74  GLY 74  157 157 GLY GLY A . n 
A 1 75  MET 75  158 158 MET MET A . n 
A 1 76  PRO 76  159 159 PRO PRO A . n 
A 1 77  GLN 77  160 160 GLN GLN A . n 
A 1 78  ARG 78  161 161 ARG ARG A . n 
A 1 79  ASP 79  162 162 ASP ASP A . n 
A 1 80  ILE 80  163 ?   ?   ?   A . n 
A 1 81  ASN 81  164 ?   ?   ?   A . n 
A 1 82  SER 82  165 ?   ?   ?   A . n 
A 1 83  VAL 83  166 ?   ?   ?   A . n 
A 1 84  SER 84  167 ?   ?   ?   A . n 
A 1 85  GLU 85  168 ?   ?   ?   A . n 
A 1 86  PRO 86  169 ?   ?   ?   A . n 
A 1 87  ASP 87  170 ?   ?   ?   A . n 
A 1 88  ASN 88  171 ?   ?   ?   A . n 
A 1 89  HIS 89  172 ?   ?   ?   A . n 
A 1 90  ILE 90  173 ?   ?   ?   A . n 
A 1 91  PRO 91  174 ?   ?   ?   A . n 
A 1 92  PRO 92  175 ?   ?   ?   A . n 
A 1 93  GLY 93  176 ?   ?   ?   A . n 
A 1 94  PHE 94  177 ?   ?   ?   A . n 
A 1 95  ARG 95  178 ?   ?   ?   A . n 
A 1 96  GLY 96  179 ?   ?   ?   A . n 
A 1 97  HIS 97  180 ?   ?   ?   A . n 
A 1 98  HIS 98  181 ?   ?   ?   A . n 
A 1 99  HIS 99  182 ?   ?   ?   A . n 
A 1 100 HIS 100 183 ?   ?   ?   A . n 
A 1 101 HIS 101 184 ?   ?   ?   A . n 
A 1 102 HIS 102 185 ?   ?   ?   A . n 
B 1 1   ILE 1   84  84  ILE ILE B . n 
B 1 2   PRO 2   85  85  PRO PRO B . n 
B 1 3   CYS 3   86  86  CYS CYS B . n 
B 1 4   GLY 4   87  87  GLY GLY B . n 
B 1 5   LYS 5   88  88  LYS LYS B . n 
B 1 6   PHE 6   89  89  PHE PHE B . n 
B 1 7   ALA 7   90  90  ALA ALA B . n 
B 1 8   MET 8   91  91  MET MET B . n 
B 1 9   TYR 9   92  92  TYR TYR B . n 
B 1 10  PRO 10  93  93  PRO PRO B . n 
B 1 11  ALA 11  94  94  ALA ALA B . n 
B 1 12  TRP 12  95  95  TRP TRP B . n 
B 1 13  GLN 13  96  96  GLN GLN B . n 
B 1 14  PRO 14  97  97  PRO PRO B . n 
B 1 15  ASP 15  98  98  ASP ASP B . n 
B 1 16  ALA 16  99  99  ALA ALA B . n 
B 1 17  ASP 17  100 100 ASP ASP B . n 
B 1 18  PHE 18  101 101 PHE PHE B . n 
B 1 19  GLN 19  102 102 GLN GLN B . n 
B 1 20  ARG 20  103 103 ARG ARG B . n 
B 1 21  GLN 21  104 104 GLN GLN B . n 
B 1 22  ALA 22  105 105 ALA ALA B . n 
B 1 23  ALA 23  106 106 ALA ALA B . n 
B 1 24  LEU 24  107 107 LEU LEU B . n 
B 1 25  TRP 25  108 108 TRP TRP B . n 
B 1 26  GLY 26  109 109 GLY GLY B . n 
B 1 27  VAL 27  110 110 VAL VAL B . n 
B 1 28  ALA 28  111 111 ALA ALA B . n 
B 1 29  LEU 29  112 112 LEU LEU B . n 
B 1 30  ARG 30  113 113 ARG ARG B . n 
B 1 31  GLU 31  114 114 GLU GLU B . n 
B 1 32  PRO 32  115 115 PRO PRO B . n 
B 1 33  VAL 33  116 116 VAL VAL B . n 
B 1 34  THR 34  117 117 THR THR B . n 
B 1 35  ALA 35  118 118 ALA ALA B . n 
B 1 36  GLU 36  119 119 GLU GLU B . n 
B 1 37  GLU 37  120 120 GLU GLU B . n 
B 1 38  LEU 38  121 121 LEU LEU B . n 
B 1 39  ALA 39  122 122 ALA ALA B . n 
B 1 40  ALA 40  123 123 ALA ALA B . n 
B 1 41  PHE 41  124 124 PHE PHE B . n 
B 1 42  ILE 42  125 125 ILE ILE B . n 
B 1 43  ALA 43  126 126 ALA ALA B . n 
B 1 44  TYR 44  127 127 TYR TYR B . n 
B 1 45  TRP 45  128 128 TRP TRP B . n 
B 1 46  GLN 46  129 129 GLN GLN B . n 
B 1 47  ALA 47  130 130 ALA ALA B . n 
B 1 48  GLU 48  131 131 GLU GLU B . n 
B 1 49  GLY 49  132 132 GLY GLY B . n 
B 1 50  LYS 50  133 133 LYS LYS B . n 
B 1 51  VAL 51  134 134 VAL VAL B . n 
B 1 52  PHE 52  135 135 PHE PHE B . n 
B 1 53  HIS 53  136 136 HIS HIS B . n 
B 1 54  HIS 54  137 137 HIS HIS B . n 
B 1 55  ILE 55  138 138 ILE ILE B . n 
B 1 56  GLN 56  139 139 GLN GLN B . n 
B 1 57  TRP 57  140 140 TRP TRP B . n 
B 1 58  GLN 58  141 141 GLN GLN B . n 
B 1 59  GLN 59  142 142 GLN GLN B . n 
B 1 60  LYS 60  143 143 LYS LYS B . n 
B 1 61  LEU 61  144 144 LEU LEU B . n 
B 1 62  ALA 62  145 145 ALA ALA B . n 
B 1 63  ARG 63  146 146 ARG ARG B . n 
B 1 64  SER 64  147 147 SER SER B . n 
B 1 65  VAL 65  148 148 VAL VAL B . n 
B 1 66  GLN 66  149 149 GLN GLN B . n 
B 1 67  ILE 67  150 150 ILE ILE B . n 
B 1 68  SER 68  151 151 SER SER B . n 
B 1 69  ARG 69  152 152 ARG ARG B . n 
B 1 70  SER 70  153 153 SER SER B . n 
B 1 71  SER 71  154 154 SER SER B . n 
B 1 72  ASN 72  155 155 ASN ASN B . n 
B 1 73  GLY 73  156 ?   ?   ?   B . n 
B 1 74  GLY 74  157 ?   ?   ?   B . n 
B 1 75  MET 75  158 ?   ?   ?   B . n 
B 1 76  PRO 76  159 ?   ?   ?   B . n 
B 1 77  GLN 77  160 ?   ?   ?   B . n 
B 1 78  ARG 78  161 ?   ?   ?   B . n 
B 1 79  ASP 79  162 ?   ?   ?   B . n 
B 1 80  ILE 80  163 ?   ?   ?   B . n 
B 1 81  ASN 81  164 ?   ?   ?   B . n 
B 1 82  SER 82  165 ?   ?   ?   B . n 
B 1 83  VAL 83  166 ?   ?   ?   B . n 
B 1 84  SER 84  167 ?   ?   ?   B . n 
B 1 85  GLU 85  168 ?   ?   ?   B . n 
B 1 86  PRO 86  169 ?   ?   ?   B . n 
B 1 87  ASP 87  170 ?   ?   ?   B . n 
B 1 88  ASN 88  171 ?   ?   ?   B . n 
B 1 89  HIS 89  172 ?   ?   ?   B . n 
B 1 90  ILE 90  173 ?   ?   ?   B . n 
B 1 91  PRO 91  174 ?   ?   ?   B . n 
B 1 92  PRO 92  175 ?   ?   ?   B . n 
B 1 93  GLY 93  176 ?   ?   ?   B . n 
B 1 94  PHE 94  177 ?   ?   ?   B . n 
B 1 95  ARG 95  178 ?   ?   ?   B . n 
B 1 96  GLY 96  179 ?   ?   ?   B . n 
B 1 97  HIS 97  180 ?   ?   ?   B . n 
B 1 98  HIS 98  181 ?   ?   ?   B . n 
B 1 99  HIS 99  182 ?   ?   ?   B . n 
B 1 100 HIS 100 183 ?   ?   ?   B . n 
B 1 101 HIS 101 184 ?   ?   ?   B . n 
B 1 102 HIS 102 185 ?   ?   ?   B . n 
# 
loop_
_pdbx_nonpoly_scheme.asym_id 
_pdbx_nonpoly_scheme.entity_id 
_pdbx_nonpoly_scheme.mon_id 
_pdbx_nonpoly_scheme.ndb_seq_num 
_pdbx_nonpoly_scheme.pdb_seq_num 
_pdbx_nonpoly_scheme.auth_seq_num 
_pdbx_nonpoly_scheme.pdb_mon_id 
_pdbx_nonpoly_scheme.auth_mon_id 
_pdbx_nonpoly_scheme.pdb_strand_id 
_pdbx_nonpoly_scheme.pdb_ins_code 
C 2 HOH 1  201 115 HOH HOH A . 
C 2 HOH 2  202 53  HOH HOH A . 
C 2 HOH 3  203 25  HOH HOH A . 
C 2 HOH 4  204 79  HOH HOH A . 
C 2 HOH 5  205 18  HOH HOH A . 
C 2 HOH 6  206 72  HOH HOH A . 
C 2 HOH 7  207 96  HOH HOH A . 
C 2 HOH 8  208 51  HOH HOH A . 
C 2 HOH 9  209 48  HOH HOH A . 
C 2 HOH 10 210 87  HOH HOH A . 
C 2 HOH 11 211 13  HOH HOH A . 
C 2 HOH 12 212 74  HOH HOH A . 
C 2 HOH 13 213 62  HOH HOH A . 
C 2 HOH 14 214 36  HOH HOH A . 
C 2 HOH 15 215 3   HOH HOH A . 
C 2 HOH 16 216 5   HOH HOH A . 
C 2 HOH 17 217 39  HOH HOH A . 
C 2 HOH 18 218 16  HOH HOH A . 
C 2 HOH 19 219 17  HOH HOH A . 
C 2 HOH 20 220 26  HOH HOH A . 
C 2 HOH 21 221 58  HOH HOH A . 
C 2 HOH 22 222 100 HOH HOH A . 
C 2 HOH 23 223 94  HOH HOH A . 
C 2 HOH 24 224 109 HOH HOH A . 
C 2 HOH 25 225 20  HOH HOH A . 
C 2 HOH 26 226 70  HOH HOH A . 
C 2 HOH 27 227 21  HOH HOH A . 
C 2 HOH 28 228 128 HOH HOH A . 
C 2 HOH 29 229 24  HOH HOH A . 
C 2 HOH 30 230 33  HOH HOH A . 
C 2 HOH 31 231 68  HOH HOH A . 
C 2 HOH 32 232 95  HOH HOH A . 
C 2 HOH 33 233 29  HOH HOH A . 
C 2 HOH 34 234 86  HOH HOH A . 
C 2 HOH 35 235 9   HOH HOH A . 
C 2 HOH 36 236 30  HOH HOH A . 
C 2 HOH 37 237 84  HOH HOH A . 
C 2 HOH 38 238 90  HOH HOH A . 
C 2 HOH 39 239 67  HOH HOH A . 
C 2 HOH 40 240 57  HOH HOH A . 
C 2 HOH 41 241 117 HOH HOH A . 
C 2 HOH 42 242 4   HOH HOH A . 
C 2 HOH 43 243 89  HOH HOH A . 
C 2 HOH 44 244 88  HOH HOH A . 
C 2 HOH 45 245 85  HOH HOH A . 
C 2 HOH 46 246 103 HOH HOH A . 
C 2 HOH 47 247 111 HOH HOH A . 
C 2 HOH 48 248 42  HOH HOH A . 
C 2 HOH 49 249 63  HOH HOH A . 
C 2 HOH 50 250 19  HOH HOH A . 
C 2 HOH 51 251 82  HOH HOH A . 
C 2 HOH 52 252 99  HOH HOH A . 
C 2 HOH 53 253 61  HOH HOH A . 
C 2 HOH 54 254 60  HOH HOH A . 
C 2 HOH 55 255 97  HOH HOH A . 
C 2 HOH 56 256 50  HOH HOH A . 
C 2 HOH 57 257 49  HOH HOH A . 
C 2 HOH 58 258 47  HOH HOH A . 
C 2 HOH 59 259 92  HOH HOH A . 
C 2 HOH 60 260 101 HOH HOH A . 
D 2 HOH 1  201 107 HOH HOH B . 
D 2 HOH 2  202 102 HOH HOH B . 
D 2 HOH 3  203 64  HOH HOH B . 
D 2 HOH 4  204 34  HOH HOH B . 
D 2 HOH 5  205 23  HOH HOH B . 
D 2 HOH 6  206 8   HOH HOH B . 
D 2 HOH 7  207 76  HOH HOH B . 
D 2 HOH 8  208 93  HOH HOH B . 
D 2 HOH 9  209 7   HOH HOH B . 
D 2 HOH 10 210 91  HOH HOH B . 
D 2 HOH 11 211 2   HOH HOH B . 
D 2 HOH 12 212 44  HOH HOH B . 
D 2 HOH 13 213 37  HOH HOH B . 
D 2 HOH 14 214 40  HOH HOH B . 
D 2 HOH 15 215 28  HOH HOH B . 
D 2 HOH 16 216 32  HOH HOH B . 
D 2 HOH 17 217 1   HOH HOH B . 
D 2 HOH 18 218 14  HOH HOH B . 
D 2 HOH 19 219 55  HOH HOH B . 
D 2 HOH 20 220 27  HOH HOH B . 
D 2 HOH 21 221 12  HOH HOH B . 
D 2 HOH 22 222 45  HOH HOH B . 
D 2 HOH 23 223 11  HOH HOH B . 
D 2 HOH 24 224 15  HOH HOH B . 
D 2 HOH 25 225 10  HOH HOH B . 
D 2 HOH 26 226 75  HOH HOH B . 
D 2 HOH 27 227 54  HOH HOH B . 
D 2 HOH 28 228 43  HOH HOH B . 
D 2 HOH 29 229 108 HOH HOH B . 
D 2 HOH 30 230 129 HOH HOH B . 
D 2 HOH 31 231 41  HOH HOH B . 
D 2 HOH 32 232 65  HOH HOH B . 
D 2 HOH 33 233 22  HOH HOH B . 
D 2 HOH 34 234 46  HOH HOH B . 
D 2 HOH 35 235 113 HOH HOH B . 
D 2 HOH 36 236 123 HOH HOH B . 
D 2 HOH 37 237 119 HOH HOH B . 
D 2 HOH 38 238 81  HOH HOH B . 
D 2 HOH 39 239 130 HOH HOH B . 
D 2 HOH 40 240 59  HOH HOH B . 
D 2 HOH 41 241 35  HOH HOH B . 
D 2 HOH 42 242 125 HOH HOH B . 
D 2 HOH 43 243 38  HOH HOH B . 
D 2 HOH 44 244 31  HOH HOH B . 
D 2 HOH 45 245 52  HOH HOH B . 
D 2 HOH 46 246 56  HOH HOH B . 
# 
loop_
_software.citation_id 
_software.classification 
_software.compiler_name 
_software.compiler_version 
_software.contact_author 
_software.contact_author_email 
_software.date 
_software.description 
_software.dependencies 
_software.hardware 
_software.language 
_software.location 
_software.mods 
_software.name 
_software.os 
_software.os_version 
_software.type 
_software.version 
_software.pdbx_ordinal 
? refinement       ? ? ? ? ? ? ? ? ? ? ? PHENIX   ? ? ? '(1.14_3260: ???)' 1 
? 'data reduction' ? ? ? ? ? ? ? ? ? ? ? HKL-2000 ? ? ? .                  2 
? 'data scaling'   ? ? ? ? ? ? ? ? ? ? ? HKL-2000 ? ? ? .                  3 
? phasing          ? ? ? ? ? ? ? ? ? ? ? MOLREP   ? ? ? .                  4 
# 
_cell.angle_alpha                  90.00 
_cell.angle_alpha_esd              ? 
_cell.angle_beta                   90.00 
_cell.angle_beta_esd               ? 
_cell.angle_gamma                  90.00 
_cell.angle_gamma_esd              ? 
_cell.entry_id                     6AEP 
_cell.details                      ? 
_cell.formula_units_Z              ? 
_cell.length_a                     57.282 
_cell.length_a_esd                 ? 
_cell.length_b                     93.526 
_cell.length_b_esd                 ? 
_cell.length_c                     68.902 
_cell.length_c_esd                 ? 
_cell.volume                       ? 
_cell.volume_esd                   ? 
_cell.Z_PDB                        16 
_cell.reciprocal_angle_alpha       ? 
_cell.reciprocal_angle_beta        ? 
_cell.reciprocal_angle_gamma       ? 
_cell.reciprocal_angle_alpha_esd   ? 
_cell.reciprocal_angle_beta_esd    ? 
_cell.reciprocal_angle_gamma_esd   ? 
_cell.reciprocal_length_a          ? 
_cell.reciprocal_length_b          ? 
_cell.reciprocal_length_c          ? 
_cell.reciprocal_length_a_esd      ? 
_cell.reciprocal_length_b_esd      ? 
_cell.reciprocal_length_c_esd      ? 
_cell.pdbx_unique_axis             ? 
# 
_symmetry.entry_id                         6AEP 
_symmetry.cell_setting                     ? 
_symmetry.Int_Tables_number                20 
_symmetry.space_group_name_Hall            ? 
_symmetry.space_group_name_H-M             'C 2 2 21' 
_symmetry.pdbx_full_space_group_name_H-M   ? 
# 
_exptl.absorpt_coefficient_mu     ? 
_exptl.absorpt_correction_T_max   ? 
_exptl.absorpt_correction_T_min   ? 
_exptl.absorpt_correction_type    ? 
_exptl.absorpt_process_details    ? 
_exptl.entry_id                   6AEP 
_exptl.crystals_number            1 
_exptl.details                    ? 
_exptl.method                     'X-RAY DIFFRACTION' 
_exptl.method_details             ? 
# 
_exptl_crystal.colour                      ? 
_exptl_crystal.density_diffrn              ? 
_exptl_crystal.density_Matthews            1.98 
_exptl_crystal.density_method              ? 
_exptl_crystal.density_percent_sol         37.91 
_exptl_crystal.description                 ? 
_exptl_crystal.F_000                       ? 
_exptl_crystal.id                          1 
_exptl_crystal.preparation                 ? 
_exptl_crystal.size_max                    ? 
_exptl_crystal.size_mid                    ? 
_exptl_crystal.size_min                    ? 
_exptl_crystal.size_rad                    ? 
_exptl_crystal.colour_lustre               ? 
_exptl_crystal.colour_modifier             ? 
_exptl_crystal.colour_primary              ? 
_exptl_crystal.density_meas                ? 
_exptl_crystal.density_meas_esd            ? 
_exptl_crystal.density_meas_gt             ? 
_exptl_crystal.density_meas_lt             ? 
_exptl_crystal.density_meas_temp           ? 
_exptl_crystal.density_meas_temp_esd       ? 
_exptl_crystal.density_meas_temp_gt        ? 
_exptl_crystal.density_meas_temp_lt        ? 
_exptl_crystal.pdbx_crystal_image_url      ? 
_exptl_crystal.pdbx_crystal_image_format   ? 
_exptl_crystal.pdbx_mosaicity              ? 
_exptl_crystal.pdbx_mosaicity_esd          ? 
# 
_exptl_crystal_grow.apparatus       ? 
_exptl_crystal_grow.atmosphere      ? 
_exptl_crystal_grow.crystal_id      1 
_exptl_crystal_grow.details         ? 
_exptl_crystal_grow.method          'VAPOR DIFFUSION, HANGING DROP' 
_exptl_crystal_grow.method_ref      ? 
_exptl_crystal_grow.pH              6.5 
_exptl_crystal_grow.pressure        ? 
_exptl_crystal_grow.pressure_esd    ? 
_exptl_crystal_grow.seeding         ? 
_exptl_crystal_grow.seeding_ref     ? 
_exptl_crystal_grow.temp            298 
_exptl_crystal_grow.temp_details    ? 
_exptl_crystal_grow.temp_esd        ? 
_exptl_crystal_grow.time            ? 
_exptl_crystal_grow.pdbx_details    '1.6 M Magnesium Sulfate, 100 mM MES Sodium Salt pH 6.5' 
_exptl_crystal_grow.pdbx_pH_range   ? 
# 
_diffrn.ambient_environment              ? 
_diffrn.ambient_temp                     298 
_diffrn.ambient_temp_details             ? 
_diffrn.ambient_temp_esd                 ? 
_diffrn.crystal_id                       1 
_diffrn.crystal_support                  ? 
_diffrn.crystal_treatment                ? 
_diffrn.details                          ? 
_diffrn.id                               1 
_diffrn.ambient_pressure                 ? 
_diffrn.ambient_pressure_esd             ? 
_diffrn.ambient_pressure_gt              ? 
_diffrn.ambient_pressure_lt              ? 
_diffrn.ambient_temp_gt                  ? 
_diffrn.ambient_temp_lt                  ? 
_diffrn.pdbx_serial_crystal_experiment   N 
# 
_diffrn_detector.details                      ? 
_diffrn_detector.detector                     CCD 
_diffrn_detector.diffrn_id                    1 
_diffrn_detector.type                         'ADSC QUANTUM 210' 
_diffrn_detector.area_resol_mean              ? 
_diffrn_detector.dtime                        ? 
_diffrn_detector.pdbx_frames_total            ? 
_diffrn_detector.pdbx_collection_time_total   ? 
_diffrn_detector.pdbx_collection_date         2018-04-08 
_diffrn_detector.pdbx_frequency               ? 
# 
_diffrn_radiation.collimation                      ? 
_diffrn_radiation.diffrn_id                        1 
_diffrn_radiation.filter_edge                      ? 
_diffrn_radiation.inhomogeneity                    ? 
_diffrn_radiation.monochromator                    ? 
_diffrn_radiation.polarisn_norm                    ? 
_diffrn_radiation.polarisn_ratio                   ? 
_diffrn_radiation.probe                            ? 
_diffrn_radiation.type                             ? 
_diffrn_radiation.xray_symbol                      ? 
_diffrn_radiation.wavelength_id                    1 
_diffrn_radiation.pdbx_monochromatic_or_laue_m_l   M 
_diffrn_radiation.pdbx_wavelength_list             ? 
_diffrn_radiation.pdbx_wavelength                  ? 
_diffrn_radiation.pdbx_diffrn_protocol             'SINGLE WAVELENGTH' 
_diffrn_radiation.pdbx_analyzer                    ? 
_diffrn_radiation.pdbx_scattering_type             x-ray 
# 
_diffrn_radiation_wavelength.id           1 
_diffrn_radiation_wavelength.wavelength   0.975 
_diffrn_radiation_wavelength.wt           1.0 
# 
_diffrn_source.current                     ? 
_diffrn_source.details                     ? 
_diffrn_source.diffrn_id                   1 
_diffrn_source.power                       ? 
_diffrn_source.size                        ? 
_diffrn_source.source                      SYNCHROTRON 
_diffrn_source.target                      ? 
_diffrn_source.type                        'NSRRC BEAMLINE BL13C1' 
_diffrn_source.voltage                     ? 
_diffrn_source.take-off_angle              ? 
_diffrn_source.pdbx_wavelength_list        0.975 
_diffrn_source.pdbx_wavelength             ? 
_diffrn_source.pdbx_synchrotron_beamline   BL13C1 
_diffrn_source.pdbx_synchrotron_site       NSRRC 
# 
_reflns.B_iso_Wilson_estimate            31.33 
_reflns.entry_id                         6AEP 
_reflns.data_reduction_details           ? 
_reflns.data_reduction_method            ? 
_reflns.d_resolution_high                1.84 
_reflns.d_resolution_low                 30 
_reflns.details                          ? 
_reflns.limit_h_max                      ? 
_reflns.limit_h_min                      ? 
_reflns.limit_k_max                      ? 
_reflns.limit_k_min                      ? 
_reflns.limit_l_max                      ? 
_reflns.limit_l_min                      ? 
_reflns.number_all                       ? 
_reflns.number_obs                       15843 
_reflns.observed_criterion               ? 
_reflns.observed_criterion_F_max         ? 
_reflns.observed_criterion_F_min         ? 
_reflns.observed_criterion_I_max         ? 
_reflns.observed_criterion_I_min         ? 
_reflns.observed_criterion_sigma_F       ? 
_reflns.observed_criterion_sigma_I       ? 
_reflns.percent_possible_obs             97.1 
_reflns.R_free_details                   ? 
_reflns.Rmerge_F_all                     ? 
_reflns.Rmerge_F_obs                     ? 
_reflns.Friedel_coverage                 ? 
_reflns.number_gt                        ? 
_reflns.threshold_expression             ? 
_reflns.pdbx_redundancy                  4.8 
_reflns.pdbx_Rmerge_I_obs                0.043 
_reflns.pdbx_Rmerge_I_all                ? 
_reflns.pdbx_Rsym_value                  0.035 
_reflns.pdbx_netI_over_av_sigmaI         ? 
_reflns.pdbx_netI_over_sigmaI            28.12 
_reflns.pdbx_res_netI_over_av_sigmaI_2   ? 
_reflns.pdbx_res_netI_over_sigmaI_2      ? 
_reflns.pdbx_chi_squared                 ? 
_reflns.pdbx_scaling_rejects             ? 
_reflns.pdbx_d_res_high_opt              ? 
_reflns.pdbx_d_res_low_opt               ? 
_reflns.pdbx_d_res_opt_method            ? 
_reflns.phase_calculation_details        ? 
_reflns.pdbx_Rrim_I_all                  ? 
_reflns.pdbx_Rpim_I_all                  ? 
_reflns.pdbx_d_opt                       ? 
_reflns.pdbx_number_measured_all         ? 
_reflns.pdbx_diffrn_id                   1 
_reflns.pdbx_ordinal                     1 
_reflns.pdbx_CC_half                     ? 
_reflns.pdbx_R_split                     ? 
# 
_reflns_shell.d_res_high                  1.84 
_reflns_shell.d_res_low                   1.91 
_reflns_shell.meanI_over_sigI_all         ? 
_reflns_shell.meanI_over_sigI_obs         4.08 
_reflns_shell.number_measured_all         ? 
_reflns_shell.number_measured_obs         ? 
_reflns_shell.number_possible             ? 
_reflns_shell.number_unique_all           ? 
_reflns_shell.number_unique_obs           1479 
_reflns_shell.percent_possible_all        91.2 
_reflns_shell.percent_possible_obs        ? 
_reflns_shell.Rmerge_F_all                ? 
_reflns_shell.Rmerge_F_obs                ? 
_reflns_shell.Rmerge_I_all                ? 
_reflns_shell.Rmerge_I_obs                0.284 
_reflns_shell.meanI_over_sigI_gt          ? 
_reflns_shell.meanI_over_uI_all           ? 
_reflns_shell.meanI_over_uI_gt            ? 
_reflns_shell.number_measured_gt          ? 
_reflns_shell.number_unique_gt            ? 
_reflns_shell.percent_possible_gt         ? 
_reflns_shell.Rmerge_F_gt                 ? 
_reflns_shell.Rmerge_I_gt                 ? 
_reflns_shell.pdbx_redundancy             4.9 
_reflns_shell.pdbx_Rsym_value             0.213 
_reflns_shell.pdbx_chi_squared            ? 
_reflns_shell.pdbx_netI_over_sigmaI_all   ? 
_reflns_shell.pdbx_netI_over_sigmaI_obs   ? 
_reflns_shell.pdbx_Rrim_I_all             ? 
_reflns_shell.pdbx_Rpim_I_all             ? 
_reflns_shell.pdbx_rejects                ? 
_reflns_shell.pdbx_ordinal                1 
_reflns_shell.pdbx_diffrn_id              1 
_reflns_shell.pdbx_CC_half                ? 
_reflns_shell.pdbx_R_split                ? 
# 
_refine.aniso_B[1][1]                            ? 
_refine.aniso_B[1][2]                            ? 
_refine.aniso_B[1][3]                            ? 
_refine.aniso_B[2][2]                            ? 
_refine.aniso_B[2][3]                            ? 
_refine.aniso_B[3][3]                            ? 
_refine.B_iso_max                                ? 
_refine.B_iso_mean                               ? 
_refine.B_iso_min                                ? 
_refine.correlation_coeff_Fo_to_Fc               ? 
_refine.correlation_coeff_Fo_to_Fc_free          ? 
_refine.details                                  ? 
_refine.diff_density_max                         ? 
_refine.diff_density_max_esd                     ? 
_refine.diff_density_min                         ? 
_refine.diff_density_min_esd                     ? 
_refine.diff_density_rms                         ? 
_refine.diff_density_rms_esd                     ? 
_refine.entry_id                                 6AEP 
_refine.pdbx_refine_id                           'X-RAY DIFFRACTION' 
_refine.ls_abs_structure_details                 ? 
_refine.ls_abs_structure_Flack                   ? 
_refine.ls_abs_structure_Flack_esd               ? 
_refine.ls_abs_structure_Rogers                  ? 
_refine.ls_abs_structure_Rogers_esd              ? 
_refine.ls_d_res_high                            1.844 
_refine.ls_d_res_low                             27.737 
_refine.ls_extinction_coef                       ? 
_refine.ls_extinction_coef_esd                   ? 
_refine.ls_extinction_expression                 ? 
_refine.ls_extinction_method                     ? 
_refine.ls_goodness_of_fit_all                   ? 
_refine.ls_goodness_of_fit_all_esd               ? 
_refine.ls_goodness_of_fit_obs                   ? 
_refine.ls_goodness_of_fit_obs_esd               ? 
_refine.ls_hydrogen_treatment                    ? 
_refine.ls_matrix_type                           ? 
_refine.ls_number_constraints                    ? 
_refine.ls_number_parameters                     ? 
_refine.ls_number_reflns_all                     ? 
_refine.ls_number_reflns_obs                     15826 
_refine.ls_number_reflns_R_free                  806 
_refine.ls_number_reflns_R_work                  ? 
_refine.ls_number_restraints                     ? 
_refine.ls_percent_reflns_obs                    97.03 
_refine.ls_percent_reflns_R_free                 5.09 
_refine.ls_R_factor_all                          ? 
_refine.ls_R_factor_obs                          0.2172 
_refine.ls_R_factor_R_free                       0.2485 
_refine.ls_R_factor_R_free_error                 ? 
_refine.ls_R_factor_R_free_error_details         ? 
_refine.ls_R_factor_R_work                       0.2154 
_refine.ls_R_Fsqd_factor_obs                     ? 
_refine.ls_R_I_factor_obs                        ? 
_refine.ls_redundancy_reflns_all                 ? 
_refine.ls_redundancy_reflns_obs                 ? 
_refine.ls_restrained_S_all                      ? 
_refine.ls_restrained_S_obs                      ? 
_refine.ls_shift_over_esd_max                    ? 
_refine.ls_shift_over_esd_mean                   ? 
_refine.ls_structure_factor_coef                 ? 
_refine.ls_weighting_details                     ? 
_refine.ls_weighting_scheme                      ? 
_refine.ls_wR_factor_all                         ? 
_refine.ls_wR_factor_obs                         ? 
_refine.ls_wR_factor_R_free                      ? 
_refine.ls_wR_factor_R_work                      ? 
_refine.occupancy_max                            ? 
_refine.occupancy_min                            ? 
_refine.solvent_model_details                    ? 
_refine.solvent_model_param_bsol                 ? 
_refine.solvent_model_param_ksol                 ? 
_refine.ls_R_factor_gt                           ? 
_refine.ls_goodness_of_fit_gt                    ? 
_refine.ls_goodness_of_fit_ref                   ? 
_refine.ls_shift_over_su_max                     ? 
_refine.ls_shift_over_su_max_lt                  ? 
_refine.ls_shift_over_su_mean                    ? 
_refine.ls_shift_over_su_mean_lt                 ? 
_refine.pdbx_ls_sigma_I                          ? 
_refine.pdbx_ls_sigma_F                          1.35 
_refine.pdbx_ls_sigma_Fsqd                       ? 
_refine.pdbx_data_cutoff_high_absF               ? 
_refine.pdbx_data_cutoff_high_rms_absF           ? 
_refine.pdbx_data_cutoff_low_absF                ? 
_refine.pdbx_isotropic_thermal_model             ? 
_refine.pdbx_ls_cross_valid_method               THROUGHOUT 
_refine.pdbx_method_to_determine_struct          'MOLECULAR REPLACEMENT' 
_refine.pdbx_starting_model                      4OU6 
_refine.pdbx_stereochemistry_target_values       ? 
_refine.pdbx_R_Free_selection_details            ? 
_refine.pdbx_stereochem_target_val_spec_case     ? 
_refine.pdbx_overall_ESU_R                       ? 
_refine.pdbx_overall_ESU_R_Free                  ? 
_refine.pdbx_solvent_vdw_probe_radii             1.11 
_refine.pdbx_solvent_ion_probe_radii             ? 
_refine.pdbx_solvent_shrinkage_radii             0.90 
_refine.pdbx_real_space_R                        ? 
_refine.pdbx_density_correlation                 ? 
_refine.pdbx_pd_number_of_powder_patterns        ? 
_refine.pdbx_pd_number_of_points                 ? 
_refine.pdbx_pd_meas_number_of_points            ? 
_refine.pdbx_pd_proc_ls_prof_R_factor            ? 
_refine.pdbx_pd_proc_ls_prof_wR_factor           ? 
_refine.pdbx_pd_Marquardt_correlation_coeff      ? 
_refine.pdbx_pd_Fsqrd_R_factor                   ? 
_refine.pdbx_pd_ls_matrix_band_width             ? 
_refine.pdbx_overall_phase_error                 30.82 
_refine.pdbx_overall_SU_R_free_Cruickshank_DPI   ? 
_refine.pdbx_overall_SU_R_free_Blow_DPI          ? 
_refine.pdbx_overall_SU_R_Blow_DPI               ? 
_refine.pdbx_TLS_residual_ADP_flag               ? 
_refine.pdbx_diffrn_id                           1 
_refine.overall_SU_B                             ? 
_refine.overall_SU_ML                            0.21 
_refine.overall_SU_R_Cruickshank_DPI             ? 
_refine.overall_SU_R_free                        ? 
_refine.overall_FOM_free_R_set                   ? 
_refine.overall_FOM_work_R_set                   ? 
_refine.pdbx_average_fsc_overall                 ? 
_refine.pdbx_average_fsc_work                    ? 
_refine.pdbx_average_fsc_free                    ? 
# 
_refine_hist.pdbx_refine_id                   'X-RAY DIFFRACTION' 
_refine_hist.cycle_id                         LAST 
_refine_hist.pdbx_number_atoms_protein        1219 
_refine_hist.pdbx_number_atoms_nucleic_acid   0 
_refine_hist.pdbx_number_atoms_ligand         0 
_refine_hist.number_atoms_solvent             106 
_refine_hist.number_atoms_total               1325 
_refine_hist.d_res_high                       1.844 
_refine_hist.d_res_low                        27.737 
# 
loop_
_refine_ls_restr.pdbx_refine_id 
_refine_ls_restr.criterion 
_refine_ls_restr.dev_ideal 
_refine_ls_restr.dev_ideal_target 
_refine_ls_restr.number 
_refine_ls_restr.rejects 
_refine_ls_restr.type 
_refine_ls_restr.weight 
_refine_ls_restr.pdbx_restraint_function 
'X-RAY DIFFRACTION' ? 0.006  ? 1258 ? f_bond_d           ? ? 
'X-RAY DIFFRACTION' ? 0.789  ? 1709 ? f_angle_d          ? ? 
'X-RAY DIFFRACTION' ? 11.761 ? 733  ? f_dihedral_angle_d ? ? 
'X-RAY DIFFRACTION' ? 0.044  ? 169  ? f_chiral_restr     ? ? 
'X-RAY DIFFRACTION' ? 0.006  ? 223  ? f_plane_restr      ? ? 
# 
loop_
_refine_ls_shell.pdbx_refine_id 
_refine_ls_shell.d_res_high 
_refine_ls_shell.d_res_low 
_refine_ls_shell.number_reflns_all 
_refine_ls_shell.number_reflns_obs 
_refine_ls_shell.number_reflns_R_free 
_refine_ls_shell.number_reflns_R_work 
_refine_ls_shell.percent_reflns_obs 
_refine_ls_shell.percent_reflns_R_free 
_refine_ls_shell.R_factor_all 
_refine_ls_shell.R_factor_obs 
_refine_ls_shell.R_factor_R_free 
_refine_ls_shell.R_factor_R_free_error 
_refine_ls_shell.R_factor_R_work 
_refine_ls_shell.redundancy_reflns_all 
_refine_ls_shell.redundancy_reflns_obs 
_refine_ls_shell.wR_factor_all 
_refine_ls_shell.wR_factor_obs 
_refine_ls_shell.wR_factor_R_free 
_refine_ls_shell.wR_factor_R_work 
_refine_ls_shell.pdbx_total_number_of_bins_used 
_refine_ls_shell.pdbx_phase_error 
_refine_ls_shell.pdbx_fsc_work 
_refine_ls_shell.pdbx_fsc_free 
'X-RAY DIFFRACTION' 1.8441 1.9596  . . 136 2340 92.00 . . . 0.3496 . 0.2693 . . . . . . . . . . 
'X-RAY DIFFRACTION' 1.9596 2.1109  . . 123 2469 98.00 . . . 0.3208 . 0.2462 . . . . . . . . . . 
'X-RAY DIFFRACTION' 2.1109 2.3232  . . 132 2483 97.00 . . . 0.2653 . 0.2215 . . . . . . . . . . 
'X-RAY DIFFRACTION' 2.3232 2.6591  . . 133 2526 98.00 . . . 0.2508 . 0.2323 . . . . . . . . . . 
'X-RAY DIFFRACTION' 2.6591 3.3493  . . 124 2572 99.00 . . . 0.2483 . 0.2296 . . . . . . . . . . 
'X-RAY DIFFRACTION' 3.3493 27.7398 . . 158 2630 98.00 . . . 0.2286 . 0.1935 . . . . . . . . . . 
# 
_struct.entry_id                     6AEP 
_struct.title                        
'Crystal structure of the ssDNA-binding domain of DnaT from Salmonella enterica Serovar Typhimurium LT2 at 1.84 angstrom resolution' 
_struct.pdbx_model_details           ? 
_struct.pdbx_formula_weight          ? 
_struct.pdbx_formula_weight_method   ? 
_struct.pdbx_model_type_details      ? 
_struct.pdbx_CASP_flag               N 
# 
_struct_keywords.entry_id        6AEP 
_struct_keywords.text            'Primosome, replication restart, DnaT, DNA binding, DNA BINDING PROTEIN' 
_struct_keywords.pdbx_keywords   'DNA BINDING PROTEIN' 
# 
loop_
_struct_asym.id 
_struct_asym.pdbx_blank_PDB_chainid_flag 
_struct_asym.pdbx_modified 
_struct_asym.entity_id 
_struct_asym.details 
A N N 1 ? 
B N N 1 ? 
C N N 2 ? 
D N N 2 ? 
# 
_struct_ref.id                         1 
_struct_ref.db_name                    UNP 
_struct_ref.db_code                    DNAT_SALTY 
_struct_ref.pdbx_db_accession          P67524 
_struct_ref.pdbx_db_isoform            ? 
_struct_ref.entity_id                  1 
_struct_ref.pdbx_seq_one_letter_code   
;IPCGKFAMYPAWQPDADFQRQAALWGVALREPVTAEELAAFIAYWQAEGKVFHHIQWQQKLARSVQISRSSNGGMPQRDI
NSVSEPDNHIPPGFRG
;
_struct_ref.pdbx_align_begin           84 
# 
loop_
_struct_ref_seq.align_id 
_struct_ref_seq.ref_id 
_struct_ref_seq.pdbx_PDB_id_code 
_struct_ref_seq.pdbx_strand_id 
_struct_ref_seq.seq_align_beg 
_struct_ref_seq.pdbx_seq_align_beg_ins_code 
_struct_ref_seq.seq_align_end 
_struct_ref_seq.pdbx_seq_align_end_ins_code 
_struct_ref_seq.pdbx_db_accession 
_struct_ref_seq.db_align_beg 
_struct_ref_seq.pdbx_db_align_beg_ins_code 
_struct_ref_seq.db_align_end 
_struct_ref_seq.pdbx_db_align_end_ins_code 
_struct_ref_seq.pdbx_auth_seq_align_beg 
_struct_ref_seq.pdbx_auth_seq_align_end 
1 1 6AEP A 1 ? 96 ? P67524 84 ? 179 ? 84 179 
2 1 6AEP B 1 ? 96 ? P67524 84 ? 179 ? 84 179 
# 
loop_
_struct_ref_seq_dif.align_id 
_struct_ref_seq_dif.pdbx_pdb_id_code 
_struct_ref_seq_dif.mon_id 
_struct_ref_seq_dif.pdbx_pdb_strand_id 
_struct_ref_seq_dif.seq_num 
_struct_ref_seq_dif.pdbx_pdb_ins_code 
_struct_ref_seq_dif.pdbx_seq_db_name 
_struct_ref_seq_dif.pdbx_seq_db_accession_code 
_struct_ref_seq_dif.db_mon_id 
_struct_ref_seq_dif.pdbx_seq_db_seq_num 
_struct_ref_seq_dif.details 
_struct_ref_seq_dif.pdbx_auth_seq_num 
_struct_ref_seq_dif.pdbx_ordinal 
1 6AEP HIS A 97  ? UNP P67524 ? ? 'expression tag' 180 1  
1 6AEP HIS A 98  ? UNP P67524 ? ? 'expression tag' 181 2  
1 6AEP HIS A 99  ? UNP P67524 ? ? 'expression tag' 182 3  
1 6AEP HIS A 100 ? UNP P67524 ? ? 'expression tag' 183 4  
1 6AEP HIS A 101 ? UNP P67524 ? ? 'expression tag' 184 5  
1 6AEP HIS A 102 ? UNP P67524 ? ? 'expression tag' 185 6  
2 6AEP HIS B 97  ? UNP P67524 ? ? 'expression tag' 180 7  
2 6AEP HIS B 98  ? UNP P67524 ? ? 'expression tag' 181 8  
2 6AEP HIS B 99  ? UNP P67524 ? ? 'expression tag' 182 9  
2 6AEP HIS B 100 ? UNP P67524 ? ? 'expression tag' 183 10 
2 6AEP HIS B 101 ? UNP P67524 ? ? 'expression tag' 184 11 
2 6AEP HIS B 102 ? UNP P67524 ? ? 'expression tag' 185 12 
# 
_pdbx_struct_assembly.id                   1 
_pdbx_struct_assembly.details              author_and_software_defined_assembly 
_pdbx_struct_assembly.method_details       PISA 
_pdbx_struct_assembly.oligomeric_details   dimeric 
_pdbx_struct_assembly.oligomeric_count     2 
# 
loop_
_pdbx_struct_assembly_prop.biol_id 
_pdbx_struct_assembly_prop.type 
_pdbx_struct_assembly_prop.value 
_pdbx_struct_assembly_prop.details 
1 'ABSA (A^2)' 1370 ? 
1 MORE         -8   ? 
1 'SSA (A^2)'  8330 ? 
# 
_pdbx_struct_assembly_gen.assembly_id       1 
_pdbx_struct_assembly_gen.oper_expression   1 
_pdbx_struct_assembly_gen.asym_id_list      A,B,C,D 
# 
_pdbx_struct_assembly_auth_evidence.id                     1 
_pdbx_struct_assembly_auth_evidence.assembly_id            1 
_pdbx_struct_assembly_auth_evidence.experimental_support   none 
_pdbx_struct_assembly_auth_evidence.details                ? 
# 
_pdbx_struct_oper_list.id                   1 
_pdbx_struct_oper_list.type                 'identity operation' 
_pdbx_struct_oper_list.name                 1_555 
_pdbx_struct_oper_list.symmetry_operation   x,y,z 
_pdbx_struct_oper_list.matrix[1][1]         1.0000000000 
_pdbx_struct_oper_list.matrix[1][2]         0.0000000000 
_pdbx_struct_oper_list.matrix[1][3]         0.0000000000 
_pdbx_struct_oper_list.vector[1]            0.0000000000 
_pdbx_struct_oper_list.matrix[2][1]         0.0000000000 
_pdbx_struct_oper_list.matrix[2][2]         1.0000000000 
_pdbx_struct_oper_list.matrix[2][3]         0.0000000000 
_pdbx_struct_oper_list.vector[2]            0.0000000000 
_pdbx_struct_oper_list.matrix[3][1]         0.0000000000 
_pdbx_struct_oper_list.matrix[3][2]         0.0000000000 
_pdbx_struct_oper_list.matrix[3][3]         1.0000000000 
_pdbx_struct_oper_list.vector[3]            0.0000000000 
# 
loop_
_struct_conf.conf_type_id 
_struct_conf.id 
_struct_conf.pdbx_PDB_helix_id 
_struct_conf.beg_label_comp_id 
_struct_conf.beg_label_asym_id 
_struct_conf.beg_label_seq_id 
_struct_conf.pdbx_beg_PDB_ins_code 
_struct_conf.end_label_comp_id 
_struct_conf.end_label_asym_id 
_struct_conf.end_label_seq_id 
_struct_conf.pdbx_end_PDB_ins_code 
_struct_conf.beg_auth_comp_id 
_struct_conf.beg_auth_asym_id 
_struct_conf.beg_auth_seq_id 
_struct_conf.end_auth_comp_id 
_struct_conf.end_auth_asym_id 
_struct_conf.end_auth_seq_id 
_struct_conf.pdbx_PDB_helix_class 
_struct_conf.details 
_struct_conf.pdbx_PDB_helix_length 
HELX_P HELX_P1 AA1 ASP A 17 ? TRP A 25 ? ASP A 100 TRP A 108 1 ? 9  
HELX_P HELX_P2 AA2 THR A 34 ? GLY A 49 ? THR A 117 GLY A 132 1 ? 16 
HELX_P HELX_P3 AA3 HIS A 53 ? SER A 70 ? HIS A 136 SER A 153 1 ? 18 
HELX_P HELX_P4 AA4 SER A 71 ? GLY A 73 ? SER A 154 GLY A 156 5 ? 3  
HELX_P HELX_P5 AA5 ASP B 17 ? TRP B 25 ? ASP B 100 TRP B 108 1 ? 9  
HELX_P HELX_P6 AA6 THR B 34 ? GLY B 49 ? THR B 117 GLY B 132 1 ? 16 
HELX_P HELX_P7 AA7 HIS B 54 ? SER B 71 ? HIS B 137 SER B 154 1 ? 18 
# 
_struct_conf_type.id          HELX_P 
_struct_conf_type.criteria    ? 
_struct_conf_type.reference   ? 
# 
_struct_conn.id                            disulf1 
_struct_conn.conn_type_id                  disulf 
_struct_conn.pdbx_leaving_atom_flag        ? 
_struct_conn.pdbx_PDB_id                   ? 
_struct_conn.ptnr1_label_asym_id           A 
_struct_conn.ptnr1_label_comp_id           CYS 
_struct_conn.ptnr1_label_seq_id            3 
_struct_conn.ptnr1_label_atom_id           SG 
_struct_conn.pdbx_ptnr1_label_alt_id       ? 
_struct_conn.pdbx_ptnr1_PDB_ins_code       ? 
_struct_conn.pdbx_ptnr1_standard_comp_id   ? 
_struct_conn.ptnr1_symmetry                1_555 
_struct_conn.ptnr2_label_asym_id           B 
_struct_conn.ptnr2_label_comp_id           CYS 
_struct_conn.ptnr2_label_seq_id            3 
_struct_conn.ptnr2_label_atom_id           SG 
_struct_conn.pdbx_ptnr2_label_alt_id       ? 
_struct_conn.pdbx_ptnr2_PDB_ins_code       ? 
_struct_conn.ptnr1_auth_asym_id            A 
_struct_conn.ptnr1_auth_comp_id            CYS 
_struct_conn.ptnr1_auth_seq_id             86 
_struct_conn.ptnr2_auth_asym_id            B 
_struct_conn.ptnr2_auth_comp_id            CYS 
_struct_conn.ptnr2_auth_seq_id             86 
_struct_conn.ptnr2_symmetry                7_454 
_struct_conn.pdbx_ptnr3_label_atom_id      ? 
_struct_conn.pdbx_ptnr3_label_seq_id       ? 
_struct_conn.pdbx_ptnr3_label_comp_id      ? 
_struct_conn.pdbx_ptnr3_label_asym_id      ? 
_struct_conn.pdbx_ptnr3_label_alt_id       ? 
_struct_conn.pdbx_ptnr3_PDB_ins_code       ? 
_struct_conn.details                       ? 
_struct_conn.pdbx_dist_value               2.046 
_struct_conn.pdbx_value_order              ? 
_struct_conn.pdbx_role                     ? 
# 
_struct_conn_type.id          disulf 
_struct_conn_type.criteria    ? 
_struct_conn_type.reference   ? 
# 
_pdbx_modification_feature.ordinal                            1 
_pdbx_modification_feature.label_comp_id                      CYS 
_pdbx_modification_feature.label_asym_id                      A 
_pdbx_modification_feature.label_seq_id                       3 
_pdbx_modification_feature.label_alt_id                       ? 
_pdbx_modification_feature.modified_residue_label_comp_id     CYS 
_pdbx_modification_feature.modified_residue_label_asym_id     B 
_pdbx_modification_feature.modified_residue_label_seq_id      3 
_pdbx_modification_feature.modified_residue_label_alt_id      ? 
_pdbx_modification_feature.auth_comp_id                       CYS 
_pdbx_modification_feature.auth_asym_id                       A 
_pdbx_modification_feature.auth_seq_id                        86 
_pdbx_modification_feature.PDB_ins_code                       ? 
_pdbx_modification_feature.symmetry                           1_555 
_pdbx_modification_feature.modified_residue_auth_comp_id      CYS 
_pdbx_modification_feature.modified_residue_auth_asym_id      B 
_pdbx_modification_feature.modified_residue_auth_seq_id       86 
_pdbx_modification_feature.modified_residue_PDB_ins_code      ? 
_pdbx_modification_feature.modified_residue_symmetry          7_454 
_pdbx_modification_feature.comp_id_linking_atom               SG 
_pdbx_modification_feature.modified_residue_id_linking_atom   SG 
_pdbx_modification_feature.modified_residue_id                . 
_pdbx_modification_feature.ref_pcm_id                         . 
_pdbx_modification_feature.ref_comp_id                        . 
_pdbx_modification_feature.type                               None 
_pdbx_modification_feature.category                           'Disulfide bridge' 
# 
loop_
_struct_sheet.id 
_struct_sheet.type 
_struct_sheet.number_strands 
_struct_sheet.details 
AA1 ? 2 ? 
AA2 ? 2 ? 
# 
loop_
_struct_sheet_order.sheet_id 
_struct_sheet_order.range_id_1 
_struct_sheet_order.range_id_2 
_struct_sheet_order.offset 
_struct_sheet_order.sense 
AA1 1 2 ? anti-parallel 
AA2 1 2 ? anti-parallel 
# 
loop_
_struct_sheet_range.sheet_id 
_struct_sheet_range.id 
_struct_sheet_range.beg_label_comp_id 
_struct_sheet_range.beg_label_asym_id 
_struct_sheet_range.beg_label_seq_id 
_struct_sheet_range.pdbx_beg_PDB_ins_code 
_struct_sheet_range.end_label_comp_id 
_struct_sheet_range.end_label_asym_id 
_struct_sheet_range.end_label_seq_id 
_struct_sheet_range.pdbx_end_PDB_ins_code 
_struct_sheet_range.beg_auth_comp_id 
_struct_sheet_range.beg_auth_asym_id 
_struct_sheet_range.beg_auth_seq_id 
_struct_sheet_range.end_auth_comp_id 
_struct_sheet_range.end_auth_asym_id 
_struct_sheet_range.end_auth_seq_id 
AA1 1 PHE A 6  ? ALA A 7  ? PHE A 89  ALA A 90  
AA1 2 VAL A 51 ? PHE A 52 ? VAL A 134 PHE A 135 
AA2 1 LYS B 5  ? ALA B 7  ? LYS B 88  ALA B 90  
AA2 2 VAL B 51 ? HIS B 53 ? VAL B 134 HIS B 136 
# 
loop_
_pdbx_struct_sheet_hbond.sheet_id 
_pdbx_struct_sheet_hbond.range_id_1 
_pdbx_struct_sheet_hbond.range_id_2 
_pdbx_struct_sheet_hbond.range_1_label_atom_id 
_pdbx_struct_sheet_hbond.range_1_label_comp_id 
_pdbx_struct_sheet_hbond.range_1_label_asym_id 
_pdbx_struct_sheet_hbond.range_1_label_seq_id 
_pdbx_struct_sheet_hbond.range_1_PDB_ins_code 
_pdbx_struct_sheet_hbond.range_1_auth_atom_id 
_pdbx_struct_sheet_hbond.range_1_auth_comp_id 
_pdbx_struct_sheet_hbond.range_1_auth_asym_id 
_pdbx_struct_sheet_hbond.range_1_auth_seq_id 
_pdbx_struct_sheet_hbond.range_2_label_atom_id 
_pdbx_struct_sheet_hbond.range_2_label_comp_id 
_pdbx_struct_sheet_hbond.range_2_label_asym_id 
_pdbx_struct_sheet_hbond.range_2_label_seq_id 
_pdbx_struct_sheet_hbond.range_2_PDB_ins_code 
_pdbx_struct_sheet_hbond.range_2_auth_atom_id 
_pdbx_struct_sheet_hbond.range_2_auth_comp_id 
_pdbx_struct_sheet_hbond.range_2_auth_asym_id 
_pdbx_struct_sheet_hbond.range_2_auth_seq_id 
AA1 1 2 N PHE A 6 ? N PHE A 89 O PHE A 52 ? O PHE A 135 
AA2 1 2 N PHE B 6 ? N PHE B 89 O PHE B 52 ? O PHE B 135 
# 
_pdbx_entry_details.entry_id                   6AEP 
_pdbx_entry_details.compound_details           ? 
_pdbx_entry_details.source_details             ? 
_pdbx_entry_details.nonpolymer_details         ? 
_pdbx_entry_details.sequence_details           ? 
_pdbx_entry_details.has_ligand_of_interest     ? 
_pdbx_entry_details.has_protein_modification   Y 
# 
loop_
_space_group_symop.id 
_space_group_symop.operation_xyz 
1 x,y,z               
2 x,-y,-z             
3 -x,y,-z+1/2         
4 -x,-y,z+1/2         
5 x+1/2,y+1/2,z       
6 x+1/2,-y+1/2,-z     
7 -x+1/2,y+1/2,-z+1/2 
8 -x+1/2,-y+1/2,z+1/2 
# 
loop_
_pdbx_unobs_or_zero_occ_residues.id 
_pdbx_unobs_or_zero_occ_residues.PDB_model_num 
_pdbx_unobs_or_zero_occ_residues.polymer_flag 
_pdbx_unobs_or_zero_occ_residues.occupancy_flag 
_pdbx_unobs_or_zero_occ_residues.auth_asym_id 
_pdbx_unobs_or_zero_occ_residues.auth_comp_id 
_pdbx_unobs_or_zero_occ_residues.auth_seq_id 
_pdbx_unobs_or_zero_occ_residues.PDB_ins_code 
_pdbx_unobs_or_zero_occ_residues.label_asym_id 
_pdbx_unobs_or_zero_occ_residues.label_comp_id 
_pdbx_unobs_or_zero_occ_residues.label_seq_id 
1  1 Y 1 A ILE 163 ? A ILE 80  
2  1 Y 1 A ASN 164 ? A ASN 81  
3  1 Y 1 A SER 165 ? A SER 82  
4  1 Y 1 A VAL 166 ? A VAL 83  
5  1 Y 1 A SER 167 ? A SER 84  
6  1 Y 1 A GLU 168 ? A GLU 85  
7  1 Y 1 A PRO 169 ? A PRO 86  
8  1 Y 1 A ASP 170 ? A ASP 87  
9  1 Y 1 A ASN 171 ? A ASN 88  
10 1 Y 1 A HIS 172 ? A HIS 89  
11 1 Y 1 A ILE 173 ? A ILE 90  
12 1 Y 1 A PRO 174 ? A PRO 91  
13 1 Y 1 A PRO 175 ? A PRO 92  
14 1 Y 1 A GLY 176 ? A GLY 93  
15 1 Y 1 A PHE 177 ? A PHE 94  
16 1 Y 1 A ARG 178 ? A ARG 95  
17 1 Y 1 A GLY 179 ? A GLY 96  
18 1 Y 1 A HIS 180 ? A HIS 97  
19 1 Y 1 A HIS 181 ? A HIS 98  
20 1 Y 1 A HIS 182 ? A HIS 99  
21 1 Y 1 A HIS 183 ? A HIS 100 
22 1 Y 1 A HIS 184 ? A HIS 101 
23 1 Y 1 A HIS 185 ? A HIS 102 
24 1 Y 1 B GLY 156 ? B GLY 73  
25 1 Y 1 B GLY 157 ? B GLY 74  
26 1 Y 1 B MET 158 ? B MET 75  
27 1 Y 1 B PRO 159 ? B PRO 76  
28 1 Y 1 B GLN 160 ? B GLN 77  
29 1 Y 1 B ARG 161 ? B ARG 78  
30 1 Y 1 B ASP 162 ? B ASP 79  
31 1 Y 1 B ILE 163 ? B ILE 80  
32 1 Y 1 B ASN 164 ? B ASN 81  
33 1 Y 1 B SER 165 ? B SER 82  
34 1 Y 1 B VAL 166 ? B VAL 83  
35 1 Y 1 B SER 167 ? B SER 84  
36 1 Y 1 B GLU 168 ? B GLU 85  
37 1 Y 1 B PRO 169 ? B PRO 86  
38 1 Y 1 B ASP 170 ? B ASP 87  
39 1 Y 1 B ASN 171 ? B ASN 88  
40 1 Y 1 B HIS 172 ? B HIS 89  
41 1 Y 1 B ILE 173 ? B ILE 90  
42 1 Y 1 B PRO 174 ? B PRO 91  
43 1 Y 1 B PRO 175 ? B PRO 92  
44 1 Y 1 B GLY 176 ? B GLY 93  
45 1 Y 1 B PHE 177 ? B PHE 94  
46 1 Y 1 B ARG 178 ? B ARG 95  
47 1 Y 1 B GLY 179 ? B GLY 96  
48 1 Y 1 B HIS 180 ? B HIS 97  
49 1 Y 1 B HIS 181 ? B HIS 98  
50 1 Y 1 B HIS 182 ? B HIS 99  
51 1 Y 1 B HIS 183 ? B HIS 100 
52 1 Y 1 B HIS 184 ? B HIS 101 
53 1 Y 1 B HIS 185 ? B HIS 102 
# 
loop_
_chem_comp_atom.comp_id 
_chem_comp_atom.atom_id 
_chem_comp_atom.type_symbol 
_chem_comp_atom.pdbx_aromatic_flag 
_chem_comp_atom.pdbx_stereo_config 
_chem_comp_atom.pdbx_ordinal 
ALA N    N N N 1   
ALA CA   C N S 2   
ALA C    C N N 3   
ALA O    O N N 4   
ALA CB   C N N 5   
ALA OXT  O N N 6   
ALA H    H N N 7   
ALA H2   H N N 8   
ALA HA   H N N 9   
ALA HB1  H N N 10  
ALA HB2  H N N 11  
ALA HB3  H N N 12  
ALA HXT  H N N 13  
ARG N    N N N 14  
ARG CA   C N S 15  
ARG C    C N N 16  
ARG O    O N N 17  
ARG CB   C N N 18  
ARG CG   C N N 19  
ARG CD   C N N 20  
ARG NE   N N N 21  
ARG CZ   C N N 22  
ARG NH1  N N N 23  
ARG NH2  N N N 24  
ARG OXT  O N N 25  
ARG H    H N N 26  
ARG H2   H N N 27  
ARG HA   H N N 28  
ARG HB2  H N N 29  
ARG HB3  H N N 30  
ARG HG2  H N N 31  
ARG HG3  H N N 32  
ARG HD2  H N N 33  
ARG HD3  H N N 34  
ARG HE   H N N 35  
ARG HH11 H N N 36  
ARG HH12 H N N 37  
ARG HH21 H N N 38  
ARG HH22 H N N 39  
ARG HXT  H N N 40  
ASN N    N N N 41  
ASN CA   C N S 42  
ASN C    C N N 43  
ASN O    O N N 44  
ASN CB   C N N 45  
ASN CG   C N N 46  
ASN OD1  O N N 47  
ASN ND2  N N N 48  
ASN OXT  O N N 49  
ASN H    H N N 50  
ASN H2   H N N 51  
ASN HA   H N N 52  
ASN HB2  H N N 53  
ASN HB3  H N N 54  
ASN HD21 H N N 55  
ASN HD22 H N N 56  
ASN HXT  H N N 57  
ASP N    N N N 58  
ASP CA   C N S 59  
ASP C    C N N 60  
ASP O    O N N 61  
ASP CB   C N N 62  
ASP CG   C N N 63  
ASP OD1  O N N 64  
ASP OD2  O N N 65  
ASP OXT  O N N 66  
ASP H    H N N 67  
ASP H2   H N N 68  
ASP HA   H N N 69  
ASP HB2  H N N 70  
ASP HB3  H N N 71  
ASP HD2  H N N 72  
ASP HXT  H N N 73  
CYS N    N N N 74  
CYS CA   C N R 75  
CYS C    C N N 76  
CYS O    O N N 77  
CYS CB   C N N 78  
CYS SG   S N N 79  
CYS OXT  O N N 80  
CYS H    H N N 81  
CYS H2   H N N 82  
CYS HA   H N N 83  
CYS HB2  H N N 84  
CYS HB3  H N N 85  
CYS HG   H N N 86  
CYS HXT  H N N 87  
GLN N    N N N 88  
GLN CA   C N S 89  
GLN C    C N N 90  
GLN O    O N N 91  
GLN CB   C N N 92  
GLN CG   C N N 93  
GLN CD   C N N 94  
GLN OE1  O N N 95  
GLN NE2  N N N 96  
GLN OXT  O N N 97  
GLN H    H N N 98  
GLN H2   H N N 99  
GLN HA   H N N 100 
GLN HB2  H N N 101 
GLN HB3  H N N 102 
GLN HG2  H N N 103 
GLN HG3  H N N 104 
GLN HE21 H N N 105 
GLN HE22 H N N 106 
GLN HXT  H N N 107 
GLU N    N N N 108 
GLU CA   C N S 109 
GLU C    C N N 110 
GLU O    O N N 111 
GLU CB   C N N 112 
GLU CG   C N N 113 
GLU CD   C N N 114 
GLU OE1  O N N 115 
GLU OE2  O N N 116 
GLU OXT  O N N 117 
GLU H    H N N 118 
GLU H2   H N N 119 
GLU HA   H N N 120 
GLU HB2  H N N 121 
GLU HB3  H N N 122 
GLU HG2  H N N 123 
GLU HG3  H N N 124 
GLU HE2  H N N 125 
GLU HXT  H N N 126 
GLY N    N N N 127 
GLY CA   C N N 128 
GLY C    C N N 129 
GLY O    O N N 130 
GLY OXT  O N N 131 
GLY H    H N N 132 
GLY H2   H N N 133 
GLY HA2  H N N 134 
GLY HA3  H N N 135 
GLY HXT  H N N 136 
HIS N    N N N 137 
HIS CA   C N S 138 
HIS C    C N N 139 
HIS O    O N N 140 
HIS CB   C N N 141 
HIS CG   C Y N 142 
HIS ND1  N Y N 143 
HIS CD2  C Y N 144 
HIS CE1  C Y N 145 
HIS NE2  N Y N 146 
HIS OXT  O N N 147 
HIS H    H N N 148 
HIS H2   H N N 149 
HIS HA   H N N 150 
HIS HB2  H N N 151 
HIS HB3  H N N 152 
HIS HD1  H N N 153 
HIS HD2  H N N 154 
HIS HE1  H N N 155 
HIS HE2  H N N 156 
HIS HXT  H N N 157 
HOH O    O N N 158 
HOH H1   H N N 159 
HOH H2   H N N 160 
ILE N    N N N 161 
ILE CA   C N S 162 
ILE C    C N N 163 
ILE O    O N N 164 
ILE CB   C N S 165 
ILE CG1  C N N 166 
ILE CG2  C N N 167 
ILE CD1  C N N 168 
ILE OXT  O N N 169 
ILE H    H N N 170 
ILE H2   H N N 171 
ILE HA   H N N 172 
ILE HB   H N N 173 
ILE HG12 H N N 174 
ILE HG13 H N N 175 
ILE HG21 H N N 176 
ILE HG22 H N N 177 
ILE HG23 H N N 178 
ILE HD11 H N N 179 
ILE HD12 H N N 180 
ILE HD13 H N N 181 
ILE HXT  H N N 182 
LEU N    N N N 183 
LEU CA   C N S 184 
LEU C    C N N 185 
LEU O    O N N 186 
LEU CB   C N N 187 
LEU CG   C N N 188 
LEU CD1  C N N 189 
LEU CD2  C N N 190 
LEU OXT  O N N 191 
LEU H    H N N 192 
LEU H2   H N N 193 
LEU HA   H N N 194 
LEU HB2  H N N 195 
LEU HB3  H N N 196 
LEU HG   H N N 197 
LEU HD11 H N N 198 
LEU HD12 H N N 199 
LEU HD13 H N N 200 
LEU HD21 H N N 201 
LEU HD22 H N N 202 
LEU HD23 H N N 203 
LEU HXT  H N N 204 
LYS N    N N N 205 
LYS CA   C N S 206 
LYS C    C N N 207 
LYS O    O N N 208 
LYS CB   C N N 209 
LYS CG   C N N 210 
LYS CD   C N N 211 
LYS CE   C N N 212 
LYS NZ   N N N 213 
LYS OXT  O N N 214 
LYS H    H N N 215 
LYS H2   H N N 216 
LYS HA   H N N 217 
LYS HB2  H N N 218 
LYS HB3  H N N 219 
LYS HG2  H N N 220 
LYS HG3  H N N 221 
LYS HD2  H N N 222 
LYS HD3  H N N 223 
LYS HE2  H N N 224 
LYS HE3  H N N 225 
LYS HZ1  H N N 226 
LYS HZ2  H N N 227 
LYS HZ3  H N N 228 
LYS HXT  H N N 229 
MET N    N N N 230 
MET CA   C N S 231 
MET C    C N N 232 
MET O    O N N 233 
MET CB   C N N 234 
MET CG   C N N 235 
MET SD   S N N 236 
MET CE   C N N 237 
MET OXT  O N N 238 
MET H    H N N 239 
MET H2   H N N 240 
MET HA   H N N 241 
MET HB2  H N N 242 
MET HB3  H N N 243 
MET HG2  H N N 244 
MET HG3  H N N 245 
MET HE1  H N N 246 
MET HE2  H N N 247 
MET HE3  H N N 248 
MET HXT  H N N 249 
PHE N    N N N 250 
PHE CA   C N S 251 
PHE C    C N N 252 
PHE O    O N N 253 
PHE CB   C N N 254 
PHE CG   C Y N 255 
PHE CD1  C Y N 256 
PHE CD2  C Y N 257 
PHE CE1  C Y N 258 
PHE CE2  C Y N 259 
PHE CZ   C Y N 260 
PHE OXT  O N N 261 
PHE H    H N N 262 
PHE H2   H N N 263 
PHE HA   H N N 264 
PHE HB2  H N N 265 
PHE HB3  H N N 266 
PHE HD1  H N N 267 
PHE HD2  H N N 268 
PHE HE1  H N N 269 
PHE HE2  H N N 270 
PHE HZ   H N N 271 
PHE HXT  H N N 272 
PRO N    N N N 273 
PRO CA   C N S 274 
PRO C    C N N 275 
PRO O    O N N 276 
PRO CB   C N N 277 
PRO CG   C N N 278 
PRO CD   C N N 279 
PRO OXT  O N N 280 
PRO H    H N N 281 
PRO HA   H N N 282 
PRO HB2  H N N 283 
PRO HB3  H N N 284 
PRO HG2  H N N 285 
PRO HG3  H N N 286 
PRO HD2  H N N 287 
PRO HD3  H N N 288 
PRO HXT  H N N 289 
SER N    N N N 290 
SER CA   C N S 291 
SER C    C N N 292 
SER O    O N N 293 
SER CB   C N N 294 
SER OG   O N N 295 
SER OXT  O N N 296 
SER H    H N N 297 
SER H2   H N N 298 
SER HA   H N N 299 
SER HB2  H N N 300 
SER HB3  H N N 301 
SER HG   H N N 302 
SER HXT  H N N 303 
THR N    N N N 304 
THR CA   C N S 305 
THR C    C N N 306 
THR O    O N N 307 
THR CB   C N R 308 
THR OG1  O N N 309 
THR CG2  C N N 310 
THR OXT  O N N 311 
THR H    H N N 312 
THR H2   H N N 313 
THR HA   H N N 314 
THR HB   H N N 315 
THR HG1  H N N 316 
THR HG21 H N N 317 
THR HG22 H N N 318 
THR HG23 H N N 319 
THR HXT  H N N 320 
TRP N    N N N 321 
TRP CA   C N S 322 
TRP C    C N N 323 
TRP O    O N N 324 
TRP CB   C N N 325 
TRP CG   C Y N 326 
TRP CD1  C Y N 327 
TRP CD2  C Y N 328 
TRP NE1  N Y N 329 
TRP CE2  C Y N 330 
TRP CE3  C Y N 331 
TRP CZ2  C Y N 332 
TRP CZ3  C Y N 333 
TRP CH2  C Y N 334 
TRP OXT  O N N 335 
TRP H    H N N 336 
TRP H2   H N N 337 
TRP HA   H N N 338 
TRP HB2  H N N 339 
TRP HB3  H N N 340 
TRP HD1  H N N 341 
TRP HE1  H N N 342 
TRP HE3  H N N 343 
TRP HZ2  H N N 344 
TRP HZ3  H N N 345 
TRP HH2  H N N 346 
TRP HXT  H N N 347 
TYR N    N N N 348 
TYR CA   C N S 349 
TYR C    C N N 350 
TYR O    O N N 351 
TYR CB   C N N 352 
TYR CG   C Y N 353 
TYR CD1  C Y N 354 
TYR CD2  C Y N 355 
TYR CE1  C Y N 356 
TYR CE2  C Y N 357 
TYR CZ   C Y N 358 
TYR OH   O N N 359 
TYR OXT  O N N 360 
TYR H    H N N 361 
TYR H2   H N N 362 
TYR HA   H N N 363 
TYR HB2  H N N 364 
TYR HB3  H N N 365 
TYR HD1  H N N 366 
TYR HD2  H N N 367 
TYR HE1  H N N 368 
TYR HE2  H N N 369 
TYR HH   H N N 370 
TYR HXT  H N N 371 
VAL N    N N N 372 
VAL CA   C N S 373 
VAL C    C N N 374 
VAL O    O N N 375 
VAL CB   C N N 376 
VAL CG1  C N N 377 
VAL CG2  C N N 378 
VAL OXT  O N N 379 
VAL H    H N N 380 
VAL H2   H N N 381 
VAL HA   H N N 382 
VAL HB   H N N 383 
VAL HG11 H N N 384 
VAL HG12 H N N 385 
VAL HG13 H N N 386 
VAL HG21 H N N 387 
VAL HG22 H N N 388 
VAL HG23 H N N 389 
VAL HXT  H N N 390 
# 
loop_
_chem_comp_bond.comp_id 
_chem_comp_bond.atom_id_1 
_chem_comp_bond.atom_id_2 
_chem_comp_bond.value_order 
_chem_comp_bond.pdbx_aromatic_flag 
_chem_comp_bond.pdbx_stereo_config 
_chem_comp_bond.pdbx_ordinal 
ALA N   CA   sing N N 1   
ALA N   H    sing N N 2   
ALA N   H2   sing N N 3   
ALA CA  C    sing N N 4   
ALA CA  CB   sing N N 5   
ALA CA  HA   sing N N 6   
ALA C   O    doub N N 7   
ALA C   OXT  sing N N 8   
ALA CB  HB1  sing N N 9   
ALA CB  HB2  sing N N 10  
ALA CB  HB3  sing N N 11  
ALA OXT HXT  sing N N 12  
ARG N   CA   sing N N 13  
ARG N   H    sing N N 14  
ARG N   H2   sing N N 15  
ARG CA  C    sing N N 16  
ARG CA  CB   sing N N 17  
ARG CA  HA   sing N N 18  
ARG C   O    doub N N 19  
ARG C   OXT  sing N N 20  
ARG CB  CG   sing N N 21  
ARG CB  HB2  sing N N 22  
ARG CB  HB3  sing N N 23  
ARG CG  CD   sing N N 24  
ARG CG  HG2  sing N N 25  
ARG CG  HG3  sing N N 26  
ARG CD  NE   sing N N 27  
ARG CD  HD2  sing N N 28  
ARG CD  HD3  sing N N 29  
ARG NE  CZ   sing N N 30  
ARG NE  HE   sing N N 31  
ARG CZ  NH1  sing N N 32  
ARG CZ  NH2  doub N N 33  
ARG NH1 HH11 sing N N 34  
ARG NH1 HH12 sing N N 35  
ARG NH2 HH21 sing N N 36  
ARG NH2 HH22 sing N N 37  
ARG OXT HXT  sing N N 38  
ASN N   CA   sing N N 39  
ASN N   H    sing N N 40  
ASN N   H2   sing N N 41  
ASN CA  C    sing N N 42  
ASN CA  CB   sing N N 43  
ASN CA  HA   sing N N 44  
ASN C   O    doub N N 45  
ASN C   OXT  sing N N 46  
ASN CB  CG   sing N N 47  
ASN CB  HB2  sing N N 48  
ASN CB  HB3  sing N N 49  
ASN CG  OD1  doub N N 50  
ASN CG  ND2  sing N N 51  
ASN ND2 HD21 sing N N 52  
ASN ND2 HD22 sing N N 53  
ASN OXT HXT  sing N N 54  
ASP N   CA   sing N N 55  
ASP N   H    sing N N 56  
ASP N   H2   sing N N 57  
ASP CA  C    sing N N 58  
ASP CA  CB   sing N N 59  
ASP CA  HA   sing N N 60  
ASP C   O    doub N N 61  
ASP C   OXT  sing N N 62  
ASP CB  CG   sing N N 63  
ASP CB  HB2  sing N N 64  
ASP CB  HB3  sing N N 65  
ASP CG  OD1  doub N N 66  
ASP CG  OD2  sing N N 67  
ASP OD2 HD2  sing N N 68  
ASP OXT HXT  sing N N 69  
CYS N   CA   sing N N 70  
CYS N   H    sing N N 71  
CYS N   H2   sing N N 72  
CYS CA  C    sing N N 73  
CYS CA  CB   sing N N 74  
CYS CA  HA   sing N N 75  
CYS C   O    doub N N 76  
CYS C   OXT  sing N N 77  
CYS CB  SG   sing N N 78  
CYS CB  HB2  sing N N 79  
CYS CB  HB3  sing N N 80  
CYS SG  HG   sing N N 81  
CYS OXT HXT  sing N N 82  
GLN N   CA   sing N N 83  
GLN N   H    sing N N 84  
GLN N   H2   sing N N 85  
GLN CA  C    sing N N 86  
GLN CA  CB   sing N N 87  
GLN CA  HA   sing N N 88  
GLN C   O    doub N N 89  
GLN C   OXT  sing N N 90  
GLN CB  CG   sing N N 91  
GLN CB  HB2  sing N N 92  
GLN CB  HB3  sing N N 93  
GLN CG  CD   sing N N 94  
GLN CG  HG2  sing N N 95  
GLN CG  HG3  sing N N 96  
GLN CD  OE1  doub N N 97  
GLN CD  NE2  sing N N 98  
GLN NE2 HE21 sing N N 99  
GLN NE2 HE22 sing N N 100 
GLN OXT HXT  sing N N 101 
GLU N   CA   sing N N 102 
GLU N   H    sing N N 103 
GLU N   H2   sing N N 104 
GLU CA  C    sing N N 105 
GLU CA  CB   sing N N 106 
GLU CA  HA   sing N N 107 
GLU C   O    doub N N 108 
GLU C   OXT  sing N N 109 
GLU CB  CG   sing N N 110 
GLU CB  HB2  sing N N 111 
GLU CB  HB3  sing N N 112 
GLU CG  CD   sing N N 113 
GLU CG  HG2  sing N N 114 
GLU CG  HG3  sing N N 115 
GLU CD  OE1  doub N N 116 
GLU CD  OE2  sing N N 117 
GLU OE2 HE2  sing N N 118 
GLU OXT HXT  sing N N 119 
GLY N   CA   sing N N 120 
GLY N   H    sing N N 121 
GLY N   H2   sing N N 122 
GLY CA  C    sing N N 123 
GLY CA  HA2  sing N N 124 
GLY CA  HA3  sing N N 125 
GLY C   O    doub N N 126 
GLY C   OXT  sing N N 127 
GLY OXT HXT  sing N N 128 
HIS N   CA   sing N N 129 
HIS N   H    sing N N 130 
HIS N   H2   sing N N 131 
HIS CA  C    sing N N 132 
HIS CA  CB   sing N N 133 
HIS CA  HA   sing N N 134 
HIS C   O    doub N N 135 
HIS C   OXT  sing N N 136 
HIS CB  CG   sing N N 137 
HIS CB  HB2  sing N N 138 
HIS CB  HB3  sing N N 139 
HIS CG  ND1  sing Y N 140 
HIS CG  CD2  doub Y N 141 
HIS ND1 CE1  doub Y N 142 
HIS ND1 HD1  sing N N 143 
HIS CD2 NE2  sing Y N 144 
HIS CD2 HD2  sing N N 145 
HIS CE1 NE2  sing Y N 146 
HIS CE1 HE1  sing N N 147 
HIS NE2 HE2  sing N N 148 
HIS OXT HXT  sing N N 149 
HOH O   H1   sing N N 150 
HOH O   H2   sing N N 151 
ILE N   CA   sing N N 152 
ILE N   H    sing N N 153 
ILE N   H2   sing N N 154 
ILE CA  C    sing N N 155 
ILE CA  CB   sing N N 156 
ILE CA  HA   sing N N 157 
ILE C   O    doub N N 158 
ILE C   OXT  sing N N 159 
ILE CB  CG1  sing N N 160 
ILE CB  CG2  sing N N 161 
ILE CB  HB   sing N N 162 
ILE CG1 CD1  sing N N 163 
ILE CG1 HG12 sing N N 164 
ILE CG1 HG13 sing N N 165 
ILE CG2 HG21 sing N N 166 
ILE CG2 HG22 sing N N 167 
ILE CG2 HG23 sing N N 168 
ILE CD1 HD11 sing N N 169 
ILE CD1 HD12 sing N N 170 
ILE CD1 HD13 sing N N 171 
ILE OXT HXT  sing N N 172 
LEU N   CA   sing N N 173 
LEU N   H    sing N N 174 
LEU N   H2   sing N N 175 
LEU CA  C    sing N N 176 
LEU CA  CB   sing N N 177 
LEU CA  HA   sing N N 178 
LEU C   O    doub N N 179 
LEU C   OXT  sing N N 180 
LEU CB  CG   sing N N 181 
LEU CB  HB2  sing N N 182 
LEU CB  HB3  sing N N 183 
LEU CG  CD1  sing N N 184 
LEU CG  CD2  sing N N 185 
LEU CG  HG   sing N N 186 
LEU CD1 HD11 sing N N 187 
LEU CD1 HD12 sing N N 188 
LEU CD1 HD13 sing N N 189 
LEU CD2 HD21 sing N N 190 
LEU CD2 HD22 sing N N 191 
LEU CD2 HD23 sing N N 192 
LEU OXT HXT  sing N N 193 
LYS N   CA   sing N N 194 
LYS N   H    sing N N 195 
LYS N   H2   sing N N 196 
LYS CA  C    sing N N 197 
LYS CA  CB   sing N N 198 
LYS CA  HA   sing N N 199 
LYS C   O    doub N N 200 
LYS C   OXT  sing N N 201 
LYS CB  CG   sing N N 202 
LYS CB  HB2  sing N N 203 
LYS CB  HB3  sing N N 204 
LYS CG  CD   sing N N 205 
LYS CG  HG2  sing N N 206 
LYS CG  HG3  sing N N 207 
LYS CD  CE   sing N N 208 
LYS CD  HD2  sing N N 209 
LYS CD  HD3  sing N N 210 
LYS CE  NZ   sing N N 211 
LYS CE  HE2  sing N N 212 
LYS CE  HE3  sing N N 213 
LYS NZ  HZ1  sing N N 214 
LYS NZ  HZ2  sing N N 215 
LYS NZ  HZ3  sing N N 216 
LYS OXT HXT  sing N N 217 
MET N   CA   sing N N 218 
MET N   H    sing N N 219 
MET N   H2   sing N N 220 
MET CA  C    sing N N 221 
MET CA  CB   sing N N 222 
MET CA  HA   sing N N 223 
MET C   O    doub N N 224 
MET C   OXT  sing N N 225 
MET CB  CG   sing N N 226 
MET CB  HB2  sing N N 227 
MET CB  HB3  sing N N 228 
MET CG  SD   sing N N 229 
MET CG  HG2  sing N N 230 
MET CG  HG3  sing N N 231 
MET SD  CE   sing N N 232 
MET CE  HE1  sing N N 233 
MET CE  HE2  sing N N 234 
MET CE  HE3  sing N N 235 
MET OXT HXT  sing N N 236 
PHE N   CA   sing N N 237 
PHE N   H    sing N N 238 
PHE N   H2   sing N N 239 
PHE CA  C    sing N N 240 
PHE CA  CB   sing N N 241 
PHE CA  HA   sing N N 242 
PHE C   O    doub N N 243 
PHE C   OXT  sing N N 244 
PHE CB  CG   sing N N 245 
PHE CB  HB2  sing N N 246 
PHE CB  HB3  sing N N 247 
PHE CG  CD1  doub Y N 248 
PHE CG  CD2  sing Y N 249 
PHE CD1 CE1  sing Y N 250 
PHE CD1 HD1  sing N N 251 
PHE CD2 CE2  doub Y N 252 
PHE CD2 HD2  sing N N 253 
PHE CE1 CZ   doub Y N 254 
PHE CE1 HE1  sing N N 255 
PHE CE2 CZ   sing Y N 256 
PHE CE2 HE2  sing N N 257 
PHE CZ  HZ   sing N N 258 
PHE OXT HXT  sing N N 259 
PRO N   CA   sing N N 260 
PRO N   CD   sing N N 261 
PRO N   H    sing N N 262 
PRO CA  C    sing N N 263 
PRO CA  CB   sing N N 264 
PRO CA  HA   sing N N 265 
PRO C   O    doub N N 266 
PRO C   OXT  sing N N 267 
PRO CB  CG   sing N N 268 
PRO CB  HB2  sing N N 269 
PRO CB  HB3  sing N N 270 
PRO CG  CD   sing N N 271 
PRO CG  HG2  sing N N 272 
PRO CG  HG3  sing N N 273 
PRO CD  HD2  sing N N 274 
PRO CD  HD3  sing N N 275 
PRO OXT HXT  sing N N 276 
SER N   CA   sing N N 277 
SER N   H    sing N N 278 
SER N   H2   sing N N 279 
SER CA  C    sing N N 280 
SER CA  CB   sing N N 281 
SER CA  HA   sing N N 282 
SER C   O    doub N N 283 
SER C   OXT  sing N N 284 
SER CB  OG   sing N N 285 
SER CB  HB2  sing N N 286 
SER CB  HB3  sing N N 287 
SER OG  HG   sing N N 288 
SER OXT HXT  sing N N 289 
THR N   CA   sing N N 290 
THR N   H    sing N N 291 
THR N   H2   sing N N 292 
THR CA  C    sing N N 293 
THR CA  CB   sing N N 294 
THR CA  HA   sing N N 295 
THR C   O    doub N N 296 
THR C   OXT  sing N N 297 
THR CB  OG1  sing N N 298 
THR CB  CG2  sing N N 299 
THR CB  HB   sing N N 300 
THR OG1 HG1  sing N N 301 
THR CG2 HG21 sing N N 302 
THR CG2 HG22 sing N N 303 
THR CG2 HG23 sing N N 304 
THR OXT HXT  sing N N 305 
TRP N   CA   sing N N 306 
TRP N   H    sing N N 307 
TRP N   H2   sing N N 308 
TRP CA  C    sing N N 309 
TRP CA  CB   sing N N 310 
TRP CA  HA   sing N N 311 
TRP C   O    doub N N 312 
TRP C   OXT  sing N N 313 
TRP CB  CG   sing N N 314 
TRP CB  HB2  sing N N 315 
TRP CB  HB3  sing N N 316 
TRP CG  CD1  doub Y N 317 
TRP CG  CD2  sing Y N 318 
TRP CD1 NE1  sing Y N 319 
TRP CD1 HD1  sing N N 320 
TRP CD2 CE2  doub Y N 321 
TRP CD2 CE3  sing Y N 322 
TRP NE1 CE2  sing Y N 323 
TRP NE1 HE1  sing N N 324 
TRP CE2 CZ2  sing Y N 325 
TRP CE3 CZ3  doub Y N 326 
TRP CE3 HE3  sing N N 327 
TRP CZ2 CH2  doub Y N 328 
TRP CZ2 HZ2  sing N N 329 
TRP CZ3 CH2  sing Y N 330 
TRP CZ3 HZ3  sing N N 331 
TRP CH2 HH2  sing N N 332 
TRP OXT HXT  sing N N 333 
TYR N   CA   sing N N 334 
TYR N   H    sing N N 335 
TYR N   H2   sing N N 336 
TYR CA  C    sing N N 337 
TYR CA  CB   sing N N 338 
TYR CA  HA   sing N N 339 
TYR C   O    doub N N 340 
TYR C   OXT  sing N N 341 
TYR CB  CG   sing N N 342 
TYR CB  HB2  sing N N 343 
TYR CB  HB3  sing N N 344 
TYR CG  CD1  doub Y N 345 
TYR CG  CD2  sing Y N 346 
TYR CD1 CE1  sing Y N 347 
TYR CD1 HD1  sing N N 348 
TYR CD2 CE2  doub Y N 349 
TYR CD2 HD2  sing N N 350 
TYR CE1 CZ   doub Y N 351 
TYR CE1 HE1  sing N N 352 
TYR CE2 CZ   sing Y N 353 
TYR CE2 HE2  sing N N 354 
TYR CZ  OH   sing N N 355 
TYR OH  HH   sing N N 356 
TYR OXT HXT  sing N N 357 
VAL N   CA   sing N N 358 
VAL N   H    sing N N 359 
VAL N   H2   sing N N 360 
VAL CA  C    sing N N 361 
VAL CA  CB   sing N N 362 
VAL CA  HA   sing N N 363 
VAL C   O    doub N N 364 
VAL C   OXT  sing N N 365 
VAL CB  CG1  sing N N 366 
VAL CB  CG2  sing N N 367 
VAL CB  HB   sing N N 368 
VAL CG1 HG11 sing N N 369 
VAL CG1 HG12 sing N N 370 
VAL CG1 HG13 sing N N 371 
VAL CG2 HG21 sing N N 372 
VAL CG2 HG22 sing N N 373 
VAL CG2 HG23 sing N N 374 
VAL OXT HXT  sing N N 375 
# 
_pdbx_initial_refinement_model.id               1 
_pdbx_initial_refinement_model.entity_id_list   ? 
_pdbx_initial_refinement_model.type             'experimental model' 
_pdbx_initial_refinement_model.source_name      PDB 
_pdbx_initial_refinement_model.accession_code   4OU6 
_pdbx_initial_refinement_model.details          ? 
# 
_space_group.name_H-M_alt     'C 2 2 21' 
_space_group.name_Hall        'C 2c 2' 
_space_group.IT_number        20 
_space_group.crystal_system   orthorhombic 
_space_group.id               1 
# 
_atom_sites.entry_id                    6AEP 
_atom_sites.fract_transf_matrix[1][1]   -0.01615675 
_atom_sites.fract_transf_matrix[1][2]   -0.00595579 
_atom_sites.fract_transf_matrix[1][3]   0.00286965 
_atom_sites.fract_transf_matrix[2][1]   0.00110448 
_atom_sites.fract_transf_matrix[2][2]   0.00203337 
_atom_sites.fract_transf_matrix[2][3]   0.01043860 
_atom_sites.fract_transf_matrix[3][1]   -0.00528775 
_atom_sites.fract_transf_matrix[3][2]   0.01336013 
_atom_sites.fract_transf_matrix[3][3]   -0.00204298 
_atom_sites.fract_transf_vector[1]      -0.326687 
_atom_sites.fract_transf_vector[2]      -0.287450 
_atom_sites.fract_transf_vector[3]      -0.096998 
# 
loop_
_atom_type.symbol 
_atom_type.scat_dispersion_real 
_atom_type.scat_dispersion_imag 
_atom_type.scat_Cromer_Mann_a1 
_atom_type.scat_Cromer_Mann_a2 
_atom_type.scat_Cromer_Mann_b1 
_atom_type.scat_Cromer_Mann_b2 
_atom_type.scat_Cromer_Mann_c 
_atom_type.scat_source 
_atom_type.scat_dispersion_source 
C ? ? 3.54356 2.42580 25.62398 1.50364  0.0 
;2-Gaussian fit: Grosse-Kunstleve RW, Sauter NK, Adams PD: Newsletter of the IUCr Commission on Crystallographic Computing 2004, 3, 22-31.
;
? 
N ? ? 4.01032 2.96436 19.97189 1.75589  0.0 
;2-Gaussian fit: Grosse-Kunstleve RW, Sauter NK, Adams PD: Newsletter of the IUCr Commission on Crystallographic Computing 2004, 3, 22-31.
;
? 
O ? ? 4.49882 3.47563 15.80542 1.70748  0.0 
;2-Gaussian fit: Grosse-Kunstleve RW, Sauter NK, Adams PD: Newsletter of the IUCr Commission on Crystallographic Computing 2004, 3, 22-31.
;
? 
S ? ? 9.55732 6.39887 1.23737  29.19336 0.0 
;2-Gaussian fit: Grosse-Kunstleve RW, Sauter NK, Adams PD: Newsletter of the IUCr Commission on Crystallographic Computing 2004, 3, 22-31.
;
? 
# 
loop_
_atom_site.group_PDB 
_atom_site.id 
_atom_site.type_symbol 
_atom_site.label_atom_id 
_atom_site.label_alt_id 
_atom_site.label_comp_id 
_atom_site.label_asym_id 
_atom_site.label_entity_id 
_atom_site.label_seq_id 
_atom_site.pdbx_PDB_ins_code 
_atom_site.Cartn_x 
_atom_site.Cartn_y 
_atom_site.Cartn_z 
_atom_site.occupancy 
_atom_site.B_iso_or_equiv 
_atom_site.pdbx_formal_charge 
_atom_site.auth_seq_id 
_atom_site.auth_comp_id 
_atom_site.auth_asym_id 
_atom_site.auth_atom_id 
_atom_site.pdbx_PDB_model_num 
ATOM   1    N N   . ILE A 1 1  ? -0.997  -4.642  19.659  1.00 46.65 ? 84  ILE A N   1 
ATOM   2    C CA  . ILE A 1 1  ? 0.019   -3.669  19.275  1.00 43.02 ? 84  ILE A CA  1 
ATOM   3    C C   . ILE A 1 1  ? 1.232   -3.801  20.179  1.00 44.36 ? 84  ILE A C   1 
ATOM   4    O O   . ILE A 1 1  ? 1.093   -3.792  21.404  1.00 44.99 ? 84  ILE A O   1 
ATOM   5    C CB  . ILE A 1 1  ? -0.528  -2.235  19.318  1.00 43.87 ? 84  ILE A CB  1 
ATOM   6    C CG1 . ILE A 1 1  ? -1.658  -2.056  18.309  1.00 42.51 ? 84  ILE A CG1 1 
ATOM   7    C CG2 . ILE A 1 1  ? 0.591   -1.235  19.041  1.00 41.28 ? 84  ILE A CG2 1 
ATOM   8    C CD1 . ILE A 1 1  ? -1.168  -1.945  16.882  1.00 40.56 ? 84  ILE A CD1 1 
ATOM   9    N N   . PRO A 1 2  ? 2.421   -3.914  19.591  1.00 42.35 ? 85  PRO A N   1 
ATOM   10   C CA  . PRO A 1 2  ? 3.632   -4.095  20.406  1.00 47.53 ? 85  PRO A CA  1 
ATOM   11   C C   . PRO A 1 2  ? 3.980   -2.853  21.219  1.00 42.09 ? 85  PRO A C   1 
ATOM   12   O O   . PRO A 1 2  ? 3.630   -1.722  20.875  1.00 41.26 ? 85  PRO A O   1 
ATOM   13   C CB  . PRO A 1 2  ? 4.723   -4.396  19.369  1.00 45.20 ? 85  PRO A CB  1 
ATOM   14   C CG  . PRO A 1 2  ? 3.975   -4.841  18.129  1.00 43.13 ? 85  PRO A CG  1 
ATOM   15   C CD  . PRO A 1 2  ? 2.695   -4.056  18.150  1.00 42.43 ? 85  PRO A CD  1 
ATOM   16   N N   . CYS A 1 3  ? 4.700   -3.082  22.321  1.00 40.69 ? 86  CYS A N   1 
ATOM   17   C CA  . CYS A 1 3  ? 5.197   -1.977  23.126  1.00 42.14 ? 86  CYS A CA  1 
ATOM   18   C C   . CYS A 1 3  ? 6.450   -1.380  22.484  1.00 37.69 ? 86  CYS A C   1 
ATOM   19   O O   . CYS A 1 3  ? 7.146   -2.034  21.706  1.00 44.03 ? 86  CYS A O   1 
ATOM   20   C CB  . CYS A 1 3  ? 5.501   -2.448  24.558  1.00 37.40 ? 86  CYS A CB  1 
ATOM   21   S SG  . CYS A 1 3  ? 4.009   -2.655  25.531  1.00 46.26 ? 86  CYS A SG  1 
ATOM   22   N N   . GLY A 1 4  ? 6.736   -0.122  22.820  1.00 42.30 ? 87  GLY A N   1 
ATOM   23   C CA  . GLY A 1 4  ? 7.952   0.510   22.316  1.00 43.58 ? 87  GLY A CA  1 
ATOM   24   C C   . GLY A 1 4  ? 7.984   0.659   20.794  1.00 49.14 ? 87  GLY A C   1 
ATOM   25   O O   . GLY A 1 4  ? 6.954   0.770   20.120  1.00 47.36 ? 87  GLY A O   1 
ATOM   26   N N   . LYS A 1 5  ? 9.204   0.682   20.254  1.00 46.40 ? 88  LYS A N   1 
ATOM   27   C CA  . LYS A 1 5  ? 9.386   0.750   18.810  1.00 45.29 ? 88  LYS A CA  1 
ATOM   28   C C   . LYS A 1 5  ? 9.294   -0.646  18.205  1.00 43.39 ? 88  LYS A C   1 
ATOM   29   O O   . LYS A 1 5  ? 9.855   -1.610  18.738  1.00 43.00 ? 88  LYS A O   1 
ATOM   30   C CB  . LYS A 1 5  ? 10.733  1.386   18.458  1.00 46.38 ? 88  LYS A CB  1 
ATOM   31   C CG  . LYS A 1 5  ? 10.981  2.755   19.067  1.00 42.25 ? 88  LYS A CG  1 
ATOM   32   C CD  . LYS A 1 5  ? 12.073  3.494   18.296  1.00 45.43 ? 88  LYS A CD  1 
ATOM   33   C CE  . LYS A 1 5  ? 12.542  4.731   19.032  1.00 51.62 ? 88  LYS A CE  1 
ATOM   34   N NZ  . LYS A 1 5  ? 13.437  4.378   20.163  1.00 53.32 ? 88  LYS A NZ  1 
ATOM   35   N N   . PHE A 1 6  ? 8.582   -0.756  17.081  1.00 42.59 ? 89  PHE A N   1 
ATOM   36   C CA  . PHE A 1 6  ? 8.439   -2.043  16.416  1.00 37.85 ? 89  PHE A CA  1 
ATOM   37   C C   . PHE A 1 6  ? 8.443   -1.852  14.907  1.00 34.91 ? 89  PHE A C   1 
ATOM   38   O O   . PHE A 1 6  ? 8.077   -0.789  14.396  1.00 37.18 ? 89  PHE A O   1 
ATOM   39   C CB  . PHE A 1 6  ? 7.155   -2.781  16.841  1.00 38.18 ? 89  PHE A CB  1 
ATOM   40   C CG  . PHE A 1 6  ? 5.897   -1.974  16.650  1.00 39.45 ? 89  PHE A CG  1 
ATOM   41   C CD1 . PHE A 1 6  ? 5.425   -1.154  17.667  1.00 38.12 ? 89  PHE A CD1 1 
ATOM   42   C CD2 . PHE A 1 6  ? 5.177   -2.048  15.459  1.00 38.03 ? 89  PHE A CD2 1 
ATOM   43   C CE1 . PHE A 1 6  ? 4.267   -0.410  17.506  1.00 41.22 ? 89  PHE A CE1 1 
ATOM   44   C CE2 . PHE A 1 6  ? 4.015   -1.304  15.284  1.00 34.77 ? 89  PHE A CE2 1 
ATOM   45   C CZ  . PHE A 1 6  ? 3.560   -0.480  16.309  1.00 37.90 ? 89  PHE A CZ  1 
ATOM   46   N N   . ALA A 1 7  ? 8.871   -2.897  14.203  1.00 37.05 ? 90  ALA A N   1 
ATOM   47   C CA  . ALA A 1 7  ? 8.815   -2.918  12.746  1.00 36.48 ? 90  ALA A CA  1 
ATOM   48   C C   . ALA A 1 7  ? 7.389   -3.173  12.266  1.00 32.74 ? 90  ALA A C   1 
ATOM   49   O O   . ALA A 1 7  ? 6.623   -3.921  12.882  1.00 35.59 ? 90  ALA A O   1 
ATOM   50   C CB  . ALA A 1 7  ? 9.750   -3.996  12.188  1.00 33.12 ? 90  ALA A CB  1 
ATOM   51   N N   . MET A 1 8  ? 7.044   -2.550  11.141  1.00 36.52 ? 91  MET A N   1 
ATOM   52   C CA  . MET A 1 8  ? 5.709   -2.705  10.579  1.00 34.95 ? 91  MET A CA  1 
ATOM   53   C C   . MET A 1 8  ? 5.449   -4.165  10.225  1.00 33.90 ? 91  MET A C   1 
ATOM   54   O O   . MET A 1 8  ? 6.336   -4.868  9.733   1.00 35.93 ? 91  MET A O   1 
ATOM   55   C CB  . MET A 1 8  ? 5.573   -1.815  9.340   1.00 33.11 ? 91  MET A CB  1 
ATOM   56   C CG  . MET A 1 8  ? 4.165   -1.681  8.776   1.00 34.12 ? 91  MET A CG  1 
ATOM   57   S SD  . MET A 1 8  ? 2.846   -1.494  9.988   1.00 33.36 ? 91  MET A SD  1 
ATOM   58   C CE  . MET A 1 8  ? 3.285   0.077   10.736  1.00 31.58 ? 91  MET A CE  1 
ATOM   59   N N   . TYR A 1 9  ? 4.226   -4.622  10.475  1.00 32.23 ? 92  TYR A N   1 
ATOM   60   C CA  . TYR A 1 9  ? 3.845   -6.014  10.252  1.00 31.40 ? 92  TYR A CA  1 
ATOM   61   C C   . TYR A 1 9  ? 2.460   -6.057  9.617   1.00 34.78 ? 92  TYR A C   1 
ATOM   62   O O   . TYR A 1 9  ? 1.669   -5.114  9.780   1.00 33.56 ? 92  TYR A O   1 
ATOM   63   C CB  . TYR A 1 9  ? 3.861   -6.822  11.563  1.00 31.99 ? 92  TYR A CB  1 
ATOM   64   C CG  . TYR A 1 9  ? 3.001   -6.214  12.645  1.00 34.41 ? 92  TYR A CG  1 
ATOM   65   C CD1 . TYR A 1 9  ? 3.429   -5.107  13.359  1.00 32.74 ? 92  TYR A CD1 1 
ATOM   66   C CD2 . TYR A 1 9  ? 1.748   -6.738  12.933  1.00 36.95 ? 92  TYR A CD2 1 
ATOM   67   C CE1 . TYR A 1 9  ? 2.625   -4.530  14.336  1.00 34.38 ? 92  TYR A CE1 1 
ATOM   68   C CE2 . TYR A 1 9  ? 0.945   -6.178  13.906  1.00 36.94 ? 92  TYR A CE2 1 
ATOM   69   C CZ  . TYR A 1 9  ? 1.387   -5.078  14.606  1.00 35.35 ? 92  TYR A CZ  1 
ATOM   70   O OH  . TYR A 1 9  ? 0.577   -4.534  15.577  1.00 34.51 ? 92  TYR A OH  1 
ATOM   71   N N   . PRO A 1 10 ? 2.148   -7.126  8.872   1.00 33.44 ? 93  PRO A N   1 
ATOM   72   C CA  . PRO A 1 10 ? 0.941   -7.109  8.025   1.00 29.38 ? 93  PRO A CA  1 
ATOM   73   C C   . PRO A 1 10 ? -0.364  -6.923  8.778   1.00 36.47 ? 93  PRO A C   1 
ATOM   74   O O   . PRO A 1 10 ? -1.302  -6.339  8.222   1.00 34.04 ? 93  PRO A O   1 
ATOM   75   C CB  . PRO A 1 10 ? 0.991   -8.481  7.326   1.00 28.07 ? 93  PRO A CB  1 
ATOM   76   C CG  . PRO A 1 10 ? 2.425   -8.894  7.406   1.00 34.14 ? 93  PRO A CG  1 
ATOM   77   C CD  . PRO A 1 10 ? 2.897   -8.392  8.728   1.00 32.88 ? 93  PRO A CD  1 
ATOM   78   N N   . ALA A 1 11 ? -0.466  -7.386  10.024  1.00 35.69 ? 94  ALA A N   1 
ATOM   79   C CA  . ALA A 1 11 ? -1.727  -7.257  10.750  1.00 37.68 ? 94  ALA A CA  1 
ATOM   80   C C   . ALA A 1 11 ? -1.901  -5.903  11.438  1.00 39.41 ? 94  ALA A C   1 
ATOM   81   O O   . ALA A 1 11 ? -2.935  -5.692  12.084  1.00 36.25 ? 94  ALA A O   1 
ATOM   82   C CB  . ALA A 1 11 ? -1.861  -8.378  11.785  1.00 36.29 ? 94  ALA A CB  1 
ATOM   83   N N   . TRP A 1 12 ? -0.939  -4.987  11.310  1.00 34.35 ? 95  TRP A N   1 
ATOM   84   C CA  . TRP A 1 12 ? -0.989  -3.729  12.045  1.00 32.16 ? 95  TRP A CA  1 
ATOM   85   C C   . TRP A 1 12 ? -2.171  -2.885  11.590  1.00 35.82 ? 95  TRP A C   1 
ATOM   86   O O   . TRP A 1 12 ? -2.542  -2.876  10.416  1.00 29.68 ? 95  TRP A O   1 
ATOM   87   C CB  . TRP A 1 12 ? 0.300   -2.934  11.837  1.00 31.79 ? 95  TRP A CB  1 
ATOM   88   C CG  . TRP A 1 12 ? 0.321   -1.591  12.525  1.00 32.18 ? 95  TRP A CG  1 
ATOM   89   C CD1 . TRP A 1 12 ? 0.620   -1.352  13.845  1.00 29.99 ? 95  TRP A CD1 1 
ATOM   90   C CD2 . TRP A 1 12 ? 0.053   -0.305  11.938  1.00 32.29 ? 95  TRP A CD2 1 
ATOM   91   N NE1 . TRP A 1 12 ? 0.551   -0.001  14.110  1.00 32.85 ? 95  TRP A NE1 1 
ATOM   92   C CE2 . TRP A 1 12 ? 0.201   0.661   12.959  1.00 31.87 ? 95  TRP A CE2 1 
ATOM   93   C CE3 . TRP A 1 12 ? -0.302  0.123   10.652  1.00 29.66 ? 95  TRP A CE3 1 
ATOM   94   C CZ2 . TRP A 1 12 ? 0.012   2.021   12.735  1.00 34.66 ? 95  TRP A CZ2 1 
ATOM   95   C CZ3 . TRP A 1 12 ? -0.491  1.482   10.431  1.00 33.15 ? 95  TRP A CZ3 1 
ATOM   96   C CH2 . TRP A 1 12 ? -0.336  2.414   11.468  1.00 30.64 ? 95  TRP A CH2 1 
ATOM   97   N N   . GLN A 1 13 ? -2.756  -2.151  12.533  1.00 34.32 ? 96  GLN A N   1 
ATOM   98   C CA  . GLN A 1 13 ? -3.845  -1.265  12.200  1.00 31.25 ? 96  GLN A CA  1 
ATOM   99   C C   . GLN A 1 13 ? -3.692  -0.025  13.056  1.00 36.22 ? 96  GLN A C   1 
ATOM   100  O O   . GLN A 1 13 ? -3.297  -0.125  14.231  1.00 33.85 ? 96  GLN A O   1 
ATOM   101  C CB  . GLN A 1 13 ? -5.217  -1.893  12.469  1.00 37.47 ? 96  GLN A CB  1 
ATOM   102  C CG  . GLN A 1 13 ? -5.585  -3.054  11.583  1.00 41.35 ? 96  GLN A CG  1 
ATOM   103  C CD  . GLN A 1 13 ? -6.734  -3.841  12.163  1.00 48.25 ? 96  GLN A CD  1 
ATOM   104  O OE1 . GLN A 1 13 ? -7.638  -3.269  12.770  1.00 55.75 ? 96  GLN A OE1 1 
ATOM   105  N NE2 . GLN A 1 13 ? -6.701  -5.159  11.995  1.00 52.46 ? 96  GLN A NE2 1 
ATOM   106  N N   . PRO A 1 14 ? -3.994  1.150   12.521  1.00 31.50 ? 97  PRO A N   1 
ATOM   107  C CA  . PRO A 1 14 ? -4.088  2.339   13.371  1.00 32.17 ? 97  PRO A CA  1 
ATOM   108  C C   . PRO A 1 14 ? -5.248  2.210   14.356  1.00 35.69 ? 97  PRO A C   1 
ATOM   109  O O   . PRO A 1 14 ? -6.052  1.277   14.300  1.00 32.87 ? 97  PRO A O   1 
ATOM   110  C CB  . PRO A 1 14 ? -4.311  3.475   12.365  1.00 33.00 ? 97  PRO A CB  1 
ATOM   111  C CG  . PRO A 1 14 ? -4.916  2.819   11.191  1.00 29.84 ? 97  PRO A CG  1 
ATOM   112  C CD  . PRO A 1 14 ? -4.314  1.448   11.107  1.00 32.01 ? 97  PRO A CD  1 
ATOM   113  N N   . ASP A 1 15 ? -5.318  3.165   15.285  1.00 34.43 ? 98  ASP A N   1 
ATOM   114  C CA  . ASP A 1 15 ? -6.364  3.158   16.300  1.00 38.14 ? 98  ASP A CA  1 
ATOM   115  C C   . ASP A 1 15 ? -7.736  3.446   15.692  1.00 41.24 ? 98  ASP A C   1 
ATOM   116  O O   . ASP A 1 15 ? -7.865  4.090   14.644  1.00 33.57 ? 98  ASP A O   1 
ATOM   117  C CB  . ASP A 1 15 ? -6.088  4.207   17.381  1.00 39.85 ? 98  ASP A CB  1 
ATOM   118  C CG  . ASP A 1 15 ? -4.794  3.962   18.122  1.00 41.77 ? 98  ASP A CG  1 
ATOM   119  O OD1 . ASP A 1 15 ? -4.357  2.791   18.193  1.00 43.32 ? 98  ASP A OD1 1 
ATOM   120  O OD2 . ASP A 1 15 ? -4.219  4.943   18.643  1.00 44.78 ? 98  ASP A OD2 1 
ATOM   121  N N   . ALA A 1 16 ? -8.778  3.003   16.405  1.00 37.45 ? 99  ALA A N   1 
ATOM   122  C CA  . ALA A 1 16 ? -10.145 3.230   15.939  1.00 42.51 ? 99  ALA A CA  1 
ATOM   123  C C   . ALA A 1 16 ? -10.459 4.717   15.774  1.00 41.84 ? 99  ALA A C   1 
ATOM   124  O O   . ALA A 1 16 ? -11.292 5.085   14.934  1.00 40.97 ? 99  ALA A O   1 
ATOM   125  C CB  . ALA A 1 16 ? -11.144 2.583   16.897  1.00 42.98 ? 99  ALA A CB  1 
ATOM   126  N N   . ASP A 1 17 ? -9.810  5.588   16.548  1.00 40.53 ? 100 ASP A N   1 
ATOM   127  C CA  . ASP A 1 17 ? -10.048 7.024   16.451  1.00 38.65 ? 100 ASP A CA  1 
ATOM   128  C C   . ASP A 1 17 ? -9.003  7.727   15.592  1.00 37.94 ? 100 ASP A C   1 
ATOM   129  O O   . ASP A 1 17 ? -8.756  8.924   15.769  1.00 37.81 ? 100 ASP A O   1 
ATOM   130  C CB  . ASP A 1 17 ? -10.111 7.650   17.846  1.00 44.77 ? 100 ASP A CB  1 
ATOM   131  C CG  . ASP A 1 17 ? -8.777  7.607   18.582  1.00 45.61 ? 100 ASP A CG  1 
ATOM   132  O OD1 . ASP A 1 17 ? -7.953  6.711   18.287  1.00 41.50 ? 100 ASP A OD1 1 
ATOM   133  O OD2 . ASP A 1 17 ? -8.561  8.467   19.474  1.00 49.16 ? 100 ASP A OD2 1 
ATOM   134  N N   . PHE A 1 18 ? -8.410  7.004   14.637  1.00 36.67 ? 101 PHE A N   1 
ATOM   135  C CA  . PHE A 1 18 ? -7.274  7.526   13.884  1.00 34.01 ? 101 PHE A CA  1 
ATOM   136  C C   . PHE A 1 18 ? -7.597  8.862   13.224  1.00 32.99 ? 101 PHE A C   1 
ATOM   137  O O   . PHE A 1 18 ? -6.789  9.796   13.264  1.00 34.55 ? 101 PHE A O   1 
ATOM   138  C CB  . PHE A 1 18 ? -6.836  6.501   12.831  1.00 33.79 ? 101 PHE A CB  1 
ATOM   139  C CG  . PHE A 1 18 ? -5.819  7.028   11.873  1.00 31.11 ? 101 PHE A CG  1 
ATOM   140  C CD1 . PHE A 1 18 ? -4.496  7.154   12.254  1.00 33.22 ? 101 PHE A CD1 1 
ATOM   141  C CD2 . PHE A 1 18 ? -6.181  7.398   10.587  1.00 28.19 ? 101 PHE A CD2 1 
ATOM   142  C CE1 . PHE A 1 18 ? -3.550  7.648   11.372  1.00 35.49 ? 101 PHE A CE1 1 
ATOM   143  C CE2 . PHE A 1 18 ? -5.240  7.886   9.706   1.00 29.60 ? 101 PHE A CE2 1 
ATOM   144  C CZ  . PHE A 1 18 ? -3.921  8.007   10.094  1.00 30.02 ? 101 PHE A CZ  1 
ATOM   145  N N   . GLN A 1 19 ? -8.777  8.980   12.614  1.00 29.41 ? 102 GLN A N   1 
ATOM   146  C CA  . GLN A 1 19 ? -9.081  10.201  11.869  1.00 32.46 ? 102 GLN A CA  1 
ATOM   147  C C   . GLN A 1 19 ? -9.077  11.436  12.778  1.00 33.85 ? 102 GLN A C   1 
ATOM   148  O O   . GLN A 1 19 ? -8.594  12.506  12.390  1.00 34.26 ? 102 GLN A O   1 
ATOM   149  C CB  . GLN A 1 19 ? -10.420 10.041  11.161  1.00 34.80 ? 102 GLN A CB  1 
ATOM   150  C CG  . GLN A 1 19 ? -10.894 11.275  10.440  1.00 35.59 ? 102 GLN A CG  1 
ATOM   151  C CD  . GLN A 1 19 ? -12.132 10.994  9.613   1.00 36.59 ? 102 GLN A CD  1 
ATOM   152  O OE1 . GLN A 1 19 ? -12.994 10.220  10.024  1.00 38.20 ? 102 GLN A OE1 1 
ATOM   153  N NE2 . GLN A 1 19 ? -12.244 11.649  8.461   1.00 31.35 ? 102 GLN A NE2 1 
ATOM   154  N N   . ARG A 1 20 ? -9.592  11.301  13.992  1.00 34.91 ? 103 ARG A N   1 
ATOM   155  C CA  . ARG A 1 20 ? -9.491  12.369  14.984  1.00 38.82 ? 103 ARG A CA  1 
ATOM   156  C C   . ARG A 1 20 ? -8.067  12.758  15.317  1.00 35.16 ? 103 ARG A C   1 
ATOM   157  O O   . ARG A 1 20 ? -7.690  13.938  15.348  1.00 35.95 ? 103 ARG A O   1 
ATOM   158  C CB  . ARG A 1 20 ? -10.118 11.891  16.286  1.00 42.73 ? 103 ARG A CB  1 
ATOM   159  C CG  . ARG A 1 20 ? -10.889 12.923  16.991  1.00 45.92 ? 103 ARG A CG  1 
ATOM   160  C CD  . ARG A 1 20 ? -12.022 13.244  16.089  1.00 49.68 ? 103 ARG A CD  1 
ATOM   161  N NE  . ARG A 1 20 ? -12.533 12.087  15.370  1.00 55.62 ? 103 ARG A NE  1 
ATOM   162  C CZ  . ARG A 1 20 ? -13.470 12.214  14.443  1.00 53.80 ? 103 ARG A CZ  1 
ATOM   163  N NH1 . ARG A 1 20 ? -13.941 11.181  13.758  1.00 54.08 ? 103 ARG A NH1 1 
ATOM   164  N NH2 . ARG A 1 20 ? -13.895 13.425  14.168  1.00 46.30 ? 103 ARG A NH2 1 
ATOM   165  N N   . GLN A 1 21 ? -7.309  11.727  15.676  1.00 35.44 ? 104 GLN A N   1 
ATOM   166  C CA  . GLN A 1 21 ? -5.920  11.917  16.053  1.00 40.47 ? 104 GLN A CA  1 
ATOM   167  C C   . GLN A 1 21 ? -5.151  12.586  14.931  1.00 35.45 ? 104 GLN A C   1 
ATOM   168  O O   . GLN A 1 21 ? -4.386  13.531  15.161  1.00 38.17 ? 104 GLN A O   1 
ATOM   169  C CB  . GLN A 1 21 ? -5.286  10.568  16.388  1.00 39.36 ? 104 GLN A CB  1 
ATOM   170  C CG  . GLN A 1 21 ? -5.652  9.961   17.754  1.00 43.14 ? 104 GLN A CG  1 
ATOM   171  C CD  . GLN A 1 21 ? -4.928  8.631   18.017  1.00 46.17 ? 104 GLN A CD  1 
ATOM   172  O OE1 . GLN A 1 21 ? -3.725  8.604   18.304  1.00 47.76 ? 104 GLN A OE1 1 
ATOM   173  N NE2 . GLN A 1 21 ? -5.660  7.523   17.892  1.00 45.68 ? 104 GLN A NE2 1 
ATOM   174  N N   . ALA A 1 22 ? -5.381  12.132  13.698  1.00 32.95 ? 105 ALA A N   1 
ATOM   175  C CA  . ALA A 1 22 ? -4.718  12.722  12.543  1.00 32.08 ? 105 ALA A CA  1 
ATOM   176  C C   . ALA A 1 22 ? -5.033  14.205  12.427  1.00 35.90 ? 105 ALA A C   1 
ATOM   177  O O   . ALA A 1 22 ? -4.149  15.021  12.134  1.00 34.64 ? 105 ALA A O   1 
ATOM   178  C CB  . ALA A 1 22 ? -5.143  11.977  11.277  1.00 34.81 ? 105 ALA A CB  1 
ATOM   179  N N   . ALA A 1 23 ? -6.292  14.576  12.648  1.00 31.71 ? 106 ALA A N   1 
ATOM   180  C CA  . ALA A 1 23 ? -6.644  15.987  12.596  1.00 32.19 ? 106 ALA A CA  1 
ATOM   181  C C   . ALA A 1 23 ? -5.901  16.778  13.664  1.00 35.35 ? 106 ALA A C   1 
ATOM   182  O O   . ALA A 1 23 ? -5.467  17.906  13.415  1.00 34.43 ? 106 ALA A O   1 
ATOM   183  C CB  . ALA A 1 23 ? -8.156  16.149  12.745  1.00 31.39 ? 106 ALA A CB  1 
ATOM   184  N N   . LEU A 1 24 ? -5.704  16.191  14.845  1.00 36.34 ? 107 LEU A N   1 
ATOM   185  C CA  . LEU A 1 24 ? -5.002  16.926  15.891  1.00 40.16 ? 107 LEU A CA  1 
ATOM   186  C C   . LEU A 1 24 ? -3.498  16.971  15.649  1.00 42.68 ? 107 LEU A C   1 
ATOM   187  O O   . LEU A 1 24 ? -2.824  17.860  16.182  1.00 46.56 ? 107 LEU A O   1 
ATOM   188  C CB  . LEU A 1 24 ? -5.356  16.334  17.255  1.00 39.27 ? 107 LEU A CB  1 
ATOM   189  C CG  . LEU A 1 24 ? -6.855  16.611  17.457  1.00 44.15 ? 107 LEU A CG  1 
ATOM   190  C CD1 . LEU A 1 24 ? -7.560  15.531  18.276  1.00 46.47 ? 107 LEU A CD1 1 
ATOM   191  C CD2 . LEU A 1 24 ? -7.093  18.009  18.039  1.00 46.67 ? 107 LEU A CD2 1 
ATOM   192  N N   . TRP A 1 25 ? -2.968  16.068  14.825  1.00 39.00 ? 108 TRP A N   1 
ATOM   193  C CA  . TRP A 1 25 ? -1.625  16.201  14.270  1.00 40.22 ? 108 TRP A CA  1 
ATOM   194  C C   . TRP A 1 25 ? -1.579  17.131  13.055  1.00 44.49 ? 108 TRP A C   1 
ATOM   195  O O   . TRP A 1 25 ? -0.536  17.224  12.397  1.00 47.13 ? 108 TRP A O   1 
ATOM   196  C CB  . TRP A 1 25 ? -1.067  14.824  13.886  1.00 43.36 ? 108 TRP A CB  1 
ATOM   197  C CG  . TRP A 1 25 ? -0.956  13.835  15.021  1.00 42.11 ? 108 TRP A CG  1 
ATOM   198  C CD1 . TRP A 1 25 ? -0.577  14.094  16.310  1.00 43.90 ? 108 TRP A CD1 1 
ATOM   199  C CD2 . TRP A 1 25 ? -1.199  12.418  14.954  1.00 42.23 ? 108 TRP A CD2 1 
ATOM   200  N NE1 . TRP A 1 25 ? -0.587  12.931  17.050  1.00 41.01 ? 108 TRP A NE1 1 
ATOM   201  C CE2 . TRP A 1 25 ? -0.968  11.892  16.241  1.00 43.62 ? 108 TRP A CE2 1 
ATOM   202  C CE3 . TRP A 1 25 ? -1.608  11.554  13.938  1.00 39.28 ? 108 TRP A CE3 1 
ATOM   203  C CZ2 . TRP A 1 25 ? -1.127  10.535  16.533  1.00 44.85 ? 108 TRP A CZ2 1 
ATOM   204  C CZ3 . TRP A 1 25 ? -1.768  10.210  14.232  1.00 38.47 ? 108 TRP A CZ3 1 
ATOM   205  C CH2 . TRP A 1 25 ? -1.525  9.712   15.516  1.00 42.04 ? 108 TRP A CH2 1 
ATOM   206  N N   . GLY A 1 26 ? -2.684  17.802  12.731  1.00 40.24 ? 109 GLY A N   1 
ATOM   207  C CA  . GLY A 1 26 ? -2.717  18.723  11.613  1.00 40.38 ? 109 GLY A CA  1 
ATOM   208  C C   . GLY A 1 26 ? -3.009  18.118  10.258  1.00 38.17 ? 109 GLY A C   1 
ATOM   209  O O   . GLY A 1 26 ? -2.750  18.774  9.242   1.00 42.49 ? 109 GLY A O   1 
ATOM   210  N N   . VAL A 1 27 ? -3.534  16.894  10.194  1.00 37.13 ? 110 VAL A N   1 
ATOM   211  C CA  . VAL A 1 27 ? -3.827  16.237  8.928   1.00 35.20 ? 110 VAL A CA  1 
ATOM   212  C C   . VAL A 1 27 ? -5.335  16.053  8.802   1.00 31.09 ? 110 VAL A C   1 
ATOM   213  O O   . VAL A 1 27 ? -5.930  15.209  9.486   1.00 31.91 ? 110 VAL A O   1 
ATOM   214  C CB  . VAL A 1 27 ? -3.104  14.887  8.802   1.00 35.71 ? 110 VAL A CB  1 
ATOM   215  C CG1 . VAL A 1 27 ? -3.486  14.254  7.495   1.00 36.45 ? 110 VAL A CG1 1 
ATOM   216  C CG2 . VAL A 1 27 ? -1.598  15.076  8.884   1.00 39.10 ? 110 VAL A CG2 1 
ATOM   217  N N   . ALA A 1 28 ? -5.960  16.841  7.929   1.00 33.71 ? 111 ALA A N   1 
ATOM   218  C CA  . ALA A 1 28 ? -7.346  16.593  7.569   1.00 29.81 ? 111 ALA A CA  1 
ATOM   219  C C   . ALA A 1 28 ? -7.446  15.382  6.656   1.00 34.77 ? 111 ALA A C   1 
ATOM   220  O O   . ALA A 1 28 ? -6.599  15.168  5.787   1.00 34.21 ? 111 ALA A O   1 
ATOM   221  C CB  . ALA A 1 28 ? -7.943  17.808  6.868   1.00 33.32 ? 111 ALA A CB  1 
ATOM   222  N N   . LEU A 1 29 ? -8.502  14.598  6.848   1.00 31.33 ? 112 LEU A N   1 
ATOM   223  C CA  . LEU A 1 29 ? -8.787  13.438  6.010   1.00 33.18 ? 112 LEU A CA  1 
ATOM   224  C C   . LEU A 1 29 ? -10.263 13.493  5.660   1.00 33.46 ? 112 LEU A C   1 
ATOM   225  O O   . LEU A 1 29 ? -11.114 13.368  6.549   1.00 31.90 ? 112 LEU A O   1 
ATOM   226  C CB  . LEU A 1 29 ? -8.439  12.135  6.730   1.00 32.37 ? 112 LEU A CB  1 
ATOM   227  C CG  . LEU A 1 29 ? -6.955  11.895  7.032   1.00 35.89 ? 112 LEU A CG  1 
ATOM   228  C CD1 . LEU A 1 29 ? -6.756  10.629  7.837   1.00 30.85 ? 112 LEU A CD1 1 
ATOM   229  C CD2 . LEU A 1 29 ? -6.201  11.813  5.727   1.00 31.09 ? 112 LEU A CD2 1 
ATOM   230  N N   . ARG A 1 30 ? -10.569 13.697  4.374   1.00 30.12 ? 113 ARG A N   1 
ATOM   231  C CA  . ARG A 1 30 ? -11.964 13.839  3.968   1.00 31.00 ? 113 ARG A CA  1 
ATOM   232  C C   . ARG A 1 30 ? -12.742 12.548  4.163   1.00 33.41 ? 113 ARG A C   1 
ATOM   233  O O   . ARG A 1 30 ? -13.950 12.589  4.423   1.00 31.72 ? 113 ARG A O   1 
ATOM   234  C CB  . ARG A 1 30 ? -12.046 14.294  2.510   1.00 30.84 ? 113 ARG A CB  1 
ATOM   235  C CG  . ARG A 1 30 ? -11.412 15.649  2.259   1.00 32.49 ? 113 ARG A CG  1 
ATOM   236  C CD  . ARG A 1 30 ? -11.719 16.144  0.854   1.00 34.52 ? 113 ARG A CD  1 
ATOM   237  N NE  . ARG A 1 30 ? -13.153 16.369  0.663   1.00 30.50 ? 113 ARG A NE  1 
ATOM   238  C CZ  . ARG A 1 30 ? -13.718 16.601  -0.516  1.00 35.14 ? 113 ARG A CZ  1 
ATOM   239  N NH1 . ARG A 1 30 ? -12.970 16.630  -1.613  1.00 32.85 ? 113 ARG A NH1 1 
ATOM   240  N NH2 . ARG A 1 30 ? -15.031 16.788  -0.604  1.00 34.37 ? 113 ARG A NH2 1 
ATOM   241  N N   . GLU A 1 31 ? -12.069 11.408  4.061   1.00 32.20 ? 114 GLU A N   1 
ATOM   242  C CA  . GLU A 1 31 ? -12.644 10.080  4.199   1.00 31.41 ? 114 GLU A CA  1 
ATOM   243  C C   . GLU A 1 31 ? -11.685 9.235   5.018   1.00 32.35 ? 114 GLU A C   1 
ATOM   244  O O   . GLU A 1 31 ? -10.488 9.534   5.076   1.00 31.33 ? 114 GLU A O   1 
ATOM   245  C CB  . GLU A 1 31 ? -12.860 9.408   2.836   1.00 28.75 ? 114 GLU A CB  1 
ATOM   246  C CG  . GLU A 1 31 ? -13.809 10.161  1.896   1.00 39.69 ? 114 GLU A CG  1 
ATOM   247  C CD  . GLU A 1 31 ? -15.214 10.269  2.456   1.00 41.98 ? 114 GLU A CD  1 
ATOM   248  O OE1 . GLU A 1 31 ? -15.932 11.238  2.107   1.00 45.04 ? 114 GLU A OE1 1 
ATOM   249  O OE2 . GLU A 1 31 ? -15.599 9.378   3.246   1.00 44.62 ? 114 GLU A OE2 1 
ATOM   250  N N   . PRO A 1 32 ? -12.179 8.178   5.665   1.00 34.10 ? 115 PRO A N   1 
ATOM   251  C CA  . PRO A 1 32 ? -11.280 7.252   6.371   1.00 32.94 ? 115 PRO A CA  1 
ATOM   252  C C   . PRO A 1 32 ? -10.252 6.636   5.435   1.00 31.63 ? 115 PRO A C   1 
ATOM   253  O O   . PRO A 1 32 ? -10.477 6.494   4.234   1.00 31.49 ? 115 PRO A O   1 
ATOM   254  C CB  . PRO A 1 32 ? -12.234 6.183   6.911   1.00 35.33 ? 115 PRO A CB  1 
ATOM   255  C CG  . PRO A 1 32 ? -13.511 6.925   7.134   1.00 38.12 ? 115 PRO A CG  1 
ATOM   256  C CD  . PRO A 1 32 ? -13.594 7.924   5.991   1.00 37.38 ? 115 PRO A CD  1 
ATOM   257  N N   . VAL A 1 33 ? -9.110  6.252   6.009   1.00 32.83 ? 116 VAL A N   1 
ATOM   258  C CA  . VAL A 1 33 ? -8.103  5.528   5.242   1.00 27.97 ? 116 VAL A CA  1 
ATOM   259  C C   . VAL A 1 33 ? -8.750  4.311   4.610   1.00 30.47 ? 116 VAL A C   1 
ATOM   260  O O   . VAL A 1 33 ? -9.529  3.608   5.260   1.00 31.90 ? 116 VAL A O   1 
ATOM   261  C CB  . VAL A 1 33 ? -6.925  5.138   6.156   1.00 26.18 ? 116 VAL A CB  1 
ATOM   262  C CG1 . VAL A 1 33 ? -5.913  4.281   5.397   1.00 27.36 ? 116 VAL A CG1 1 
ATOM   263  C CG2 . VAL A 1 33 ? -6.274  6.387   6.710   1.00 26.45 ? 116 VAL A CG2 1 
ATOM   264  N N   . THR A 1 34 ? -8.456  4.066   3.331   1.00 28.14 ? 117 THR A N   1 
ATOM   265  C CA  . THR A 1 34 ? -9.036  2.901   2.685   1.00 29.18 ? 117 THR A CA  1 
ATOM   266  C C   . THR A 1 34 ? -8.193  1.661   2.966   1.00 29.55 ? 117 THR A C   1 
ATOM   267  O O   . THR A 1 34 ? -7.041  1.743   3.397   1.00 29.97 ? 117 THR A O   1 
ATOM   268  C CB  . THR A 1 34 ? -9.133  3.079   1.173   1.00 31.87 ? 117 THR A CB  1 
ATOM   269  O OG1 . THR A 1 34 ? -7.820  3.061   0.614   1.00 29.85 ? 117 THR A OG1 1 
ATOM   270  C CG2 . THR A 1 34 ? -9.808  4.402   0.827   1.00 33.68 ? 117 THR A CG2 1 
ATOM   271  N N   . ALA A 1 35 ? -8.765  0.494   2.660   1.00 33.52 ? 118 ALA A N   1 
ATOM   272  C CA  . ALA A 1 35 ? -8.006  -0.743  2.819   1.00 34.87 ? 118 ALA A CA  1 
ATOM   273  C C   . ALA A 1 35 ? -6.820  -0.788  1.859   1.00 33.95 ? 118 ALA A C   1 
ATOM   274  O O   . ALA A 1 35 ? -5.741  -1.266  2.225   1.00 32.12 ? 118 ALA A O   1 
ATOM   275  C CB  . ALA A 1 35 ? -8.923  -1.953  2.622   1.00 36.77 ? 118 ALA A CB  1 
ATOM   276  N N   . GLU A 1 36 ? -6.999  -0.287  0.628   1.00 29.53 ? 119 GLU A N   1 
ATOM   277  C CA  . GLU A 1 36 ? -5.885  -0.206  -0.318  1.00 30.09 ? 119 GLU A CA  1 
ATOM   278  C C   . GLU A 1 36 ? -4.772  0.695   0.198   1.00 29.55 ? 119 GLU A C   1 
ATOM   279  O O   . GLU A 1 36 ? -3.586  0.395   0.017   1.00 28.88 ? 119 GLU A O   1 
ATOM   280  C CB  . GLU A 1 36 ? -6.361  0.349   -1.661  1.00 35.31 ? 119 GLU A CB  1 
ATOM   281  C CG  . GLU A 1 36 ? -7.243  -0.527  -2.469  1.00 41.37 ? 119 GLU A CG  1 
ATOM   282  C CD  . GLU A 1 36 ? -7.506  0.088   -3.828  1.00 45.84 ? 119 GLU A CD  1 
ATOM   283  O OE1 . GLU A 1 36 ? -7.427  1.338   -3.942  1.00 41.79 ? 119 GLU A OE1 1 
ATOM   284  O OE2 . GLU A 1 36 ? -7.782  -0.673  -4.775  1.00 45.54 ? 119 GLU A OE2 1 
ATOM   285  N N   . GLU A 1 37 ? -5.137  1.842   0.775   1.00 28.50 ? 120 GLU A N   1 
ATOM   286  C CA  . GLU A 1 37 ? -4.126  2.768   1.273   1.00 26.89 ? 120 GLU A CA  1 
ATOM   287  C C   . GLU A 1 37 ? -3.356  2.170   2.442   1.00 27.56 ? 120 GLU A C   1 
ATOM   288  O O   . GLU A 1 37 ? -2.130  2.294   2.512   1.00 28.63 ? 120 GLU A O   1 
ATOM   289  C CB  . GLU A 1 37 ? -4.786  4.078   1.687   1.00 27.87 ? 120 GLU A CB  1 
ATOM   290  C CG  . GLU A 1 37 ? -5.178  4.947   0.490   1.00 26.57 ? 120 GLU A CG  1 
ATOM   291  C CD  . GLU A 1 37 ? -6.097  6.090   0.874   1.00 33.77 ? 120 GLU A CD  1 
ATOM   292  O OE1 . GLU A 1 37 ? -6.780  5.987   1.923   1.00 31.18 ? 120 GLU A OE1 1 
ATOM   293  O OE2 . GLU A 1 37 ? -6.124  7.096   0.136   1.00 32.44 ? 120 GLU A OE2 1 
ATOM   294  N N   . LEU A 1 38 ? -4.062  1.548   3.386   1.00 27.61 ? 121 LEU A N   1 
ATOM   295  C CA  . LEU A 1 38 ? -3.381  0.898   4.507   1.00 27.54 ? 121 LEU A CA  1 
ATOM   296  C C   . LEU A 1 38 ? -2.435  -0.198  4.025   1.00 27.12 ? 121 LEU A C   1 
ATOM   297  O O   . LEU A 1 38 ? -1.300  -0.301  4.505   1.00 28.39 ? 121 LEU A O   1 
ATOM   298  C CB  . LEU A 1 38 ? -4.404  0.336   5.494   1.00 29.15 ? 121 LEU A CB  1 
ATOM   299  C CG  . LEU A 1 38 ? -3.759  -0.261  6.754   1.00 29.07 ? 121 LEU A CG  1 
ATOM   300  C CD1 . LEU A 1 38 ? -2.989  0.820   7.488   1.00 30.83 ? 121 LEU A CD1 1 
ATOM   301  C CD2 . LEU A 1 38 ? -4.802  -0.890  7.655   1.00 33.36 ? 121 LEU A CD2 1 
ATOM   302  N N   . ALA A 1 39 ? -2.874  -1.023  3.067   1.00 26.81 ? 122 ALA A N   1 
ATOM   303  C CA  . ALA A 1 39 ? -2.040  -2.132  2.611   1.00 26.61 ? 122 ALA A CA  1 
ATOM   304  C C   . ALA A 1 39 ? -0.800  -1.639  1.878   1.00 26.58 ? 122 ALA A C   1 
ATOM   305  O O   . ALA A 1 39 ? 0.265   -2.264  1.955   1.00 23.60 ? 122 ALA A O   1 
ATOM   306  C CB  . ALA A 1 39 ? -2.851  -3.064  1.709   1.00 30.91 ? 122 ALA A CB  1 
ATOM   307  N N   . ALA A 1 40 ? -0.918  -0.541  1.125   1.00 25.44 ? 123 ALA A N   1 
ATOM   308  C CA  . ALA A 1 40 ? 0.260   -0.021  0.442   1.00 25.14 ? 123 ALA A CA  1 
ATOM   309  C C   . ALA A 1 40 ? 1.268   0.503   1.452   1.00 29.09 ? 123 ALA A C   1 
ATOM   310  O O   . ALA A 1 40 ? 2.476   0.271   1.319   1.00 28.48 ? 123 ALA A O   1 
ATOM   311  C CB  . ALA A 1 40 ? -0.144  1.079   -0.549  1.00 30.70 ? 123 ALA A CB  1 
ATOM   312  N N   . PHE A 1 41 ? 0.776   1.219   2.467   1.00 28.15 ? 124 PHE A N   1 
ATOM   313  C CA  . PHE A 1 41 ? 1.622   1.738   3.538   1.00 26.74 ? 124 PHE A CA  1 
ATOM   314  C C   . PHE A 1 41 ? 2.331   0.614   4.288   1.00 28.05 ? 124 PHE A C   1 
ATOM   315  O O   . PHE A 1 41 ? 3.547   0.668   4.499   1.00 28.41 ? 124 PHE A O   1 
ATOM   316  C CB  . PHE A 1 41 ? 0.756   2.568   4.495   1.00 28.93 ? 124 PHE A CB  1 
ATOM   317  C CG  . PHE A 1 41 ? 1.504   3.177   5.660   1.00 28.74 ? 124 PHE A CG  1 
ATOM   318  C CD1 . PHE A 1 41 ? 2.099   4.423   5.539   1.00 32.81 ? 124 PHE A CD1 1 
ATOM   319  C CD2 . PHE A 1 41 ? 1.551   2.532   6.889   1.00 32.33 ? 124 PHE A CD2 1 
ATOM   320  C CE1 . PHE A 1 41 ? 2.769   4.998   6.604   1.00 33.45 ? 124 PHE A CE1 1 
ATOM   321  C CE2 . PHE A 1 41 ? 2.216   3.116   7.972   1.00 30.44 ? 124 PHE A CE2 1 
ATOM   322  C CZ  . PHE A 1 41 ? 2.826   4.344   7.815   1.00 31.73 ? 124 PHE A CZ  1 
ATOM   323  N N   . ILE A 1 42 ? 1.576   -0.396  4.724   1.00 27.24 ? 125 ILE A N   1 
ATOM   324  C CA  . ILE A 1 42 ? 2.154   -1.496  5.497   1.00 28.45 ? 125 ILE A CA  1 
ATOM   325  C C   . ILE A 1 42 ? 3.165   -2.262  4.657   1.00 30.11 ? 125 ILE A C   1 
ATOM   326  O O   . ILE A 1 42 ? 4.271   -2.576  5.115   1.00 30.37 ? 125 ILE A O   1 
ATOM   327  C CB  . ILE A 1 42 ? 1.047   -2.431  6.010   1.00 27.74 ? 125 ILE A CB  1 
ATOM   328  C CG1 . ILE A 1 42 ? 0.178   -1.723  7.054   1.00 25.86 ? 125 ILE A CG1 1 
ATOM   329  C CG2 . ILE A 1 42 ? 1.650   -3.707  6.613   1.00 30.26 ? 125 ILE A CG2 1 
ATOM   330  C CD1 . ILE A 1 42 ? -0.955  -2.593  7.542   1.00 30.03 ? 125 ILE A CD1 1 
ATOM   331  N N   . ALA A 1 43 ? 2.792   -2.601  3.418   1.00 28.91 ? 126 ALA A N   1 
ATOM   332  C CA  . ALA A 1 43 ? 3.717   -3.329  2.552   1.00 26.07 ? 126 ALA A CA  1 
ATOM   333  C C   . ALA A 1 43 ? 5.029   -2.569  2.411   1.00 31.85 ? 126 ALA A C   1 
ATOM   334  O O   . ALA A 1 43 ? 6.116   -3.150  2.526   1.00 30.08 ? 126 ALA A O   1 
ATOM   335  C CB  . ALA A 1 43 ? 3.087   -3.564  1.175   1.00 28.14 ? 126 ALA A CB  1 
ATOM   336  N N   . TYR A 1 44 ? 4.938   -1.258  2.169   1.00 29.19 ? 127 TYR A N   1 
ATOM   337  C CA  . TYR A 1 44 ? 6.134   -0.443  1.983   1.00 30.90 ? 127 TYR A CA  1 
ATOM   338  C C   . TYR A 1 44 ? 6.999   -0.435  3.240   1.00 34.16 ? 127 TYR A C   1 
ATOM   339  O O   . TYR A 1 44 ? 8.216   -0.658  3.172   1.00 33.28 ? 127 TYR A O   1 
ATOM   340  C CB  . TYR A 1 44 ? 5.737   0.981   1.599   1.00 33.55 ? 127 TYR A CB  1 
ATOM   341  C CG  . TYR A 1 44 ? 6.910   1.911   1.435   1.00 37.91 ? 127 TYR A CG  1 
ATOM   342  C CD1 . TYR A 1 44 ? 7.566   2.014   0.220   1.00 39.81 ? 127 TYR A CD1 1 
ATOM   343  C CD2 . TYR A 1 44 ? 7.368   2.687   2.500   1.00 39.15 ? 127 TYR A CD2 1 
ATOM   344  C CE1 . TYR A 1 44 ? 8.644   2.858   0.058   1.00 44.22 ? 127 TYR A CE1 1 
ATOM   345  C CE2 . TYR A 1 44 ? 8.450   3.536   2.347   1.00 41.54 ? 127 TYR A CE2 1 
ATOM   346  C CZ  . TYR A 1 44 ? 9.080   3.618   1.119   1.00 44.59 ? 127 TYR A CZ  1 
ATOM   347  O OH  . TYR A 1 44 ? 10.158  4.454   0.946   1.00 52.91 ? 127 TYR A OH  1 
ATOM   348  N N   . TRP A 1 45 ? 6.391   -0.171  4.402   1.00 31.64 ? 128 TRP A N   1 
ATOM   349  C CA  . TRP A 1 45 ? 7.192   -0.047  5.620   1.00 34.31 ? 128 TRP A CA  1 
ATOM   350  C C   . TRP A 1 45 ? 7.572   -1.398  6.211   1.00 36.29 ? 128 TRP A C   1 
ATOM   351  O O   . TRP A 1 45 ? 8.610   -1.499  6.881   1.00 41.41 ? 128 TRP A O   1 
ATOM   352  C CB  . TRP A 1 45 ? 6.456   0.817   6.657   1.00 34.73 ? 128 TRP A CB  1 
ATOM   353  C CG  . TRP A 1 45 ? 6.415   2.233   6.249   1.00 34.37 ? 128 TRP A CG  1 
ATOM   354  C CD1 . TRP A 1 45 ? 5.332   2.913   5.754   1.00 38.15 ? 128 TRP A CD1 1 
ATOM   355  C CD2 . TRP A 1 45 ? 7.501   3.172   6.260   1.00 40.81 ? 128 TRP A CD2 1 
ATOM   356  N NE1 . TRP A 1 45 ? 5.681   4.202   5.453   1.00 33.58 ? 128 TRP A NE1 1 
ATOM   357  C CE2 . TRP A 1 45 ? 7.003   4.391   5.757   1.00 39.05 ? 128 TRP A CE2 1 
ATOM   358  C CE3 . TRP A 1 45 ? 8.843   3.101   6.646   1.00 43.61 ? 128 TRP A CE3 1 
ATOM   359  C CZ2 . TRP A 1 45 ? 7.797   5.532   5.635   1.00 42.85 ? 128 TRP A CZ2 1 
ATOM   360  C CZ3 . TRP A 1 45 ? 9.631   4.235   6.522   1.00 41.59 ? 128 TRP A CZ3 1 
ATOM   361  C CH2 . TRP A 1 45 ? 9.105   5.433   6.020   1.00 44.24 ? 128 TRP A CH2 1 
ATOM   362  N N   . GLN A 1 46 ? 6.768   -2.446  5.997   1.00 34.45 ? 129 GLN A N   1 
ATOM   363  C CA  . GLN A 1 46 ? 7.201   -3.773  6.435   1.00 33.86 ? 129 GLN A CA  1 
ATOM   364  C C   . GLN A 1 46 ? 8.486   -4.173  5.726   1.00 38.78 ? 129 GLN A C   1 
ATOM   365  O O   . GLN A 1 46 ? 9.331   -4.866  6.306   1.00 34.52 ? 129 GLN A O   1 
ATOM   366  C CB  . GLN A 1 46 ? 6.093   -4.809  6.197   1.00 34.63 ? 129 GLN A CB  1 
ATOM   367  C CG  . GLN A 1 46 ? 6.489   -6.295  6.363   1.00 37.32 ? 129 GLN A CG  1 
ATOM   368  C CD  . GLN A 1 46 ? 5.507   -7.234  5.675   1.00 41.07 ? 129 GLN A CD  1 
ATOM   369  O OE1 . GLN A 1 46 ? 4.459   -6.801  5.181   1.00 39.87 ? 129 GLN A OE1 1 
ATOM   370  N NE2 . GLN A 1 46 ? 5.838   -8.524  5.633   1.00 45.82 ? 129 GLN A NE2 1 
ATOM   371  N N   . ALA A 1 47 ? 8.665   -3.712  4.485   1.00 35.56 ? 130 ALA A N   1 
ATOM   372  C CA  . ALA A 1 47 ? 9.878   -3.987  3.722   1.00 38.78 ? 130 ALA A CA  1 
ATOM   373  C C   . ALA A 1 47 ? 10.998  -3.017  4.062   1.00 42.04 ? 130 ALA A C   1 
ATOM   374  O O   . ALA A 1 47 ? 12.175  -3.379  3.966   1.00 42.98 ? 130 ALA A O   1 
ATOM   375  C CB  . ALA A 1 47 ? 9.586   -3.924  2.221   1.00 35.16 ? 130 ALA A CB  1 
ATOM   376  N N   . GLU A 1 48 ? 10.662  -1.788  4.455   1.00 38.78 ? 131 GLU A N   1 
ATOM   377  C CA  . GLU A 1 48 ? 11.703  -0.837  4.827   1.00 44.47 ? 131 GLU A CA  1 
ATOM   378  C C   . GLU A 1 48 ? 12.419  -1.266  6.101   1.00 43.48 ? 131 GLU A C   1 
ATOM   379  O O   . GLU A 1 48 ? 13.609  -0.982  6.269   1.00 50.49 ? 131 GLU A O   1 
ATOM   380  C CB  . GLU A 1 48 ? 11.101  0.560   4.980   1.00 46.97 ? 131 GLU A CB  1 
ATOM   381  C CG  . GLU A 1 48 ? 12.071  1.706   4.730   1.00 52.33 ? 131 GLU A CG  1 
ATOM   382  C CD  . GLU A 1 48 ? 12.477  1.840   3.280   1.00 50.83 ? 131 GLU A CD  1 
ATOM   383  O OE1 . GLU A 1 48 ? 11.837  1.206   2.415   1.00 55.94 ? 131 GLU A OE1 1 
ATOM   384  O OE2 . GLU A 1 48 ? 13.441  2.587   3.000   1.00 60.31 ? 131 GLU A OE2 1 
ATOM   385  N N   . GLY A 1 49 ? 11.723  -1.959  6.999   1.00 40.84 ? 132 GLY A N   1 
ATOM   386  C CA  . GLY A 1 49 ? 12.339  -2.516  8.183   1.00 41.86 ? 132 GLY A CA  1 
ATOM   387  C C   . GLY A 1 49 ? 12.553  -1.559  9.342   1.00 43.48 ? 132 GLY A C   1 
ATOM   388  O O   . GLY A 1 49 ? 12.817  -2.022  10.459  1.00 43.83 ? 132 GLY A O   1 
ATOM   389  N N   . LYS A 1 50 ? 12.459  -0.245  9.124   1.00 47.60 ? 133 LYS A N   1 
ATOM   390  C CA  . LYS A 1 50 ? 12.669  0.703   10.212  1.00 45.13 ? 133 LYS A CA  1 
ATOM   391  C C   . LYS A 1 50 ? 11.630  0.493   11.308  1.00 44.40 ? 133 LYS A C   1 
ATOM   392  O O   . LYS A 1 50 ? 10.543  -0.037  11.075  1.00 38.95 ? 133 LYS A O   1 
ATOM   393  C CB  . LYS A 1 50 ? 12.610  2.136   9.698   1.00 46.14 ? 133 LYS A CB  1 
ATOM   394  C CG  . LYS A 1 50 ? 13.414  2.350   8.440   1.00 49.27 ? 133 LYS A CG  1 
ATOM   395  C CD  . LYS A 1 50 ? 13.159  3.716   7.826   1.00 54.69 ? 133 LYS A CD  1 
ATOM   396  C CE  . LYS A 1 50 ? 14.405  4.585   7.872   1.00 57.74 ? 133 LYS A CE  1 
ATOM   397  N NZ  . LYS A 1 50 ? 14.073  6.033   7.773   1.00 59.71 ? 133 LYS A NZ  1 
ATOM   398  N N   . VAL A 1 51 ? 11.978  0.889   12.528  1.00 42.51 ? 134 VAL A N   1 
ATOM   399  C CA  . VAL A 1 51 ? 11.086  0.712   13.667  1.00 43.09 ? 134 VAL A CA  1 
ATOM   400  C C   . VAL A 1 51 ? 10.661  2.080   14.183  1.00 41.83 ? 134 VAL A C   1 
ATOM   401  O O   . VAL A 1 51 ? 11.431  3.047   14.137  1.00 40.63 ? 134 VAL A O   1 
ATOM   402  C CB  . VAL A 1 51 ? 11.732  -0.137  14.781  1.00 42.08 ? 134 VAL A CB  1 
ATOM   403  C CG1 . VAL A 1 51 ? 12.138  -1.495  14.235  1.00 39.63 ? 134 VAL A CG1 1 
ATOM   404  C CG2 . VAL A 1 51 ? 12.917  0.594   15.409  1.00 46.14 ? 134 VAL A CG2 1 
ATOM   405  N N   . PHE A 1 52 ? 9.415   2.158   14.641  1.00 40.80 ? 135 PHE A N   1 
ATOM   406  C CA  . PHE A 1 52 ? 8.844   3.373   15.200  1.00 39.24 ? 135 PHE A CA  1 
ATOM   407  C C   . PHE A 1 52 ? 7.856   2.972   16.278  1.00 42.38 ? 135 PHE A C   1 
ATOM   408  O O   . PHE A 1 52 ? 7.384   1.831   16.318  1.00 35.46 ? 135 PHE A O   1 
ATOM   409  C CB  . PHE A 1 52 ? 8.113   4.222   14.147  1.00 40.30 ? 135 PHE A CB  1 
ATOM   410  C CG  . PHE A 1 52 ? 9.010   4.830   13.105  1.00 42.08 ? 135 PHE A CG  1 
ATOM   411  C CD1 . PHE A 1 52 ? 9.651   6.031   13.343  1.00 43.17 ? 135 PHE A CD1 1 
ATOM   412  C CD2 . PHE A 1 52 ? 9.182   4.219   11.871  1.00 40.97 ? 135 PHE A CD2 1 
ATOM   413  C CE1 . PHE A 1 52 ? 10.463  6.601   12.383  1.00 40.64 ? 135 PHE A CE1 1 
ATOM   414  C CE2 . PHE A 1 52 ? 9.998   4.790   10.908  1.00 43.52 ? 135 PHE A CE2 1 
ATOM   415  C CZ  . PHE A 1 52 ? 10.637  5.983   11.166  1.00 45.61 ? 135 PHE A CZ  1 
ATOM   416  N N   . HIS A 1 53 ? 7.547   3.925   17.159  1.00 44.67 ? 136 HIS A N   1 
ATOM   417  C CA  . HIS A 1 53 ? 6.443   3.723   18.079  1.00 42.81 ? 136 HIS A CA  1 
ATOM   418  C C   . HIS A 1 53 ? 5.126   3.753   17.308  1.00 38.33 ? 136 HIS A C   1 
ATOM   419  O O   . HIS A 1 53 ? 5.041   4.289   16.204  1.00 35.14 ? 136 HIS A O   1 
ATOM   420  C CB  . HIS A 1 53 ? 6.439   4.795   19.172  1.00 44.36 ? 136 HIS A CB  1 
ATOM   421  C CG  . HIS A 1 53 ? 7.613   4.720   20.104  1.00 46.69 ? 136 HIS A CG  1 
ATOM   422  N ND1 . HIS A 1 53 ? 7.638   3.892   21.208  1.00 52.02 ? 136 HIS A ND1 1 
ATOM   423  C CD2 . HIS A 1 53 ? 8.795   5.380   20.103  1.00 48.80 ? 136 HIS A CD2 1 
ATOM   424  C CE1 . HIS A 1 53 ? 8.790   4.040   21.841  1.00 48.83 ? 136 HIS A CE1 1 
ATOM   425  N NE2 . HIS A 1 53 ? 9.509   4.939   21.192  1.00 51.06 ? 136 HIS A NE2 1 
ATOM   426  N N   . HIS A 1 54 ? 4.093   3.167   17.916  1.00 39.87 ? 137 HIS A N   1 
ATOM   427  C CA  . HIS A 1 54 ? 2.763   3.142   17.311  1.00 36.80 ? 137 HIS A CA  1 
ATOM   428  C C   . HIS A 1 54 ? 2.280   4.541   16.943  1.00 38.52 ? 137 HIS A C   1 
ATOM   429  O O   . HIS A 1 54 ? 1.722   4.746   15.856  1.00 34.20 ? 137 HIS A O   1 
ATOM   430  C CB  . HIS A 1 54 ? 1.795   2.450   18.275  1.00 39.41 ? 137 HIS A CB  1 
ATOM   431  C CG  . HIS A 1 54 ? 0.419   2.238   17.728  1.00 38.86 ? 137 HIS A CG  1 
ATOM   432  N ND1 . HIS A 1 54 ? 0.170   1.463   16.617  1.00 39.67 ? 137 HIS A ND1 1 
ATOM   433  C CD2 . HIS A 1 54 ? -0.789  2.669   18.163  1.00 38.49 ? 137 HIS A CD2 1 
ATOM   434  C CE1 . HIS A 1 54 ? -1.129  1.441   16.379  1.00 37.64 ? 137 HIS A CE1 1 
ATOM   435  N NE2 . HIS A 1 54 ? -1.735  2.165   17.302  1.00 37.27 ? 137 HIS A NE2 1 
ATOM   436  N N   . ILE A 1 55 ? 2.514   5.524   17.816  1.00 35.13 ? 138 ILE A N   1 
ATOM   437  C CA  . ILE A 1 55 ? 2.072   6.886   17.530  1.00 36.21 ? 138 ILE A CA  1 
ATOM   438  C C   . ILE A 1 55 ? 2.774   7.420   16.290  1.00 34.91 ? 138 ILE A C   1 
ATOM   439  O O   . ILE A 1 55 ? 2.158   8.076   15.441  1.00 36.40 ? 138 ILE A O   1 
ATOM   440  C CB  . ILE A 1 55 ? 2.295   7.805   18.753  1.00 41.23 ? 138 ILE A CB  1 
ATOM   441  C CG1 . ILE A 1 55 ? 1.771   9.213   18.477  1.00 40.33 ? 138 ILE A CG1 1 
ATOM   442  C CG2 . ILE A 1 55 ? 3.755   7.858   19.152  1.00 45.06 ? 138 ILE A CG2 1 
ATOM   443  C CD1 . ILE A 1 55 ? 1.723   10.065  19.721  1.00 53.12 ? 138 ILE A CD1 1 
ATOM   444  N N   . GLN A 1 56 ? 4.063   7.108   16.143  1.00 36.32 ? 139 GLN A N   1 
ATOM   445  C CA  . GLN A 1 56 ? 4.815   7.585   14.991  1.00 37.45 ? 139 GLN A CA  1 
ATOM   446  C C   . GLN A 1 56 ? 4.397   6.854   13.717  1.00 36.37 ? 139 GLN A C   1 
ATOM   447  O O   . GLN A 1 56 ? 4.341   7.463   12.646  1.00 36.33 ? 139 GLN A O   1 
ATOM   448  C CB  . GLN A 1 56 ? 6.317   7.437   15.244  1.00 43.07 ? 139 GLN A CB  1 
ATOM   449  C CG  . GLN A 1 56 ? 6.853   8.339   16.363  1.00 44.94 ? 139 GLN A CG  1 
ATOM   450  C CD  . GLN A 1 56 ? 8.262   7.965   16.821  1.00 54.09 ? 139 GLN A CD  1 
ATOM   451  O OE1 . GLN A 1 56 ? 8.565   6.788   17.081  1.00 52.55 ? 139 GLN A OE1 1 
ATOM   452  N NE2 . GLN A 1 56 ? 9.128   8.973   16.942  1.00 56.69 ? 139 GLN A NE2 1 
ATOM   453  N N   . TRP A 1 57 ? 4.099   5.554   13.805  1.00 35.12 ? 140 TRP A N   1 
ATOM   454  C CA  . TRP A 1 57 ? 3.509   4.874   12.652  1.00 32.33 ? 140 TRP A CA  1 
ATOM   455  C C   . TRP A 1 57 ? 2.219   5.567   12.223  1.00 35.32 ? 140 TRP A C   1 
ATOM   456  O O   . TRP A 1 57 ? 1.989   5.794   11.030  1.00 35.91 ? 140 TRP A O   1 
ATOM   457  C CB  . TRP A 1 57 ? 3.243   3.406   12.977  1.00 32.78 ? 140 TRP A CB  1 
ATOM   458  C CG  . TRP A 1 57 ? 4.474   2.544   12.976  1.00 34.83 ? 140 TRP A CG  1 
ATOM   459  C CD1 . TRP A 1 57 ? 4.922   1.754   14.002  1.00 40.30 ? 140 TRP A CD1 1 
ATOM   460  C CD2 . TRP A 1 57 ? 5.400   2.360   11.894  1.00 34.97 ? 140 TRP A CD2 1 
ATOM   461  N NE1 . TRP A 1 57 ? 6.076   1.100   13.628  1.00 35.97 ? 140 TRP A NE1 1 
ATOM   462  C CE2 . TRP A 1 57 ? 6.384   1.452   12.336  1.00 36.23 ? 140 TRP A CE2 1 
ATOM   463  C CE3 . TRP A 1 57 ? 5.491   2.876   10.593  1.00 31.75 ? 140 TRP A CE3 1 
ATOM   464  C CZ2 . TRP A 1 57 ? 7.450   1.056   11.524  1.00 35.79 ? 140 TRP A CZ2 1 
ATOM   465  C CZ3 . TRP A 1 57 ? 6.549   2.485   9.793   1.00 39.63 ? 140 TRP A CZ3 1 
ATOM   466  C CH2 . TRP A 1 57 ? 7.512   1.577   10.257  1.00 34.62 ? 140 TRP A CH2 1 
ATOM   467  N N   . GLN A 1 58 ? 1.366   5.917   13.195  1.00 31.84 ? 141 GLN A N   1 
ATOM   468  C CA  . GLN A 1 58 ? 0.095   6.556   12.866  1.00 35.52 ? 141 GLN A CA  1 
ATOM   469  C C   . GLN A 1 58 ? 0.310   7.932   12.251  1.00 32.47 ? 141 GLN A C   1 
ATOM   470  O O   . GLN A 1 58 ? -0.355  8.286   11.274  1.00 34.24 ? 141 GLN A O   1 
ATOM   471  C CB  . GLN A 1 58 ? -0.792  6.643   14.113  1.00 33.17 ? 141 GLN A CB  1 
ATOM   472  C CG  . GLN A 1 58 ? -1.218  5.260   14.610  1.00 35.30 ? 141 GLN A CG  1 
ATOM   473  C CD  . GLN A 1 58 ? -2.247  5.310   15.719  1.00 41.36 ? 141 GLN A CD  1 
ATOM   474  O OE1 . GLN A 1 58 ? -3.450  5.187   15.480  1.00 38.18 ? 141 GLN A OE1 1 
ATOM   475  N NE2 . GLN A 1 58 ? -1.776  5.497   16.946  1.00 37.50 ? 141 GLN A NE2 1 
ATOM   476  N N   . GLN A 1 59 ? 1.240   8.717   12.801  1.00 33.51 ? 142 GLN A N   1 
ATOM   477  C CA  . GLN A 1 59 ? 1.560   10.014  12.214  1.00 36.52 ? 142 GLN A CA  1 
ATOM   478  C C   . GLN A 1 59 ? 2.088   9.869   10.794  1.00 37.57 ? 142 GLN A C   1 
ATOM   479  O O   . GLN A 1 59 ? 1.769   10.682  9.917   1.00 35.94 ? 142 GLN A O   1 
ATOM   480  C CB  . GLN A 1 59 ? 2.580   10.741  13.082  1.00 39.24 ? 142 GLN A CB  1 
ATOM   481  C CG  . GLN A 1 59 ? 2.028   11.141  14.434  1.00 38.49 ? 142 GLN A CG  1 
ATOM   482  C CD  . GLN A 1 59 ? 3.105   11.583  15.400  1.00 44.37 ? 142 GLN A CD  1 
ATOM   483  O OE1 . GLN A 1 59 ? 4.286   11.291  15.204  1.00 41.57 ? 142 GLN A OE1 1 
ATOM   484  N NE2 . GLN A 1 59 ? 2.704   12.312  16.447  1.00 38.68 ? 142 GLN A NE2 1 
ATOM   485  N N   . LYS A 1 60 ? 2.912   8.850   10.550  1.00 34.52 ? 143 LYS A N   1 
ATOM   486  C CA  . LYS A 1 60 ? 3.409   8.627   9.196   1.00 33.69 ? 143 LYS A CA  1 
ATOM   487  C C   . LYS A 1 60 ? 2.278   8.236   8.250   1.00 31.64 ? 143 LYS A C   1 
ATOM   488  O O   . LYS A 1 60 ? 2.214   8.717   7.114   1.00 31.07 ? 143 LYS A O   1 
ATOM   489  C CB  . LYS A 1 60 ? 4.499   7.556   9.216   1.00 37.17 ? 143 LYS A CB  1 
ATOM   490  C CG  . LYS A 1 60 ? 5.774   8.004   9.928   1.00 39.63 ? 143 LYS A CG  1 
ATOM   491  C CD  . LYS A 1 60 ? 6.684   6.827   10.266  1.00 42.56 ? 143 LYS A CD  1 
ATOM   492  C CE  . LYS A 1 60 ? 7.578   6.471   9.089   1.00 43.41 ? 143 LYS A CE  1 
ATOM   493  N NZ  . LYS A 1 60 ? 8.345   7.660   8.618   1.00 47.83 ? 143 LYS A NZ  1 
ATOM   494  N N   . LEU A 1 61 ? 1.379   7.359   8.700   1.00 34.04 ? 144 LEU A N   1 
ATOM   495  C CA  . LEU A 1 61 ? 0.244   6.980   7.866   1.00 29.98 ? 144 LEU A CA  1 
ATOM   496  C C   . LEU A 1 61 ? -0.598  8.192   7.513   1.00 31.97 ? 144 LEU A C   1 
ATOM   497  O O   . LEU A 1 61 ? -1.004  8.366   6.357   1.00 32.00 ? 144 LEU A O   1 
ATOM   498  C CB  . LEU A 1 61 ? -0.608  5.939   8.583   1.00 29.75 ? 144 LEU A CB  1 
ATOM   499  C CG  . LEU A 1 61 ? -1.889  5.562   7.844   1.00 29.75 ? 144 LEU A CG  1 
ATOM   500  C CD1 . LEU A 1 61 ? -1.581  4.856   6.500   1.00 31.61 ? 144 LEU A CD1 1 
ATOM   501  C CD2 . LEU A 1 61 ? -2.791  4.728   8.730   1.00 25.71 ? 144 LEU A CD2 1 
ATOM   502  N N   . ALA A 1 62 ? -0.868  9.043   8.500   1.00 30.77 ? 145 ALA A N   1 
ATOM   503  C CA  . ALA A 1 62 ? -1.672  10.235  8.259   1.00 29.14 ? 145 ALA A CA  1 
ATOM   504  C C   . ALA A 1 62 ? -1.057  11.106  7.175   1.00 30.77 ? 145 ALA A C   1 
ATOM   505  O O   . ALA A 1 62 ? -1.732  11.496  6.211   1.00 32.53 ? 145 ALA A O   1 
ATOM   506  C CB  . ALA A 1 62 ? -1.820  11.016  9.569   1.00 29.58 ? 145 ALA A CB  1 
ATOM   507  N N   . ARG A 1 63 ? 0.229   11.429  7.306   1.00 34.32 ? 146 ARG A N   1 
ATOM   508  C CA  . ARG A 1 63 ? 0.820   12.329  6.324   1.00 35.52 ? 146 ARG A CA  1 
ATOM   509  C C   . ARG A 1 63 ? 1.036   11.637  4.990   1.00 37.66 ? 146 ARG A C   1 
ATOM   510  O O   . ARG A 1 63 ? 0.976   12.287  3.943   1.00 37.04 ? 146 ARG A O   1 
ATOM   511  C CB  . ARG A 1 63 ? 2.129   12.917  6.838   1.00 40.33 ? 146 ARG A CB  1 
ATOM   512  C CG  . ARG A 1 63 ? 1.874   13.952  7.939   1.00 46.95 ? 146 ARG A CG  1 
ATOM   513  C CD  . ARG A 1 63 ? 3.070   14.854  8.184   1.00 55.61 ? 146 ARG A CD  1 
ATOM   514  N NE  . ARG A 1 63 ? 4.233   14.071  8.574   1.00 56.29 ? 146 ARG A NE  1 
ATOM   515  C CZ  . ARG A 1 63 ? 4.429   13.567  9.789   1.00 57.31 ? 146 ARG A CZ  1 
ATOM   516  N NH1 . ARG A 1 63 ? 3.532   13.758  10.755  1.00 55.03 ? 146 ARG A NH1 1 
ATOM   517  N NH2 . ARG A 1 63 ? 5.524   12.856  10.033  1.00 55.53 ? 146 ARG A NH2 1 
ATOM   518  N N   . SER A 1 64 ? 1.236   10.317  4.993   1.00 32.25 ? 147 SER A N   1 
ATOM   519  C CA  . SER A 1 64 ? 1.355   9.599   3.729   1.00 34.31 ? 147 SER A CA  1 
ATOM   520  C C   . SER A 1 64 ? 0.048   9.657   2.937   1.00 32.51 ? 147 SER A C   1 
ATOM   521  O O   . SER A 1 64 ? 0.050   9.910   1.722   1.00 36.11 ? 147 SER A O   1 
ATOM   522  C CB  . SER A 1 64 ? 1.781   8.162   4.033   1.00 36.87 ? 147 SER A CB  1 
ATOM   523  O OG  . SER A 1 64 ? 1.470   7.281   2.971   1.00 45.22 ? 147 SER A OG  1 
ATOM   524  N N   . VAL A 1 65 ? -1.084  9.440   3.614   1.00 28.92 ? 148 VAL A N   1 
ATOM   525  C CA  . VAL A 1 65 ? -2.387  9.471   2.955   1.00 33.81 ? 148 VAL A CA  1 
ATOM   526  C C   . VAL A 1 65 ? -2.741  10.887  2.511   1.00 33.29 ? 148 VAL A C   1 
ATOM   527  O O   . VAL A 1 65 ? -3.311  11.091  1.431   1.00 33.96 ? 148 VAL A O   1 
ATOM   528  C CB  . VAL A 1 65 ? -3.462  8.879   3.885   1.00 31.21 ? 148 VAL A CB  1 
ATOM   529  C CG1 . VAL A 1 65 ? -4.837  9.093   3.297   1.00 30.84 ? 148 VAL A CG1 1 
ATOM   530  C CG2 . VAL A 1 65 ? -3.226  7.391   4.112   1.00 31.09 ? 148 VAL A CG2 1 
ATOM   531  N N   . GLN A 1 66 ? -2.415  11.890  3.327   1.00 37.39 ? 149 GLN A N   1 
ATOM   532  C CA  . GLN A 1 66 ? -2.709  13.262  2.921   1.00 35.39 ? 149 GLN A CA  1 
ATOM   533  C C   . GLN A 1 66 ? -1.954  13.620  1.646   1.00 37.95 ? 149 GLN A C   1 
ATOM   534  O O   . GLN A 1 66 ? -2.521  14.203  0.720   1.00 38.46 ? 149 GLN A O   1 
ATOM   535  C CB  . GLN A 1 66 ? -2.361  14.239  4.035   1.00 38.46 ? 149 GLN A CB  1 
ATOM   536  C CG  . GLN A 1 66 ? -2.474  15.708  3.609   1.00 35.10 ? 149 GLN A CG  1 
ATOM   537  C CD  . GLN A 1 66 ? -2.198  16.672  4.745   1.00 46.06 ? 149 GLN A CD  1 
ATOM   538  O OE1 . GLN A 1 66 ? -1.214  16.525  5.478   1.00 50.75 ? 149 GLN A OE1 1 
ATOM   539  N NE2 . GLN A 1 66 ? -3.063  17.678  4.891   1.00 49.19 ? 149 GLN A NE2 1 
ATOM   540  N N   . ILE A 1 67 ? -0.678  13.242  1.568   1.00 35.32 ? 150 ILE A N   1 
ATOM   541  C CA  . ILE A 1 67 ? 0.118   13.541  0.386   1.00 36.17 ? 150 ILE A CA  1 
ATOM   542  C C   . ILE A 1 67 ? -0.416  12.773  -0.813  1.00 39.95 ? 150 ILE A C   1 
ATOM   543  O O   . ILE A 1 67 ? -0.562  13.325  -1.915  1.00 40.24 ? 150 ILE A O   1 
ATOM   544  C CB  . ILE A 1 67 ? 1.596   13.207  0.665   1.00 41.32 ? 150 ILE A CB  1 
ATOM   545  C CG1 . ILE A 1 67 ? 2.193   14.116  1.737   1.00 43.57 ? 150 ILE A CG1 1 
ATOM   546  C CG2 . ILE A 1 67 ? 2.405   13.233  -0.617  1.00 42.12 ? 150 ILE A CG2 1 
ATOM   547  C CD1 . ILE A 1 67 ? 3.574   13.663  2.193   1.00 41.96 ? 150 ILE A CD1 1 
ATOM   548  N N   . SER A 1 68 ? -0.738  11.489  -0.618  1.00 35.51 ? 151 SER A N   1 
ATOM   549  C CA  . SER A 1 68 ? -1.170  10.675  -1.751  1.00 38.36 ? 151 SER A CA  1 
ATOM   550  C C   . SER A 1 68 ? -2.474  11.199  -2.343  1.00 38.10 ? 151 SER A C   1 
ATOM   551  O O   . SER A 1 68 ? -2.652  11.207  -3.566  1.00 40.40 ? 151 SER A O   1 
ATOM   552  C CB  . SER A 1 68 ? -1.350  9.220   -1.330  1.00 39.28 ? 151 SER A CB  1 
ATOM   553  O OG  . SER A 1 68 ? -2.267  8.567   -2.203  1.00 42.67 ? 151 SER A OG  1 
ATOM   554  N N   . ARG A 1 69 ? -3.397  11.658  -1.492  1.00 34.25 ? 152 ARG A N   1 
ATOM   555  C CA  . ARG A 1 69 ? -4.704  12.107  -1.960  1.00 39.46 ? 152 ARG A CA  1 
ATOM   556  C C   . ARG A 1 69 ? -4.685  13.531  -2.503  1.00 37.64 ? 152 ARG A C   1 
ATOM   557  O O   . ARG A 1 69 ? -5.655  13.947  -3.150  1.00 39.41 ? 152 ARG A O   1 
ATOM   558  C CB  . ARG A 1 69 ? -5.719  12.015  -0.822  1.00 38.74 ? 152 ARG A CB  1 
ATOM   559  C CG  . ARG A 1 69 ? -6.046  10.608  -0.352  1.00 34.36 ? 152 ARG A CG  1 
ATOM   560  C CD  . ARG A 1 69 ? -7.008  10.670  0.829   1.00 34.16 ? 152 ARG A CD  1 
ATOM   561  N NE  . ARG A 1 69 ? -7.428  9.353   1.294   1.00 31.32 ? 152 ARG A NE  1 
ATOM   562  C CZ  . ARG A 1 69 ? -8.297  9.152   2.284   1.00 33.83 ? 152 ARG A CZ  1 
ATOM   563  N NH1 . ARG A 1 69 ? -8.861  10.185  2.906   1.00 30.42 ? 152 ARG A NH1 1 
ATOM   564  N NH2 . ARG A 1 69 ? -8.619  7.915   2.643   1.00 31.52 ? 152 ARG A NH2 1 
ATOM   565  N N   . SER A 1 70 ? -3.598  14.272  -2.281  1.00 37.01 ? 153 SER A N   1 
ATOM   566  C CA  . SER A 1 70 ? -3.620  15.709  -2.532  1.00 41.28 ? 153 SER A CA  1 
ATOM   567  C C   . SER A 1 70 ? -3.795  16.022  -4.011  1.00 45.56 ? 153 SER A C   1 
ATOM   568  O O   . SER A 1 70 ? -4.338  17.075  -4.358  1.00 47.17 ? 153 SER A O   1 
ATOM   569  C CB  . SER A 1 70 ? -2.345  16.349  -1.994  1.00 40.18 ? 153 SER A CB  1 
ATOM   570  O OG  . SER A 1 70 ? -1.202  15.813  -2.635  1.00 47.01 ? 153 SER A OG  1 
ATOM   571  N N   . SER A 1 71 ? -3.367  15.120  -4.891  1.00 43.76 ? 154 SER A N   1 
ATOM   572  C CA  . SER A 1 71 ? -3.545  15.296  -6.326  1.00 48.88 ? 154 SER A CA  1 
ATOM   573  C C   . SER A 1 71 ? -4.959  14.982  -6.790  1.00 46.76 ? 154 SER A C   1 
ATOM   574  O O   . SER A 1 71 ? -5.258  15.168  -7.973  1.00 47.09 ? 154 SER A O   1 
ATOM   575  C CB  . SER A 1 71 ? -2.556  14.416  -7.094  1.00 48.69 ? 154 SER A CB  1 
ATOM   576  O OG  . SER A 1 71 ? -2.913  13.045  -6.986  1.00 54.65 ? 154 SER A OG  1 
ATOM   577  N N   . ASN A 1 72 ? -5.824  14.510  -5.898  1.00 43.07 ? 155 ASN A N   1 
ATOM   578  C CA  . ASN A 1 72 ? -7.178  14.095  -6.231  1.00 40.90 ? 155 ASN A CA  1 
ATOM   579  C C   . ASN A 1 72 ? -8.185  14.832  -5.362  1.00 43.91 ? 155 ASN A C   1 
ATOM   580  O O   . ASN A 1 72 ? -9.191  14.265  -4.926  1.00 41.15 ? 155 ASN A O   1 
ATOM   581  C CB  . ASN A 1 72 ? -7.332  12.579  -6.082  1.00 45.16 ? 155 ASN A CB  1 
ATOM   582  C CG  . ASN A 1 72 ? -8.578  12.048  -6.766  1.00 47.33 ? 155 ASN A CG  1 
ATOM   583  O OD1 . ASN A 1 72 ? -9.003  12.568  -7.797  1.00 44.40 ? 155 ASN A OD1 1 
ATOM   584  N ND2 . ASN A 1 72 ? -9.178  11.017  -6.187  1.00 43.90 ? 155 ASN A ND2 1 
ATOM   585  N N   . GLY A 1 73 ? -7.928  16.117  -5.103  1.00 42.06 ? 156 GLY A N   1 
ATOM   586  C CA  . GLY A 1 73 ? -8.823  16.918  -4.290  1.00 39.88 ? 156 GLY A CA  1 
ATOM   587  C C   . GLY A 1 73 ? -8.957  16.444  -2.862  1.00 43.15 ? 156 GLY A C   1 
ATOM   588  O O   . GLY A 1 73 ? -9.933  16.797  -2.188  1.00 41.74 ? 156 GLY A O   1 
ATOM   589  N N   . GLY A 1 74 ? -7.990  15.669  -2.372  1.00 38.23 ? 157 GLY A N   1 
ATOM   590  C CA  . GLY A 1 74 ? -8.096  15.078  -1.054  1.00 35.40 ? 157 GLY A CA  1 
ATOM   591  C C   . GLY A 1 74 ? -8.992  13.867  -0.984  1.00 36.54 ? 157 GLY A C   1 
ATOM   592  O O   . GLY A 1 74 ? -9.394  13.466  0.112   1.00 35.25 ? 157 GLY A O   1 
ATOM   593  N N   . MET A 1 75 ? -9.327  13.262  -2.130  1.00 37.71 ? 158 MET A N   1 
ATOM   594  C CA  . MET A 1 75 ? -10.190 12.094  -2.039  1.00 39.31 ? 158 MET A CA  1 
ATOM   595  C C   . MET A 1 75 ? -9.408  10.830  -2.359  1.00 40.15 ? 158 MET A C   1 
ATOM   596  O O   . MET A 1 75 ? -8.490  10.865  -3.188  1.00 38.20 ? 158 MET A O   1 
ATOM   597  C CB  . MET A 1 75 ? -11.384 12.213  -2.997  1.00 41.33 ? 158 MET A CB  1 
ATOM   598  C CG  . MET A 1 75 ? -12.405 13.257  -2.557  1.00 37.80 ? 158 MET A CG  1 
ATOM   599  S SD  . MET A 1 75 ? -13.299 12.792  -1.061  1.00 43.98 ? 158 MET A SD  1 
ATOM   600  C CE  . MET A 1 75 ? -14.377 11.504  -1.700  1.00 43.29 ? 158 MET A CE  1 
ATOM   601  N N   . PRO A 1 76 ? -9.722  9.710   -1.709  1.00 34.31 ? 159 PRO A N   1 
ATOM   602  C CA  . PRO A 1 76 ? -9.089  8.451   -2.096  1.00 40.84 ? 159 PRO A CA  1 
ATOM   603  C C   . PRO A 1 76 ? -9.534  8.070   -3.492  1.00 49.54 ? 159 PRO A C   1 
ATOM   604  O O   . PRO A 1 76 ? -10.591 8.498   -3.971  1.00 49.77 ? 159 PRO A O   1 
ATOM   605  C CB  . PRO A 1 76 ? -9.596  7.450   -1.051  1.00 41.01 ? 159 PRO A CB  1 
ATOM   606  C CG  . PRO A 1 76 ? -10.915 8.008   -0.614  1.00 40.77 ? 159 PRO A CG  1 
ATOM   607  C CD  . PRO A 1 76 ? -10.803 9.512   -0.728  1.00 40.10 ? 159 PRO A CD  1 
ATOM   608  N N   . GLN A 1 77 ? -8.691  7.296   -4.162  1.00 52.55 ? 160 GLN A N   1 
ATOM   609  C CA  . GLN A 1 77 ? -9.086  6.673   -5.411  1.00 59.07 ? 160 GLN A CA  1 
ATOM   610  C C   . GLN A 1 77 ? -9.964  5.469   -5.111  1.00 58.77 ? 160 GLN A C   1 
ATOM   611  O O   . GLN A 1 77 ? -9.693  4.701   -4.182  1.00 61.78 ? 160 GLN A O   1 
ATOM   612  C CB  . GLN A 1 77 ? -7.854  6.256   -6.212  1.00 58.89 ? 160 GLN A CB  1 
ATOM   613  C CG  . GLN A 1 77 ? -7.113  7.427   -6.828  1.00 58.14 ? 160 GLN A CG  1 
ATOM   614  C CD  . GLN A 1 77 ? -6.348  7.034   -8.073  1.00 60.09 ? 160 GLN A CD  1 
ATOM   615  O OE1 . GLN A 1 77 ? -6.449  5.900   -8.543  1.00 63.13 ? 160 GLN A OE1 1 
ATOM   616  N NE2 . GLN A 1 77 ? -5.587  7.976   -8.625  1.00 62.84 ? 160 GLN A NE2 1 
ATOM   617  N N   . ARG A 1 78 ? -11.033 5.318   -5.883  1.00 64.00 ? 161 ARG A N   1 
ATOM   618  C CA  . ARG A 1 78 ? -11.929 4.195   -5.661  1.00 65.53 ? 161 ARG A CA  1 
ATOM   619  C C   . ARG A 1 78 ? -11.272 2.907   -6.142  1.00 58.98 ? 161 ARG A C   1 
ATOM   620  O O   . ARG A 1 78 ? -10.522 2.905   -7.123  1.00 59.17 ? 161 ARG A O   1 
ATOM   621  C CB  . ARG A 1 78 ? -13.268 4.441   -6.356  1.00 66.01 ? 161 ARG A CB  1 
ATOM   622  C CG  . ARG A 1 78 ? -13.949 5.759   -5.934  1.00 66.77 ? 161 ARG A CG  1 
ATOM   623  C CD  . ARG A 1 78 ? -14.673 5.665   -4.579  1.00 65.92 ? 161 ARG A CD  1 
ATOM   624  N NE  . ARG A 1 78 ? -13.760 5.506   -3.447  1.00 67.94 ? 161 ARG A NE  1 
ATOM   625  C CZ  . ARG A 1 78 ? -13.616 4.380   -2.749  1.00 67.64 ? 161 ARG A CZ  1 
ATOM   626  N NH1 . ARG A 1 78 ? -12.754 4.325   -1.740  1.00 60.56 ? 161 ARG A NH1 1 
ATOM   627  N NH2 . ARG A 1 78 ? -14.331 3.305   -3.063  1.00 67.94 ? 161 ARG A NH2 1 
ATOM   628  N N   . ASP A 1 79 ? -11.531 1.818   -5.417  1.00 61.56 ? 162 ASP A N   1 
ATOM   629  C CA  . ASP A 1 79 ? -10.845 0.533   -5.621  1.00 62.11 ? 162 ASP A CA  1 
ATOM   630  C C   . ASP A 1 79 ? -10.791 0.097   -7.089  1.00 59.03 ? 162 ASP A C   1 
ATOM   631  O O   . ASP A 1 79 ? -9.909  -0.669  -7.491  1.00 60.61 ? 162 ASP A O   1 
ATOM   632  C CB  . ASP A 1 79 ? -11.520 -0.567  -4.790  1.00 59.98 ? 162 ASP A CB  1 
ATOM   633  C CG  . ASP A 1 79 ? -11.446 -0.310  -3.287  1.00 60.75 ? 162 ASP A CG  1 
ATOM   634  O OD1 . ASP A 1 79 ? -11.033 0.797   -2.868  1.00 57.54 ? 162 ASP A OD1 1 
ATOM   635  O OD2 . ASP A 1 79 ? -11.804 -1.230  -2.518  1.00 63.81 ? 162 ASP A OD2 1 
ATOM   636  N N   . ILE B 1 1  ? 2.756   -17.543 -17.691 1.00 59.54 ? 84  ILE B N   1 
ATOM   637  C CA  . ILE B 1 1  ? 1.731   -17.028 -16.785 1.00 62.25 ? 84  ILE B CA  1 
ATOM   638  C C   . ILE B 1 1  ? 0.919   -18.174 -16.204 1.00 58.41 ? 84  ILE B C   1 
ATOM   639  O O   . ILE B 1 1  ? 0.565   -19.116 -16.917 1.00 57.43 ? 84  ILE B O   1 
ATOM   640  C CB  . ILE B 1 1  ? 0.800   -16.016 -17.490 1.00 59.58 ? 84  ILE B CB  1 
ATOM   641  C CG1 . ILE B 1 1  ? 0.416   -16.525 -18.882 1.00 64.28 ? 84  ILE B CG1 1 
ATOM   642  C CG2 . ILE B 1 1  ? 1.451   -14.639 -17.568 1.00 55.75 ? 84  ILE B CG2 1 
ATOM   643  C CD1 . ILE B 1 1  ? -0.509  -15.592 -19.641 1.00 61.57 ? 84  ILE B CD1 1 
ATOM   644  N N   . PRO B 1 2  ? 0.625   -18.101 -14.910 1.00 57.05 ? 85  PRO B N   1 
ATOM   645  C CA  . PRO B 1 2  ? -0.223  -19.120 -14.291 1.00 56.13 ? 85  PRO B CA  1 
ATOM   646  C C   . PRO B 1 2  ? -1.698  -18.834 -14.520 1.00 51.45 ? 85  PRO B C   1 
ATOM   647  O O   . PRO B 1 2  ? -2.131  -17.685 -14.635 1.00 48.99 ? 85  PRO B O   1 
ATOM   648  C CB  . PRO B 1 2  ? 0.130   -19.027 -12.799 1.00 50.67 ? 85  PRO B CB  1 
ATOM   649  C CG  . PRO B 1 2  ? 1.245   -17.985 -12.692 1.00 56.24 ? 85  PRO B CG  1 
ATOM   650  C CD  . PRO B 1 2  ? 1.134   -17.140 -13.922 1.00 55.36 ? 85  PRO B CD  1 
ATOM   651  N N   . CYS B 1 3  ? -2.468  -19.914 -14.585 1.00 53.21 ? 86  CYS B N   1 
ATOM   652  C CA  . CYS B 1 3  ? -3.901  -19.855 -14.818 1.00 49.81 ? 86  CYS B CA  1 
ATOM   653  C C   . CYS B 1 3  ? -4.655  -20.051 -13.510 1.00 51.11 ? 86  CYS B C   1 
ATOM   654  O O   . CYS B 1 3  ? -4.129  -20.598 -12.536 1.00 51.78 ? 86  CYS B O   1 
ATOM   655  C CB  . CYS B 1 3  ? -4.317  -20.919 -15.840 1.00 49.24 ? 86  CYS B CB  1 
ATOM   656  S SG  . CYS B 1 3  ? -3.359  -20.843 -17.361 1.00 50.94 ? 86  CYS B SG  1 
ATOM   657  N N   . GLY B 1 4  ? -5.902  -19.593 -13.493 1.00 49.84 ? 87  GLY B N   1 
ATOM   658  C CA  . GLY B 1 4  ? -6.703  -19.765 -12.301 1.00 48.17 ? 87  GLY B CA  1 
ATOM   659  C C   . GLY B 1 4  ? -6.323  -18.792 -11.191 1.00 47.47 ? 87  GLY B C   1 
ATOM   660  O O   . GLY B 1 4  ? -5.571  -17.833 -11.381 1.00 46.92 ? 87  GLY B O   1 
ATOM   661  N N   . LYS B 1 5  ? -6.892  -19.046 -10.015 1.00 43.13 ? 88  LYS B N   1 
ATOM   662  C CA  . LYS B 1 5  ? -6.587  -18.255 -8.832  1.00 43.19 ? 88  LYS B CA  1 
ATOM   663  C C   . LYS B 1 5  ? -5.419  -18.887 -8.091  1.00 41.83 ? 88  LYS B C   1 
ATOM   664  O O   . LYS B 1 5  ? -5.257  -20.108 -8.081  1.00 43.99 ? 88  LYS B O   1 
ATOM   665  C CB  . LYS B 1 5  ? -7.798  -18.146 -7.899  1.00 43.98 ? 88  LYS B CB  1 
ATOM   666  C CG  . LYS B 1 5  ? -8.993  -17.430 -8.516  1.00 46.53 ? 88  LYS B CG  1 
ATOM   667  C CD  . LYS B 1 5  ? -9.762  -16.609 -7.491  1.00 47.32 ? 88  LYS B CD  1 
ATOM   668  C CE  . LYS B 1 5  ? -11.236 -16.990 -7.451  1.00 52.51 ? 88  LYS B CE  1 
ATOM   669  N NZ  . LYS B 1 5  ? -11.795 -16.926 -6.069  1.00 54.63 ? 88  LYS B NZ  1 
ATOM   670  N N   . PHE B 1 6  ? -4.586  -18.044 -7.490  1.00 38.26 ? 89  PHE B N   1 
ATOM   671  C CA  . PHE B 1 6  ? -3.457  -18.548 -6.731  1.00 35.20 ? 89  PHE B CA  1 
ATOM   672  C C   . PHE B 1 6  ? -3.131  -17.561 -5.630  1.00 37.94 ? 89  PHE B C   1 
ATOM   673  O O   . PHE B 1 6  ? -3.498  -16.382 -5.690  1.00 32.47 ? 89  PHE B O   1 
ATOM   674  C CB  . PHE B 1 6  ? -2.228  -18.794 -7.619  1.00 36.98 ? 89  PHE B CB  1 
ATOM   675  C CG  . PHE B 1 6  ? -1.820  -17.614 -8.457  1.00 38.88 ? 89  PHE B CG  1 
ATOM   676  C CD1 . PHE B 1 6  ? -0.940  -16.663 -7.968  1.00 33.10 ? 89  PHE B CD1 1 
ATOM   677  C CD2 . PHE B 1 6  ? -2.280  -17.484 -9.758  1.00 40.19 ? 89  PHE B CD2 1 
ATOM   678  C CE1 . PHE B 1 6  ? -0.552  -15.591 -8.745  1.00 34.34 ? 89  PHE B CE1 1 
ATOM   679  C CE2 . PHE B 1 6  ? -1.894  -16.414 -10.540 1.00 40.62 ? 89  PHE B CE2 1 
ATOM   680  C CZ  . PHE B 1 6  ? -1.032  -15.466 -10.039 1.00 39.69 ? 89  PHE B CZ  1 
ATOM   681  N N   . ALA B 1 7  ? -2.456  -18.069 -4.605  1.00 33.55 ? 90  ALA B N   1 
ATOM   682  C CA  . ALA B 1 7  ? -1.924  -17.212 -3.566  1.00 33.47 ? 90  ALA B CA  1 
ATOM   683  C C   . ALA B 1 7  ? -0.598  -16.618 -4.023  1.00 28.75 ? 90  ALA B C   1 
ATOM   684  O O   . ALA B 1 7  ? 0.042   -17.111 -4.944  1.00 28.08 ? 90  ALA B O   1 
ATOM   685  C CB  . ALA B 1 7  ? -1.732  -18.002 -2.268  1.00 32.12 ? 90  ALA B CB  1 
ATOM   686  N N   . MET B 1 8  ? -0.178  -15.556 -3.351  1.00 33.12 ? 91  MET B N   1 
ATOM   687  C CA  . MET B 1 8  ? 1.070   -14.907 -3.715  1.00 29.79 ? 91  MET B CA  1 
ATOM   688  C C   . MET B 1 8  ? 2.261   -15.790 -3.353  1.00 31.24 ? 91  MET B C   1 
ATOM   689  O O   . MET B 1 8  ? 2.241   -16.543 -2.373  1.00 31.87 ? 91  MET B O   1 
ATOM   690  C CB  . MET B 1 8  ? 1.165   -13.547 -3.021  1.00 30.98 ? 91  MET B CB  1 
ATOM   691  C CG  . MET B 1 8  ? 2.254   -12.616 -3.536  1.00 33.62 ? 91  MET B CG  1 
ATOM   692  S SD  . MET B 1 8  ? 2.475   -12.634 -5.325  1.00 32.95 ? 91  MET B SD  1 
ATOM   693  C CE  . MET B 1 8  ? 0.867   -12.131 -5.874  1.00 32.64 ? 91  MET B CE  1 
ATOM   694  N N   . TYR B 1 9  ? 3.307   -15.708 -4.175  1.00 30.58 ? 92  TYR B N   1 
ATOM   695  C CA  . TYR B 1 9  ? 4.475   -16.546 -3.947  1.00 31.45 ? 92  TYR B CA  1 
ATOM   696  C C   . TYR B 1 9  ? 5.740   -15.766 -4.270  1.00 28.55 ? 92  TYR B C   1 
ATOM   697  O O   . TYR B 1 9  ? 5.682   -14.821 -5.075  1.00 28.65 ? 92  TYR B O   1 
ATOM   698  C CB  . TYR B 1 9  ? 4.388   -17.839 -4.775  1.00 34.40 ? 92  TYR B CB  1 
ATOM   699  C CG  . TYR B 1 9  ? 4.138   -17.631 -6.254  1.00 34.28 ? 92  TYR B CG  1 
ATOM   700  C CD1 . TYR B 1 9  ? 2.856   -17.427 -6.743  1.00 37.91 ? 92  TYR B CD1 1 
ATOM   701  C CD2 . TYR B 1 9  ? 5.182   -17.660 -7.145  1.00 37.56 ? 92  TYR B CD2 1 
ATOM   702  C CE1 . TYR B 1 9  ? 2.642   -17.250 -8.104  1.00 41.25 ? 92  TYR B CE1 1 
ATOM   703  C CE2 . TYR B 1 9  ? 4.982   -17.511 -8.490  1.00 39.96 ? 92  TYR B CE2 1 
ATOM   704  C CZ  . TYR B 1 9  ? 3.716   -17.293 -8.970  1.00 43.32 ? 92  TYR B CZ  1 
ATOM   705  O OH  . TYR B 1 9  ? 3.535   -17.121 -10.322 1.00 46.30 ? 92  TYR B OH  1 
ATOM   706  N N   . PRO B 1 10 ? 6.868   -16.082 -3.625  1.00 29.23 ? 93  PRO B N   1 
ATOM   707  C CA  . PRO B 1 10 ? 8.060   -15.220 -3.745  1.00 27.95 ? 93  PRO B CA  1 
ATOM   708  C C   . PRO B 1 10 ? 8.521   -14.946 -5.173  1.00 31.71 ? 93  PRO B C   1 
ATOM   709  O O   . PRO B 1 10 ? 8.986   -13.838 -5.448  1.00 27.21 ? 93  PRO B O   1 
ATOM   710  C CB  . PRO B 1 10 ? 9.126   -15.992 -2.945  1.00 28.83 ? 93  PRO B CB  1 
ATOM   711  C CG  . PRO B 1 10 ? 8.341   -16.732 -1.911  1.00 28.65 ? 93  PRO B CG  1 
ATOM   712  C CD  . PRO B 1 10 ? 7.064   -17.152 -2.622  1.00 35.93 ? 93  PRO B CD  1 
ATOM   713  N N   . ALA B 1 11 ? 8.417   -15.911 -6.085  1.00 31.07 ? 94  ALA B N   1 
ATOM   714  C CA  . ALA B 1 11 ? 8.941   -15.730 -7.434  1.00 31.59 ? 94  ALA B CA  1 
ATOM   715  C C   . ALA B 1 11 ? 7.953   -15.072 -8.390  1.00 31.25 ? 94  ALA B C   1 
ATOM   716  O O   . ALA B 1 11 ? 8.274   -14.948 -9.574  1.00 28.57 ? 94  ALA B O   1 
ATOM   717  C CB  . ALA B 1 11 ? 9.389   -17.080 -8.028  1.00 35.70 ? 94  ALA B CB  1 
ATOM   718  N N   . TRP B 1 12 ? 6.776   -14.661 -7.920  1.00 29.14 ? 95  TRP B N   1 
ATOM   719  C CA  . TRP B 1 12 ? 5.772   -14.075 -8.808  1.00 27.65 ? 95  TRP B CA  1 
ATOM   720  C C   . TRP B 1 12 ? 6.313   -12.847 -9.525  1.00 30.63 ? 95  TRP B C   1 
ATOM   721  O O   . TRP B 1 12 ? 6.982   -11.999 -8.929  1.00 27.60 ? 95  TRP B O   1 
ATOM   722  C CB  . TRP B 1 12 ? 4.523   -13.688 -8.017  1.00 30.11 ? 95  TRP B CB  1 
ATOM   723  C CG  . TRP B 1 12 ? 3.430   -13.149 -8.870  1.00 31.65 ? 95  TRP B CG  1 
ATOM   724  C CD1 . TRP B 1 12 ? 2.628   -13.859 -9.709  1.00 32.62 ? 95  TRP B CD1 1 
ATOM   725  C CD2 . TRP B 1 12 ? 3.019   -11.779 -8.978  1.00 29.94 ? 95  TRP B CD2 1 
ATOM   726  N NE1 . TRP B 1 12 ? 1.735   -13.009 -10.346 1.00 32.56 ? 95  TRP B NE1 1 
ATOM   727  C CE2 . TRP B 1 12 ? 1.955   -11.730 -9.906  1.00 31.61 ? 95  TRP B CE2 1 
ATOM   728  C CE3 . TRP B 1 12 ? 3.446   -10.591 -8.381  1.00 28.06 ? 95  TRP B CE3 1 
ATOM   729  C CZ2 . TRP B 1 12 ? 1.315   -10.538 -10.251 1.00 28.04 ? 95  TRP B CZ2 1 
ATOM   730  C CZ3 . TRP B 1 12 ? 2.801   -9.395  -8.726  1.00 29.97 ? 95  TRP B CZ3 1 
ATOM   731  C CH2 . TRP B 1 12 ? 1.749   -9.386  -9.652  1.00 29.85 ? 95  TRP B CH2 1 
ATOM   732  N N   . GLN B 1 13 ? 5.967   -12.726 -10.814 1.00 30.41 ? 96  GLN B N   1 
ATOM   733  C CA  . GLN B 1 13 ? 6.394   -11.607 -11.620 1.00 31.48 ? 96  GLN B CA  1 
ATOM   734  C C   . GLN B 1 13 ? 5.192   -11.070 -12.387 1.00 31.33 ? 96  GLN B C   1 
ATOM   735  O O   . GLN B 1 13 ? 4.416   -11.861 -12.953 1.00 31.19 ? 96  GLN B O   1 
ATOM   736  C CB  . GLN B 1 13 ? 7.500   -12.013 -12.614 1.00 34.28 ? 96  GLN B CB  1 
ATOM   737  C CG  . GLN B 1 13 ? 8.861   -12.243 -11.991 1.00 36.18 ? 96  GLN B CG  1 
ATOM   738  C CD  . GLN B 1 13 ? 9.498   -10.953 -11.529 1.00 39.59 ? 96  GLN B CD  1 
ATOM   739  O OE1 . GLN B 1 13 ? 9.150   -9.873  -12.003 1.00 36.66 ? 96  GLN B OE1 1 
ATOM   740  N NE2 . GLN B 1 13 ? 10.453  -11.055 -10.613 1.00 40.53 ? 96  GLN B NE2 1 
ATOM   741  N N   . PRO B 1 14 ? 4.994   -9.760  -12.426 1.00 30.90 ? 97  PRO B N   1 
ATOM   742  C CA  . PRO B 1 14 ? 4.037   -9.196  -13.383 1.00 28.41 ? 97  PRO B CA  1 
ATOM   743  C C   . PRO B 1 14 ? 4.523   -9.428  -14.803 1.00 34.56 ? 97  PRO B C   1 
ATOM   744  O O   . PRO B 1 14 ? 5.663   -9.832  -15.044 1.00 34.07 ? 97  PRO B O   1 
ATOM   745  C CB  . PRO B 1 14 ? 4.015   -7.710  -13.029 1.00 32.24 ? 97  PRO B CB  1 
ATOM   746  C CG  . PRO B 1 14 ? 5.364   -7.462  -12.457 1.00 31.56 ? 97  PRO B CG  1 
ATOM   747  C CD  . PRO B 1 14 ? 5.633   -8.701  -11.620 1.00 31.46 ? 97  PRO B CD  1 
ATOM   748  N N   . ASP B 1 15 ? 3.631   -9.169  -15.759 1.00 37.65 ? 98  ASP B N   1 
ATOM   749  C CA  . ASP B 1 15 ? 3.964   -9.420  -17.153 1.00 38.70 ? 98  ASP B CA  1 
ATOM   750  C C   . ASP B 1 15 ? 5.042   -8.456  -17.640 1.00 37.93 ? 98  ASP B C   1 
ATOM   751  O O   . ASP B 1 15 ? 5.282   -7.394  -17.057 1.00 36.18 ? 98  ASP B O   1 
ATOM   752  C CB  . ASP B 1 15 ? 2.721   -9.299  -18.031 1.00 39.28 ? 98  ASP B CB  1 
ATOM   753  C CG  . ASP B 1 15 ? 1.669   -10.329 -17.692 1.00 41.34 ? 98  ASP B CG  1 
ATOM   754  O OD1 . ASP B 1 15 ? 2.024   -11.363 -17.085 1.00 43.81 ? 98  ASP B OD1 1 
ATOM   755  O OD2 . ASP B 1 15 ? 0.487   -10.106 -18.029 1.00 49.99 ? 98  ASP B OD2 1 
ATOM   756  N N   . ALA B 1 16 ? 5.689   -8.830  -18.750 1.00 37.56 ? 99  ALA B N   1 
ATOM   757  C CA  . ALA B 1 16 ? 6.758   -7.988  -19.271 1.00 40.67 ? 99  ALA B CA  1 
ATOM   758  C C   . ALA B 1 16 ? 6.245   -6.622  -19.702 1.00 38.35 ? 99  ALA B C   1 
ATOM   759  O O   . ALA B 1 16 ? 7.029   -5.671  -19.770 1.00 40.92 ? 99  ALA B O   1 
ATOM   760  C CB  . ALA B 1 16 ? 7.458   -8.670  -20.441 1.00 43.68 ? 99  ALA B CB  1 
ATOM   761  N N   . ASP B 1 17 ? 4.950   -6.503  -19.981 1.00 38.19 ? 100 ASP B N   1 
ATOM   762  C CA  . ASP B 1 17 ? 4.349   -5.254  -20.437 1.00 45.02 ? 100 ASP B CA  1 
ATOM   763  C C   . ASP B 1 17 ? 3.448   -4.660  -19.362 1.00 45.33 ? 100 ASP B C   1 
ATOM   764  O O   . ASP B 1 17 ? 2.427   -4.033  -19.665 1.00 41.56 ? 100 ASP B O   1 
ATOM   765  C CB  . ASP B 1 17 ? 3.580   -5.470  -21.740 1.00 49.21 ? 100 ASP B CB  1 
ATOM   766  C CG  . ASP B 1 17 ? 2.415   -6.437  -21.585 1.00 52.15 ? 100 ASP B CG  1 
ATOM   767  O OD1 . ASP B 1 17 ? 2.437   -7.274  -20.659 1.00 50.10 ? 100 ASP B OD1 1 
ATOM   768  O OD2 . ASP B 1 17 ? 1.474   -6.364  -22.407 1.00 57.73 ? 100 ASP B OD2 1 
ATOM   769  N N   . PHE B 1 18 ? 3.826   -4.870  -18.097 1.00 43.44 ? 101 PHE B N   1 
ATOM   770  C CA  . PHE B 1 18 ? 2.999   -4.448  -16.975 1.00 41.49 ? 101 PHE B CA  1 
ATOM   771  C C   . PHE B 1 18 ? 2.640   -2.970  -17.062 1.00 40.75 ? 101 PHE B C   1 
ATOM   772  O O   . PHE B 1 18 ? 1.493   -2.586  -16.805 1.00 43.00 ? 101 PHE B O   1 
ATOM   773  C CB  . PHE B 1 18 ? 3.719   -4.738  -15.656 1.00 38.83 ? 101 PHE B CB  1 
ATOM   774  C CG  . PHE B 1 18 ? 2.972   -4.255  -14.447 1.00 32.78 ? 101 PHE B CG  1 
ATOM   775  C CD1 . PHE B 1 18 ? 1.830   -4.911  -14.018 1.00 37.43 ? 101 PHE B CD1 1 
ATOM   776  C CD2 . PHE B 1 18 ? 3.405   -3.152  -13.743 1.00 37.54 ? 101 PHE B CD2 1 
ATOM   777  C CE1 . PHE B 1 18 ? 1.133   -4.470  -12.903 1.00 32.16 ? 101 PHE B CE1 1 
ATOM   778  C CE2 . PHE B 1 18 ? 2.713   -2.706  -12.634 1.00 33.59 ? 101 PHE B CE2 1 
ATOM   779  C CZ  . PHE B 1 18 ? 1.574   -3.372  -12.216 1.00 33.51 ? 101 PHE B CZ  1 
ATOM   780  N N   . GLN B 1 19 ? 3.624   -2.120  -17.379 1.00 41.32 ? 102 GLN B N   1 
ATOM   781  C CA  . GLN B 1 19 ? 3.359   -0.686  -17.455 1.00 45.13 ? 102 GLN B CA  1 
ATOM   782  C C   . GLN B 1 19 ? 2.228   -0.384  -18.427 1.00 45.12 ? 102 GLN B C   1 
ATOM   783  O O   . GLN B 1 19 ? 1.393   0.493   -18.169 1.00 43.14 ? 102 GLN B O   1 
ATOM   784  C CB  . GLN B 1 19 ? 4.615   0.070   -17.880 1.00 50.73 ? 102 GLN B CB  1 
ATOM   785  C CG  . GLN B 1 19 ? 5.872   -0.330  -17.172 1.00 50.67 ? 102 GLN B CG  1 
ATOM   786  C CD  . GLN B 1 19 ? 6.903   0.779   -17.194 1.00 53.65 ? 102 GLN B CD  1 
ATOM   787  O OE1 . GLN B 1 19 ? 6.563   1.958   -17.113 1.00 54.24 ? 102 GLN B OE1 1 
ATOM   788  N NE2 . GLN B 1 19 ? 8.170   0.408   -17.312 1.00 56.84 ? 102 GLN B NE2 1 
ATOM   789  N N   . ARG B 1 20 ? 2.190   -1.102  -19.556 1.00 43.33 ? 103 ARG B N   1 
ATOM   790  C CA  . ARG B 1 20 ? 1.118   -0.915  -20.530 1.00 44.36 ? 103 ARG B CA  1 
ATOM   791  C C   . ARG B 1 20 ? -0.216  -1.388  -19.969 1.00 45.48 ? 103 ARG B C   1 
ATOM   792  O O   . ARG B 1 20 ? -1.244  -0.729  -20.156 1.00 39.27 ? 103 ARG B O   1 
ATOM   793  C CB  . ARG B 1 20 ? 1.449   -1.661  -21.830 1.00 48.83 ? 103 ARG B CB  1 
ATOM   794  C CG  . ARG B 1 20 ? 0.335   -1.635  -22.870 1.00 50.41 ? 103 ARG B CG  1 
ATOM   795  C CD  . ARG B 1 20 ? 0.458   -2.764  -23.887 1.00 55.63 ? 103 ARG B CD  1 
ATOM   796  N NE  . ARG B 1 20 ? -0.247  -3.969  -23.447 1.00 58.63 ? 103 ARG B NE  1 
ATOM   797  C CZ  . ARG B 1 20 ? -1.572  -4.094  -23.397 1.00 59.77 ? 103 ARG B CZ  1 
ATOM   798  N NH1 . ARG B 1 20 ? -2.360  -3.087  -23.770 1.00 59.78 ? 103 ARG B NH1 1 
ATOM   799  N NH2 . ARG B 1 20 ? -2.110  -5.233  -22.975 1.00 59.59 ? 103 ARG B NH2 1 
ATOM   800  N N   . GLN B 1 21 ? -0.219  -2.515  -19.254 1.00 38.78 ? 104 GLN B N   1 
ATOM   801  C CA  . GLN B 1 21 ? -1.454  -2.982  -18.637 1.00 38.75 ? 104 GLN B CA  1 
ATOM   802  C C   . GLN B 1 21 ? -1.878  -2.075  -17.489 1.00 38.94 ? 104 GLN B C   1 
ATOM   803  O O   . GLN B 1 21 ? -3.079  -1.882  -17.266 1.00 42.43 ? 104 GLN B O   1 
ATOM   804  C CB  . GLN B 1 21 ? -1.284  -4.425  -18.148 1.00 44.21 ? 104 GLN B CB  1 
ATOM   805  C CG  . GLN B 1 21 ? -0.711  -5.361  -19.206 1.00 43.82 ? 104 GLN B CG  1 
ATOM   806  C CD  . GLN B 1 21 ? -1.171  -6.793  -19.037 1.00 51.34 ? 104 GLN B CD  1 
ATOM   807  O OE1 . GLN B 1 21 ? -2.294  -7.048  -18.600 1.00 55.41 ? 104 GLN B OE1 1 
ATOM   808  N NE2 . GLN B 1 21 ? -0.301  -7.743  -19.390 1.00 54.26 ? 104 GLN B NE2 1 
ATOM   809  N N   . ALA B 1 22 ? -0.912  -1.519  -16.750 1.00 40.38 ? 105 ALA B N   1 
ATOM   810  C CA  . ALA B 1 22 ? -1.242  -0.592  -15.672 1.00 38.20 ? 105 ALA B CA  1 
ATOM   811  C C   . ALA B 1 22 ? -2.006  0.610   -16.209 1.00 40.51 ? 105 ALA B C   1 
ATOM   812  O O   . ALA B 1 22 ? -3.000  1.050   -15.614 1.00 36.33 ? 105 ALA B O   1 
ATOM   813  C CB  . ALA B 1 22 ? 0.031   -0.134  -14.964 1.00 36.83 ? 105 ALA B CB  1 
ATOM   814  N N   . ALA B 1 23 ? -1.553  1.155   -17.337 1.00 37.96 ? 106 ALA B N   1 
ATOM   815  C CA  . ALA B 1 23 ? -2.260  2.284   -17.933 1.00 41.30 ? 106 ALA B CA  1 
ATOM   816  C C   . ALA B 1 23 ? -3.681  1.891   -18.316 1.00 39.64 ? 106 ALA B C   1 
ATOM   817  O O   . ALA B 1 23 ? -4.612  2.700   -18.205 1.00 44.83 ? 106 ALA B O   1 
ATOM   818  C CB  . ALA B 1 23 ? -1.485  2.807   -19.139 1.00 38.31 ? 106 ALA B CB  1 
ATOM   819  N N   . LEU B 1 24 ? -3.870  0.643   -18.746 1.00 39.24 ? 107 LEU B N   1 
ATOM   820  C CA  . LEU B 1 24 ? -5.209  0.150   -19.041 1.00 39.39 ? 107 LEU B CA  1 
ATOM   821  C C   . LEU B 1 24 ? -6.126  0.270   -17.829 1.00 44.85 ? 107 LEU B C   1 
ATOM   822  O O   . LEU B 1 24 ? -7.294  0.653   -17.957 1.00 42.24 ? 107 LEU B O   1 
ATOM   823  C CB  . LEU B 1 24 ? -5.130  -1.293  -19.529 1.00 43.14 ? 107 LEU B CB  1 
ATOM   824  C CG  . LEU B 1 24 ? -6.372  -1.836  -20.221 1.00 45.74 ? 107 LEU B CG  1 
ATOM   825  C CD1 . LEU B 1 24 ? -6.357  -1.450  -21.695 1.00 45.86 ? 107 LEU B CD1 1 
ATOM   826  C CD2 . LEU B 1 24 ? -6.437  -3.341  -20.043 1.00 44.54 ? 107 LEU B CD2 1 
ATOM   827  N N   . TRP B 1 25 ? -5.617  -0.027  -16.634 1.00 42.25 ? 108 TRP B N   1 
ATOM   828  C CA  . TRP B 1 25 ? -6.411  0.133   -15.426 1.00 44.06 ? 108 TRP B CA  1 
ATOM   829  C C   . TRP B 1 25 ? -6.319  1.538   -14.846 1.00 44.98 ? 108 TRP B C   1 
ATOM   830  O O   . TRP B 1 25 ? -6.705  1.751   -13.688 1.00 44.47 ? 108 TRP B O   1 
ATOM   831  C CB  . TRP B 1 25 ? -5.999  -0.917  -14.391 1.00 40.53 ? 108 TRP B CB  1 
ATOM   832  C CG  . TRP B 1 25 ? -5.891  -2.260  -15.001 1.00 41.77 ? 108 TRP B CG  1 
ATOM   833  C CD1 . TRP B 1 25 ? -6.818  -2.876  -15.790 1.00 43.66 ? 108 TRP B CD1 1 
ATOM   834  C CD2 . TRP B 1 25 ? -4.781  -3.158  -14.907 1.00 42.36 ? 108 TRP B CD2 1 
ATOM   835  N NE1 . TRP B 1 25 ? -6.359  -4.108  -16.187 1.00 48.20 ? 108 TRP B NE1 1 
ATOM   836  C CE2 . TRP B 1 25 ? -5.110  -4.307  -15.657 1.00 43.64 ? 108 TRP B CE2 1 
ATOM   837  C CE3 . TRP B 1 25 ? -3.543  -3.104  -14.257 1.00 37.19 ? 108 TRP B CE3 1 
ATOM   838  C CZ2 . TRP B 1 25 ? -4.246  -5.400  -15.775 1.00 44.00 ? 108 TRP B CZ2 1 
ATOM   839  C CZ3 . TRP B 1 25 ? -2.682  -4.191  -14.378 1.00 40.09 ? 108 TRP B CZ3 1 
ATOM   840  C CH2 . TRP B 1 25 ? -3.040  -5.321  -15.133 1.00 37.78 ? 108 TRP B CH2 1 
ATOM   841  N N   . GLY B 1 26 ? -5.824  2.501   -15.625 1.00 44.05 ? 109 GLY B N   1 
ATOM   842  C CA  . GLY B 1 26 ? -5.793  3.884   -15.196 1.00 43.65 ? 109 GLY B CA  1 
ATOM   843  C C   . GLY B 1 26 ? -4.625  4.273   -14.320 1.00 44.79 ? 109 GLY B C   1 
ATOM   844  O O   . GLY B 1 26 ? -4.669  5.329   -13.684 1.00 37.77 ? 109 GLY B O   1 
ATOM   845  N N   . VAL B 1 27 ? -3.567  3.470   -14.285 1.00 37.39 ? 110 VAL B N   1 
ATOM   846  C CA  . VAL B 1 27 ? -2.402  3.732   -13.452 1.00 39.60 ? 110 VAL B CA  1 
ATOM   847  C C   . VAL B 1 27 ? -1.229  4.085   -14.358 1.00 39.02 ? 110 VAL B C   1 
ATOM   848  O O   . VAL B 1 27 ? -0.834  3.284   -15.208 1.00 37.91 ? 110 VAL B O   1 
ATOM   849  C CB  . VAL B 1 27 ? -2.073  2.522   -12.565 1.00 33.87 ? 110 VAL B CB  1 
ATOM   850  C CG1 . VAL B 1 27 ? -0.692  2.671   -11.994 1.00 37.13 ? 110 VAL B CG1 1 
ATOM   851  C CG2 . VAL B 1 27 ? -3.114  2.389   -11.488 1.00 36.67 ? 110 VAL B CG2 1 
ATOM   852  N N   . ALA B 1 28 ? -0.643  5.264   -14.145 1.00 43.44 ? 111 ALA B N   1 
ATOM   853  C CA  . ALA B 1 28 ? 0.458   5.758   -14.973 1.00 43.16 ? 111 ALA B CA  1 
ATOM   854  C C   . ALA B 1 28 ? 1.766   5.553   -14.220 1.00 46.18 ? 111 ALA B C   1 
ATOM   855  O O   . ALA B 1 28 ? 2.085   6.305   -13.295 1.00 48.50 ? 111 ALA B O   1 
ATOM   856  C CB  . ALA B 1 28 ? 0.249   7.228   -15.325 1.00 49.66 ? 111 ALA B CB  1 
ATOM   857  N N   . LEU B 1 29 ? 2.527   4.538   -14.618 1.00 47.16 ? 112 LEU B N   1 
ATOM   858  C CA  . LEU B 1 29 ? 3.811   4.221   -13.997 1.00 49.71 ? 112 LEU B CA  1 
ATOM   859  C C   . LEU B 1 29 ? 4.907   4.672   -14.958 1.00 49.90 ? 112 LEU B C   1 
ATOM   860  O O   . LEU B 1 29 ? 5.299   3.938   -15.870 1.00 51.27 ? 112 LEU B O   1 
ATOM   861  C CB  . LEU B 1 29 ? 3.912   2.732   -13.674 1.00 44.11 ? 112 LEU B CB  1 
ATOM   862  C CG  . LEU B 1 29 ? 2.830   2.253   -12.709 1.00 42.57 ? 112 LEU B CG  1 
ATOM   863  C CD1 . LEU B 1 29 ? 2.911   0.742   -12.508 1.00 41.38 ? 112 LEU B CD1 1 
ATOM   864  C CD2 . LEU B 1 29 ? 2.916   2.990   -11.375 1.00 39.83 ? 112 LEU B CD2 1 
ATOM   865  N N   . ARG B 1 30 ? 5.414   5.886   -14.738 1.00 48.27 ? 113 ARG B N   1 
ATOM   866  C CA  . ARG B 1 30 ? 6.369   6.461   -15.679 1.00 51.86 ? 113 ARG B CA  1 
ATOM   867  C C   . ARG B 1 30 ? 7.734   5.787   -15.592 1.00 51.45 ? 113 ARG B C   1 
ATOM   868  O O   . ARG B 1 30 ? 8.486   5.807   -16.572 1.00 50.05 ? 113 ARG B O   1 
ATOM   869  C CB  . ARG B 1 30 ? 6.487   7.981   -15.477 1.00 55.23 ? 113 ARG B CB  1 
ATOM   870  C CG  . ARG B 1 30 ? 6.880   8.462   -14.081 1.00 57.73 ? 113 ARG B CG  1 
ATOM   871  C CD  . ARG B 1 30 ? 5.712   8.422   -13.088 1.00 59.76 ? 113 ARG B CD  1 
ATOM   872  N NE  . ARG B 1 30 ? 6.126   8.664   -11.711 1.00 62.99 ? 113 ARG B NE  1 
ATOM   873  C CZ  . ARG B 1 30 ? 6.950   7.880   -11.026 1.00 56.10 ? 113 ARG B CZ  1 
ATOM   874  N NH1 . ARG B 1 30 ? 7.472   6.802   -11.597 1.00 52.87 ? 113 ARG B NH1 1 
ATOM   875  N NH2 . ARG B 1 30 ? 7.267   8.185   -9.771  1.00 60.99 ? 113 ARG B NH2 1 
ATOM   876  N N   . GLU B 1 31 ? 8.073   5.177   -14.450 1.00 48.19 ? 114 GLU B N   1 
ATOM   877  C CA  . GLU B 1 31 ? 9.277   4.363   -14.320 1.00 46.29 ? 114 GLU B CA  1 
ATOM   878  C C   . GLU B 1 31 ? 8.899   2.955   -13.864 1.00 43.81 ? 114 GLU B C   1 
ATOM   879  O O   . GLU B 1 31 ? 7.930   2.787   -13.116 1.00 43.64 ? 114 GLU B O   1 
ATOM   880  C CB  . GLU B 1 31 ? 10.279  4.975   -13.327 1.00 47.10 ? 114 GLU B CB  1 
ATOM   881  C CG  . GLU B 1 31 ? 11.283  5.951   -13.948 1.00 50.75 ? 114 GLU B CG  1 
ATOM   882  C CD  . GLU B 1 31 ? 12.173  6.629   -12.905 1.00 53.62 ? 114 GLU B CD  1 
ATOM   883  O OE1 . GLU B 1 31 ? 13.400  6.356   -12.875 1.00 47.44 ? 114 GLU B OE1 1 
ATOM   884  O OE2 . GLU B 1 31 ? 11.635  7.425   -12.100 1.00 53.70 ? 114 GLU B OE2 1 
ATOM   885  N N   . PRO B 1 32 ? 9.631   1.926   -14.296 1.00 45.35 ? 115 PRO B N   1 
ATOM   886  C CA  . PRO B 1 32 ? 9.191   0.546   -14.042 1.00 43.89 ? 115 PRO B CA  1 
ATOM   887  C C   . PRO B 1 32 ? 9.167   0.219   -12.559 1.00 31.83 ? 115 PRO B C   1 
ATOM   888  O O   . PRO B 1 32 ? 9.848   0.845   -11.747 1.00 33.73 ? 115 PRO B O   1 
ATOM   889  C CB  . PRO B 1 32 ? 10.238  -0.304  -14.770 1.00 43.60 ? 115 PRO B CB  1 
ATOM   890  C CG  . PRO B 1 32 ? 11.463  0.551   -14.761 1.00 42.51 ? 115 PRO B CG  1 
ATOM   891  C CD  . PRO B 1 32 ? 10.961  1.965   -14.934 1.00 45.34 ? 115 PRO B CD  1 
ATOM   892  N N   . VAL B 1 33 ? 8.373   -0.803  -12.220 1.00 33.43 ? 116 VAL B N   1 
ATOM   893  C CA  . VAL B 1 33 ? 8.341   -1.308  -10.843 1.00 32.31 ? 116 VAL B CA  1 
ATOM   894  C C   . VAL B 1 33 ? 9.700   -1.885  -10.480 1.00 33.54 ? 116 VAL B C   1 
ATOM   895  O O   . VAL B 1 33 ? 10.236  -2.747  -11.188 1.00 32.67 ? 116 VAL B O   1 
ATOM   896  C CB  . VAL B 1 33 ? 7.249   -2.375  -10.684 1.00 32.33 ? 116 VAL B CB  1 
ATOM   897  C CG1 . VAL B 1 33 ? 7.272   -2.948  -9.257  1.00 29.54 ? 116 VAL B CG1 1 
ATOM   898  C CG2 . VAL B 1 33 ? 5.889   -1.821  -11.003 1.00 30.64 ? 116 VAL B CG2 1 
ATOM   899  N N   . THR B 1 34 ? 10.247  -1.452  -9.344  1.00 30.05 ? 117 THR B N   1 
ATOM   900  C CA  . THR B 1 34 ? 11.548  -1.944  -8.934  1.00 29.02 ? 117 THR B CA  1 
ATOM   901  C C   . THR B 1 34 ? 11.403  -3.276  -8.207  1.00 28.14 ? 117 THR B C   1 
ATOM   902  O O   . THR B 1 34 ? 10.345  -3.608  -7.661  1.00 25.62 ? 117 THR B O   1 
ATOM   903  C CB  . THR B 1 34 ? 12.251  -0.947  -8.018  1.00 29.34 ? 117 THR B CB  1 
ATOM   904  O OG1 . THR B 1 34 ? 11.584  -0.923  -6.757  1.00 28.95 ? 117 THR B OG1 1 
ATOM   905  C CG2 . THR B 1 34 ? 12.193  0.461   -8.614  1.00 29.57 ? 117 THR B CG2 1 
ATOM   906  N N   . ALA B 1 35 ? 12.494  -4.039  -8.194  1.00 26.11 ? 118 ALA B N   1 
ATOM   907  C CA  . ALA B 1 35 ? 12.508  -5.272  -7.415  1.00 23.61 ? 118 ALA B CA  1 
ATOM   908  C C   . ALA B 1 35 ? 12.085  -5.009  -5.973  1.00 26.54 ? 118 ALA B C   1 
ATOM   909  O O   . ALA B 1 35 ? 11.294  -5.768  -5.396  1.00 26.15 ? 118 ALA B O   1 
ATOM   910  C CB  . ALA B 1 35 ? 13.898  -5.893  -7.461  1.00 25.94 ? 118 ALA B CB  1 
ATOM   911  N N   . GLU B 1 36 ? 12.574  -3.909  -5.386  1.00 25.63 ? 119 GLU B N   1 
ATOM   912  C CA  . GLU B 1 36 ? 12.197  -3.575  -4.010  1.00 29.66 ? 119 GLU B CA  1 
ATOM   913  C C   . GLU B 1 36 ? 10.689  -3.425  -3.881  1.00 28.28 ? 119 GLU B C   1 
ATOM   914  O O   . GLU B 1 36 ? 10.072  -3.977  -2.966  1.00 29.08 ? 119 GLU B O   1 
ATOM   915  C CB  . GLU B 1 36 ? 12.900  -2.294  -3.558  1.00 32.70 ? 119 GLU B CB  1 
ATOM   916  C CG  . GLU B 1 36 ? 12.531  -1.875  -2.130  1.00 36.17 ? 119 GLU B CG  1 
ATOM   917  C CD  . GLU B 1 36 ? 13.226  -0.591  -1.683  1.00 41.58 ? 119 GLU B CD  1 
ATOM   918  O OE1 . GLU B 1 36 ? 14.045  -0.050  -2.459  1.00 48.12 ? 119 GLU B OE1 1 
ATOM   919  O OE2 . GLU B 1 36 ? 12.960  -0.134  -0.548  1.00 52.63 ? 119 GLU B OE2 1 
ATOM   920  N N   . GLU B 1 37 ? 10.078  -2.681  -4.804  1.00 24.78 ? 120 GLU B N   1 
ATOM   921  C CA  . GLU B 1 37 ? 8.632   -2.474  -4.777  1.00 25.75 ? 120 GLU B CA  1 
ATOM   922  C C   . GLU B 1 37 ? 7.866   -3.778  -4.956  1.00 28.75 ? 120 GLU B C   1 
ATOM   923  O O   . GLU B 1 37 ? 6.858   -4.023  -4.279  1.00 27.77 ? 120 GLU B O   1 
ATOM   924  C CB  . GLU B 1 37 ? 8.236   -1.487  -5.877  1.00 25.84 ? 120 GLU B CB  1 
ATOM   925  C CG  . GLU B 1 37 ? 8.591   -0.051  -5.559  1.00 25.41 ? 120 GLU B CG  1 
ATOM   926  C CD  . GLU B 1 37 ? 8.381   0.867   -6.745  1.00 31.50 ? 120 GLU B CD  1 
ATOM   927  O OE1 . GLU B 1 37 ? 8.644   0.433   -7.887  1.00 29.51 ? 120 GLU B OE1 1 
ATOM   928  O OE2 . GLU B 1 37 ? 7.926   2.017   -6.535  1.00 35.93 ? 120 GLU B OE2 1 
ATOM   929  N N   . LEU B 1 38 ? 8.307   -4.618  -5.887  1.00 23.94 ? 121 LEU B N   1 
ATOM   930  C CA  . LEU B 1 38 ? 7.586   -5.863  -6.113  1.00 25.71 ? 121 LEU B CA  1 
ATOM   931  C C   . LEU B 1 38 ? 7.740   -6.801  -4.922  1.00 23.93 ? 121 LEU B C   1 
ATOM   932  O O   . LEU B 1 38 ? 6.769   -7.425  -4.481  1.00 26.37 ? 121 LEU B O   1 
ATOM   933  C CB  . LEU B 1 38 ? 8.087   -6.528  -7.395  1.00 26.17 ? 121 LEU B CB  1 
ATOM   934  C CG  . LEU B 1 38 ? 7.525   -7.921  -7.695  1.00 27.38 ? 121 LEU B CG  1 
ATOM   935  C CD1 . LEU B 1 38 ? 6.007   -7.872  -7.759  1.00 27.24 ? 121 LEU B CD1 1 
ATOM   936  C CD2 . LEU B 1 38 ? 8.109   -8.487  -9.000  1.00 24.80 ? 121 LEU B CD2 1 
ATOM   937  N N   . ALA B 1 39 ? 8.950   -6.907  -4.388  1.00 26.08 ? 122 ALA B N   1 
ATOM   938  C CA  . ALA B 1 39 ? 9.175   -7.788  -3.243  1.00 26.62 ? 122 ALA B CA  1 
ATOM   939  C C   . ALA B 1 39 ? 8.364   -7.349  -2.023  1.00 26.06 ? 122 ALA B C   1 
ATOM   940  O O   . ALA B 1 39 ? 7.882   -8.185  -1.245  1.00 23.68 ? 122 ALA B O   1 
ATOM   941  C CB  . ALA B 1 39 ? 10.667  -7.820  -2.920  1.00 28.83 ? 122 ALA B CB  1 
ATOM   942  N N   . ALA B 1 40 ? 8.207   -6.038  -1.826  1.00 26.97 ? 123 ALA B N   1 
ATOM   943  C CA  . ALA B 1 40 ? 7.390   -5.563  -0.712  1.00 26.94 ? 123 ALA B CA  1 
ATOM   944  C C   . ALA B 1 40 ? 5.939   -5.969  -0.895  1.00 25.90 ? 123 ALA B C   1 
ATOM   945  O O   . ALA B 1 40 ? 5.275   -6.412  0.047   1.00 23.65 ? 123 ALA B O   1 
ATOM   946  C CB  . ALA B 1 40 ? 7.494   -4.042  -0.587  1.00 27.76 ? 123 ALA B CB  1 
ATOM   947  N N   . PHE B 1 41 ? 5.426   -5.800  -2.111  1.00 25.17 ? 124 PHE B N   1 
ATOM   948  C CA  . PHE B 1 41 ? 4.068   -6.214  -2.424  1.00 25.36 ? 124 PHE B CA  1 
ATOM   949  C C   . PHE B 1 41 ? 3.879   -7.704  -2.161  1.00 26.09 ? 124 PHE B C   1 
ATOM   950  O O   . PHE B 1 41 ? 2.925   -8.119  -1.488  1.00 26.19 ? 124 PHE B O   1 
ATOM   951  C CB  . PHE B 1 41 ? 3.784   -5.869  -3.889  1.00 26.95 ? 124 PHE B CB  1 
ATOM   952  C CG  . PHE B 1 41 ? 2.432   -6.281  -4.355  1.00 30.76 ? 124 PHE B CG  1 
ATOM   953  C CD1 . PHE B 1 41 ? 1.327   -5.459  -4.124  1.00 25.88 ? 124 PHE B CD1 1 
ATOM   954  C CD2 . PHE B 1 41 ? 2.257   -7.482  -5.038  1.00 28.90 ? 124 PHE B CD2 1 
ATOM   955  C CE1 . PHE B 1 41 ? 0.073   -5.852  -4.550  1.00 25.32 ? 124 PHE B CE1 1 
ATOM   956  C CE2 . PHE B 1 41 ? 1.005   -7.873  -5.480  1.00 28.53 ? 124 PHE B CE2 1 
ATOM   957  C CZ  . PHE B 1 41 ? -0.093  -7.055  -5.225  1.00 25.17 ? 124 PHE B CZ  1 
ATOM   958  N N   . ILE B 1 42 ? 4.791   -8.521  -2.689  1.00 22.47 ? 125 ILE B N   1 
ATOM   959  C CA  . ILE B 1 42 ? 4.686   -9.976  -2.560  1.00 23.90 ? 125 ILE B CA  1 
ATOM   960  C C   . ILE B 1 42 ? 4.658   -10.387 -1.089  1.00 26.80 ? 125 ILE B C   1 
ATOM   961  O O   . ILE B 1 42 ? 3.811   -11.185 -0.663  1.00 28.26 ? 125 ILE B O   1 
ATOM   962  C CB  . ILE B 1 42 ? 5.840   -10.653 -3.320  1.00 25.88 ? 125 ILE B CB  1 
ATOM   963  C CG1 . ILE B 1 42 ? 5.635   -10.479 -4.839  1.00 26.32 ? 125 ILE B CG1 1 
ATOM   964  C CG2 . ILE B 1 42 ? 5.943   -12.142 -2.973  1.00 27.42 ? 125 ILE B CG2 1 
ATOM   965  C CD1 . ILE B 1 42 ? 6.737   -11.111 -5.664  1.00 25.29 ? 125 ILE B CD1 1 
ATOM   966  N N   . ALA B 1 43 ? 5.591   -9.855  -0.299  1.00 27.10 ? 126 ALA B N   1 
ATOM   967  C CA  . ALA B 1 43 ? 5.709   -10.273 1.099   1.00 24.86 ? 126 ALA B CA  1 
ATOM   968  C C   . ALA B 1 43 ? 4.460   -9.917  1.880   1.00 28.84 ? 126 ALA B C   1 
ATOM   969  O O   . ALA B 1 43 ? 4.012   -10.691 2.737   1.00 27.61 ? 126 ALA B O   1 
ATOM   970  C CB  . ALA B 1 43 ? 6.931   -9.627  1.748   1.00 29.79 ? 126 ALA B CB  1 
ATOM   971  N N   . TYR B 1 44 ? 3.881   -8.745  1.593   1.00 24.62 ? 127 TYR B N   1 
ATOM   972  C CA  . TYR B 1 44 ? 2.641   -8.353  2.246   1.00 25.81 ? 127 TYR B CA  1 
ATOM   973  C C   . TYR B 1 44 ? 1.506   -9.289  1.866   1.00 27.90 ? 127 TYR B C   1 
ATOM   974  O O   . TYR B 1 44 ? 0.784   -9.791  2.731   1.00 29.16 ? 127 TYR B O   1 
ATOM   975  C CB  . TYR B 1 44 ? 2.273   -6.906  1.889   1.00 26.54 ? 127 TYR B CB  1 
ATOM   976  C CG  . TYR B 1 44 ? 0.935   -6.541  2.481   1.00 25.73 ? 127 TYR B CG  1 
ATOM   977  C CD1 . TYR B 1 44 ? 0.826   -6.211  3.824   1.00 28.52 ? 127 TYR B CD1 1 
ATOM   978  C CD2 . TYR B 1 44 ? -0.221  -6.597  1.718   1.00 26.87 ? 127 TYR B CD2 1 
ATOM   979  C CE1 . TYR B 1 44 ? -0.400  -5.916  4.385   1.00 32.04 ? 127 TYR B CE1 1 
ATOM   980  C CE2 . TYR B 1 44 ? -1.439  -6.325  2.263   1.00 29.73 ? 127 TYR B CE2 1 
ATOM   981  C CZ  . TYR B 1 44 ? -1.531  -5.976  3.594   1.00 29.45 ? 127 TYR B CZ  1 
ATOM   982  O OH  . TYR B 1 44 ? -2.753  -5.692  4.146   1.00 33.79 ? 127 TYR B OH  1 
ATOM   983  N N   . TRP B 1 45 ? 1.327   -9.537  0.563   1.00 24.89 ? 128 TRP B N   1 
ATOM   984  C CA  . TRP B 1 45 ? 0.176   -10.311 0.138   1.00 25.49 ? 128 TRP B CA  1 
ATOM   985  C C   . TRP B 1 45 ? 0.334   -11.800 0.439   1.00 25.70 ? 128 TRP B C   1 
ATOM   986  O O   . TRP B 1 45 ? -0.672  -12.513 0.512   1.00 29.57 ? 128 TRP B O   1 
ATOM   987  C CB  . TRP B 1 45 ? -0.089  -10.026 -1.348  1.00 27.66 ? 128 TRP B CB  1 
ATOM   988  C CG  . TRP B 1 45 ? -0.673  -8.672  -1.441  1.00 26.44 ? 128 TRP B CG  1 
ATOM   989  C CD1 . TRP B 1 45 ? -0.024  -7.506  -1.744  1.00 29.46 ? 128 TRP B CD1 1 
ATOM   990  C CD2 . TRP B 1 45 ? -2.010  -8.309  -1.095  1.00 29.73 ? 128 TRP B CD2 1 
ATOM   991  N NE1 . TRP B 1 45 ? -0.891  -6.441  -1.645  1.00 29.09 ? 128 TRP B NE1 1 
ATOM   992  C CE2 . TRP B 1 45 ? -2.119  -6.912  -1.253  1.00 31.60 ? 128 TRP B CE2 1 
ATOM   993  C CE3 . TRP B 1 45 ? -3.138  -9.035  -0.693  1.00 33.56 ? 128 TRP B CE3 1 
ATOM   994  C CZ2 . TRP B 1 45 ? -3.311  -6.228  -1.018  1.00 34.21 ? 128 TRP B CZ2 1 
ATOM   995  C CZ3 . TRP B 1 45 ? -4.327  -8.343  -0.462  1.00 36.33 ? 128 TRP B CZ3 1 
ATOM   996  C CH2 . TRP B 1 45 ? -4.398  -6.962  -0.624  1.00 32.48 ? 128 TRP B CH2 1 
ATOM   997  N N   . GLN B 1 46 ? 1.562   -12.282 0.637   1.00 26.43 ? 129 GLN B N   1 
ATOM   998  C CA  . GLN B 1 46 ? 1.731   -13.640 1.155   1.00 29.24 ? 129 GLN B CA  1 
ATOM   999  C C   . GLN B 1 46 ? 1.119   -13.763 2.543   1.00 30.48 ? 129 GLN B C   1 
ATOM   1000 O O   . GLN B 1 46 ? 0.532   -14.797 2.897   1.00 32.82 ? 129 GLN B O   1 
ATOM   1001 C CB  . GLN B 1 46 ? 3.213   -13.988 1.229   1.00 29.26 ? 129 GLN B CB  1 
ATOM   1002 C CG  . GLN B 1 46 ? 3.859   -14.427 -0.058  1.00 29.34 ? 129 GLN B CG  1 
ATOM   1003 C CD  . GLN B 1 46 ? 5.296   -14.795 0.194   1.00 34.28 ? 129 GLN B CD  1 
ATOM   1004 O OE1 . GLN B 1 46 ? 6.134   -13.922 0.404   1.00 32.99 ? 129 GLN B OE1 1 
ATOM   1005 N NE2 . GLN B 1 46 ? 5.581   -16.100 0.249   1.00 26.68 ? 129 GLN B NE2 1 
ATOM   1006 N N   . ALA B 1 47 ? 1.296   -12.727 3.356   1.00 28.19 ? 130 ALA B N   1 
ATOM   1007 C CA  . ALA B 1 47 ? 0.742   -12.701 4.704   1.00 31.99 ? 130 ALA B CA  1 
ATOM   1008 C C   . ALA B 1 47 ? -0.776  -12.642 4.672   1.00 34.94 ? 130 ALA B C   1 
ATOM   1009 O O   . ALA B 1 47 ? -1.446  -13.305 5.473   1.00 33.30 ? 130 ALA B O   1 
ATOM   1010 C CB  . ALA B 1 47 ? 1.309   -11.507 5.461   1.00 28.04 ? 130 ALA B CB  1 
ATOM   1011 N N   . GLU B 1 48 ? -1.330  -11.846 3.749   1.00 34.39 ? 131 GLU B N   1 
ATOM   1012 C CA  . GLU B 1 48 ? -2.777  -11.766 3.595   1.00 37.70 ? 131 GLU B CA  1 
ATOM   1013 C C   . GLU B 1 48 ? -3.367  -13.121 3.248   1.00 36.38 ? 131 GLU B C   1 
ATOM   1014 O O   . GLU B 1 48 ? -4.462  -13.464 3.707   1.00 41.13 ? 131 GLU B O   1 
ATOM   1015 C CB  . GLU B 1 48 ? -3.137  -10.743 2.515   1.00 38.11 ? 131 GLU B CB  1 
ATOM   1016 C CG  . GLU B 1 48 ? -3.174  -9.317  3.014   1.00 35.66 ? 131 GLU B CG  1 
ATOM   1017 C CD  . GLU B 1 48 ? -4.586  -8.776  3.138   1.00 45.30 ? 131 GLU B CD  1 
ATOM   1018 O OE1 . GLU B 1 48 ? -4.749  -7.550  3.376   1.00 48.61 ? 131 GLU B OE1 1 
ATOM   1019 O OE2 . GLU B 1 48 ? -5.535  -9.574  2.984   1.00 50.80 ? 131 GLU B OE2 1 
ATOM   1020 N N   . GLY B 1 49 ? -2.662  -13.900 2.431   1.00 35.36 ? 132 GLY B N   1 
ATOM   1021 C CA  . GLY B 1 49 ? -3.113  -15.232 2.092   1.00 37.65 ? 132 GLY B CA  1 
ATOM   1022 C C   . GLY B 1 49 ? -4.257  -15.292 1.111   1.00 33.57 ? 132 GLY B C   1 
ATOM   1023 O O   . GLY B 1 49 ? -4.768  -16.381 0.847   1.00 36.32 ? 132 GLY B O   1 
ATOM   1024 N N   . LYS B 1 50 ? -4.686  -14.153 0.573   1.00 36.62 ? 133 LYS B N   1 
ATOM   1025 C CA  . LYS B 1 50 ? -5.785  -14.129 -0.375  1.00 33.89 ? 133 LYS B CA  1 
ATOM   1026 C C   . LYS B 1 50 ? -5.323  -14.708 -1.699  1.00 35.66 ? 133 LYS B C   1 
ATOM   1027 O O   . LYS B 1 50 ? -4.126  -14.753 -1.999  1.00 36.71 ? 133 LYS B O   1 
ATOM   1028 C CB  . LYS B 1 50 ? -6.290  -12.700 -0.576  1.00 36.39 ? 133 LYS B CB  1 
ATOM   1029 C CG  . LYS B 1 50 ? -6.879  -12.075 0.683   1.00 39.43 ? 133 LYS B CG  1 
ATOM   1030 C CD  . LYS B 1 50 ? -7.790  -10.924 0.331   1.00 45.51 ? 133 LYS B CD  1 
ATOM   1031 C CE  . LYS B 1 50 ? -9.044  -10.900 1.185   1.00 54.47 ? 133 LYS B CE  1 
ATOM   1032 N NZ  . LYS B 1 50 ? -9.982  -9.834  0.710   1.00 55.15 ? 133 LYS B NZ  1 
ATOM   1033 N N   . VAL B 1 51 ? -6.282  -15.176 -2.493  1.00 35.34 ? 134 VAL B N   1 
ATOM   1034 C CA  . VAL B 1 51 ? -5.985  -15.741 -3.801  1.00 36.24 ? 134 VAL B CA  1 
ATOM   1035 C C   . VAL B 1 51 ? -6.710  -14.907 -4.850  1.00 37.85 ? 134 VAL B C   1 
ATOM   1036 O O   . VAL B 1 51 ? -7.841  -14.459 -4.632  1.00 37.96 ? 134 VAL B O   1 
ATOM   1037 C CB  . VAL B 1 51 ? -6.370  -17.234 -3.901  1.00 41.01 ? 134 VAL B CB  1 
ATOM   1038 C CG1 . VAL B 1 51 ? -5.707  -18.032 -2.777  1.00 37.96 ? 134 VAL B CG1 1 
ATOM   1039 C CG2 . VAL B 1 51 ? -7.878  -17.416 -3.883  1.00 44.80 ? 134 VAL B CG2 1 
ATOM   1040 N N   . PHE B 1 52 ? -6.032  -14.656 -5.963  1.00 35.46 ? 135 PHE B N   1 
ATOM   1041 C CA  . PHE B 1 52 ? -6.624  -13.929 -7.080  1.00 37.89 ? 135 PHE B CA  1 
ATOM   1042 C C   . PHE B 1 52 ? -6.095  -14.531 -8.367  1.00 41.18 ? 135 PHE B C   1 
ATOM   1043 O O   . PHE B 1 52 ? -5.152  -15.330 -8.359  1.00 36.85 ? 135 PHE B O   1 
ATOM   1044 C CB  . PHE B 1 52 ? -6.297  -12.433 -7.029  1.00 35.51 ? 135 PHE B CB  1 
ATOM   1045 C CG  . PHE B 1 52 ? -6.935  -11.702 -5.882  1.00 39.78 ? 135 PHE B CG  1 
ATOM   1046 C CD1 . PHE B 1 52 ? -8.211  -11.169 -6.005  1.00 39.93 ? 135 PHE B CD1 1 
ATOM   1047 C CD2 . PHE B 1 52 ? -6.254  -11.529 -4.688  1.00 35.85 ? 135 PHE B CD2 1 
ATOM   1048 C CE1 . PHE B 1 52 ? -8.799  -10.499 -4.956  1.00 41.90 ? 135 PHE B CE1 1 
ATOM   1049 C CE2 . PHE B 1 52 ? -6.832  -10.855 -3.634  1.00 37.00 ? 135 PHE B CE2 1 
ATOM   1050 C CZ  . PHE B 1 52 ? -8.109  -10.338 -3.761  1.00 39.72 ? 135 PHE B CZ  1 
ATOM   1051 N N   . HIS B 1 53 ? -6.721  -14.145 -9.480  1.00 39.49 ? 136 HIS B N   1 
ATOM   1052 C CA  . HIS B 1 53 ? -6.142  -14.402 -10.788 1.00 40.45 ? 136 HIS B CA  1 
ATOM   1053 C C   . HIS B 1 53 ? -4.966  -13.459 -11.024 1.00 37.84 ? 136 HIS B C   1 
ATOM   1054 O O   . HIS B 1 53 ? -4.886  -12.362 -10.457 1.00 39.48 ? 136 HIS B O   1 
ATOM   1055 C CB  . HIS B 1 53 ? -7.179  -14.205 -11.902 1.00 43.42 ? 136 HIS B CB  1 
ATOM   1056 C CG  . HIS B 1 53 ? -8.192  -15.304 -12.003 1.00 45.93 ? 136 HIS B CG  1 
ATOM   1057 N ND1 . HIS B 1 53 ? -9.348  -15.324 -11.254 1.00 49.53 ? 136 HIS B ND1 1 
ATOM   1058 C CD2 . HIS B 1 53 ? -8.226  -16.416 -12.776 1.00 46.70 ? 136 HIS B CD2 1 
ATOM   1059 C CE1 . HIS B 1 53 ? -10.048 -16.403 -11.557 1.00 47.37 ? 136 HIS B CE1 1 
ATOM   1060 N NE2 . HIS B 1 53 ? -9.387  -17.084 -12.474 1.00 45.88 ? 136 HIS B NE2 1 
ATOM   1061 N N   . HIS B 1 54 ? -4.061  -13.895 -11.898 1.00 33.27 ? 137 HIS B N   1 
ATOM   1062 C CA  . HIS B 1 54 ? -2.889  -13.093 -12.243 1.00 37.94 ? 137 HIS B CA  1 
ATOM   1063 C C   . HIS B 1 54 ? -3.254  -11.654 -12.603 1.00 36.03 ? 137 HIS B C   1 
ATOM   1064 O O   . HIS B 1 54 ? -2.542  -10.715 -12.228 1.00 33.20 ? 137 HIS B O   1 
ATOM   1065 C CB  . HIS B 1 54 ? -2.153  -13.754 -13.404 1.00 37.61 ? 137 HIS B CB  1 
ATOM   1066 C CG  . HIS B 1 54 ? -0.868  -13.086 -13.778 1.00 35.99 ? 137 HIS B CG  1 
ATOM   1067 N ND1 . HIS B 1 54 ? 0.241   -13.083 -12.956 1.00 33.88 ? 137 HIS B ND1 1 
ATOM   1068 C CD2 . HIS B 1 54 ? -0.505  -12.424 -14.903 1.00 35.44 ? 137 HIS B CD2 1 
ATOM   1069 C CE1 . HIS B 1 54 ? 1.227   -12.439 -13.555 1.00 37.15 ? 137 HIS B CE1 1 
ATOM   1070 N NE2 . HIS B 1 54 ? 0.798   -12.028 -14.738 1.00 39.30 ? 137 HIS B NE2 1 
ATOM   1071 N N   . ILE B 1 55 ? -4.345  -11.456 -13.352 1.00 37.89 ? 138 ILE B N   1 
ATOM   1072 C CA  . ILE B 1 55 ? -4.693  -10.097 -13.769 1.00 37.04 ? 138 ILE B CA  1 
ATOM   1073 C C   . ILE B 1 55 ? -5.119  -9.263  -12.570 1.00 37.63 ? 138 ILE B C   1 
ATOM   1074 O O   . ILE B 1 55 ? -4.802  -8.068  -12.482 1.00 37.44 ? 138 ILE B O   1 
ATOM   1075 C CB  . ILE B 1 55 ? -5.777  -10.115 -14.867 1.00 41.38 ? 138 ILE B CB  1 
ATOM   1076 C CG1 . ILE B 1 55 ? -5.977  -8.712  -15.439 1.00 42.27 ? 138 ILE B CG1 1 
ATOM   1077 C CG2 . ILE B 1 55 ? -7.106  -10.643 -14.334 1.00 41.03 ? 138 ILE B CG2 1 
ATOM   1078 C CD1 . ILE B 1 55 ? -6.493  -8.714  -16.885 1.00 49.81 ? 138 ILE B CD1 1 
ATOM   1079 N N   . GLN B 1 56 ? -5.834  -9.873  -11.624 1.00 35.09 ? 139 GLN B N   1 
ATOM   1080 C CA  . GLN B 1 56 ? -6.244  -9.139  -10.438 1.00 36.57 ? 139 GLN B CA  1 
ATOM   1081 C C   . GLN B 1 56 ? -5.043  -8.823  -9.556  1.00 35.47 ? 139 GLN B C   1 
ATOM   1082 O O   . GLN B 1 56 ? -4.975  -7.739  -8.968  1.00 34.22 ? 139 GLN B O   1 
ATOM   1083 C CB  . GLN B 1 56 ? -7.313  -9.925  -9.679  1.00 42.50 ? 139 GLN B CB  1 
ATOM   1084 C CG  . GLN B 1 56 ? -8.555  -10.238 -10.515 1.00 47.62 ? 139 GLN B CG  1 
ATOM   1085 C CD  . GLN B 1 56 ? -9.385  -11.388 -9.953  1.00 52.41 ? 139 GLN B CD  1 
ATOM   1086 O OE1 . GLN B 1 56 ? -8.851  -12.377 -9.438  1.00 48.15 ? 139 GLN B OE1 1 
ATOM   1087 N NE2 . GLN B 1 56 ? -10.704 -11.260 -10.055 1.00 55.62 ? 139 GLN B NE2 1 
ATOM   1088 N N   . TRP B 1 57 ? -4.076  -9.749  -9.459  1.00 36.25 ? 140 TRP B N   1 
ATOM   1089 C CA  . TRP B 1 57 ? -2.844  -9.442  -8.734  1.00 32.83 ? 140 TRP B CA  1 
ATOM   1090 C C   . TRP B 1 57 ? -2.107  -8.270  -9.364  1.00 30.93 ? 140 TRP B C   1 
ATOM   1091 O O   . TRP B 1 57 ? -1.608  -7.389  -8.656  1.00 30.44 ? 140 TRP B O   1 
ATOM   1092 C CB  . TRP B 1 57 ? -1.920  -10.654 -8.703  1.00 34.39 ? 140 TRP B CB  1 
ATOM   1093 C CG  . TRP B 1 57 ? -2.278  -11.678 -7.715  1.00 33.90 ? 140 TRP B CG  1 
ATOM   1094 C CD1 . TRP B 1 57 ? -2.544  -12.990 -7.975  1.00 35.24 ? 140 TRP B CD1 1 
ATOM   1095 C CD2 . TRP B 1 57 ? -2.372  -11.517 -6.298  1.00 30.57 ? 140 TRP B CD2 1 
ATOM   1096 N NE1 . TRP B 1 57 ? -2.816  -13.656 -6.808  1.00 32.28 ? 140 TRP B NE1 1 
ATOM   1097 C CE2 . TRP B 1 57 ? -2.715  -12.774 -5.761  1.00 32.81 ? 140 TRP B CE2 1 
ATOM   1098 C CE3 . TRP B 1 57 ? -2.210  -10.430 -5.426  1.00 29.10 ? 140 TRP B CE3 1 
ATOM   1099 C CZ2 . TRP B 1 57 ? -2.899  -12.978 -4.398  1.00 32.82 ? 140 TRP B CZ2 1 
ATOM   1100 C CZ3 . TRP B 1 57 ? -2.387  -10.636 -4.068  1.00 32.47 ? 140 TRP B CZ3 1 
ATOM   1101 C CH2 . TRP B 1 57 ? -2.733  -11.901 -3.565  1.00 32.99 ? 140 TRP B CH2 1 
ATOM   1102 N N   . GLN B 1 58 ? -2.017  -8.250  -10.694 1.00 31.25 ? 141 GLN B N   1 
ATOM   1103 C CA  . GLN B 1 58 ? -1.325  -7.155  -11.362 1.00 31.21 ? 141 GLN B CA  1 
ATOM   1104 C C   . GLN B 1 58 ? -2.033  -5.829  -11.122 1.00 28.56 ? 141 GLN B C   1 
ATOM   1105 O O   . GLN B 1 58 ? -1.382  -4.790  -10.971 1.00 31.44 ? 141 GLN B O   1 
ATOM   1106 C CB  . GLN B 1 58 ? -1.218  -7.438  -12.858 1.00 34.29 ? 141 GLN B CB  1 
ATOM   1107 C CG  . GLN B 1 58 ? -0.311  -8.593  -13.208 1.00 33.59 ? 141 GLN B CG  1 
ATOM   1108 C CD  . GLN B 1 58 ? -0.055  -8.666  -14.694 1.00 41.52 ? 141 GLN B CD  1 
ATOM   1109 O OE1 . GLN B 1 58 ? 1.062   -8.420  -15.156 1.00 43.25 ? 141 GLN B OE1 1 
ATOM   1110 N NE2 . GLN B 1 58 ? -1.093  -8.991  -15.456 1.00 37.87 ? 141 GLN B NE2 1 
ATOM   1111 N N   . GLN B 1 59 ? -3.369  -5.843  -11.087 1.00 28.26 ? 142 GLN B N   1 
ATOM   1112 C CA  . GLN B 1 59 ? -4.114  -4.624  -10.787 1.00 33.70 ? 142 GLN B CA  1 
ATOM   1113 C C   . GLN B 1 59 ? -3.825  -4.143  -9.375  1.00 32.62 ? 142 GLN B C   1 
ATOM   1114 O O   . GLN B 1 59 ? -3.642  -2.945  -9.142  1.00 30.02 ? 142 GLN B O   1 
ATOM   1115 C CB  . GLN B 1 59 ? -5.612  -4.859  -10.972 1.00 35.44 ? 142 GLN B CB  1 
ATOM   1116 C CG  . GLN B 1 59 ? -6.008  -5.092  -12.418 1.00 38.57 ? 142 GLN B CG  1 
ATOM   1117 C CD  . GLN B 1 59 ? -7.403  -5.670  -12.569 1.00 42.79 ? 142 GLN B CD  1 
ATOM   1118 O OE1 . GLN B 1 59 ? -8.021  -6.097  -11.597 1.00 41.03 ? 142 GLN B OE1 1 
ATOM   1119 N NE2 . GLN B 1 59 ? -7.911  -5.672  -13.798 1.00 45.28 ? 142 GLN B NE2 1 
ATOM   1120 N N   . LYS B 1 60 ? -3.786  -5.062  -8.408  1.00 32.69 ? 143 LYS B N   1 
ATOM   1121 C CA  . LYS B 1 60 ? -3.486  -4.637  -7.046  1.00 31.32 ? 143 LYS B CA  1 
ATOM   1122 C C   . LYS B 1 60 ? -2.083  -4.066  -6.953  1.00 29.32 ? 143 LYS B C   1 
ATOM   1123 O O   . LYS B 1 60 ? -1.858  -3.075  -6.248  1.00 30.15 ? 143 LYS B O   1 
ATOM   1124 C CB  . LYS B 1 60 ? -3.656  -5.802  -6.077  1.00 32.94 ? 143 LYS B CB  1 
ATOM   1125 C CG  . LYS B 1 60 ? -4.963  -6.505  -6.263  1.00 36.69 ? 143 LYS B CG  1 
ATOM   1126 C CD  . LYS B 1 60 ? -5.812  -6.380  -5.058  1.00 45.18 ? 143 LYS B CD  1 
ATOM   1127 C CE  . LYS B 1 60 ? -5.418  -7.410  -4.029  1.00 34.25 ? 143 LYS B CE  1 
ATOM   1128 N NZ  . LYS B 1 60 ? -6.468  -7.453  -3.005  1.00 42.44 ? 143 LYS B NZ  1 
ATOM   1129 N N   . LEU B 1 61 ? -1.126  -4.683  -7.651  1.00 27.92 ? 144 LEU B N   1 
ATOM   1130 C CA  . LEU B 1 61 ? 0.235   -4.160  -7.672  1.00 27.36 ? 144 LEU B CA  1 
ATOM   1131 C C   . LEU B 1 61 ? 0.263   -2.756  -8.256  1.00 29.44 ? 144 LEU B C   1 
ATOM   1132 O O   . LEU B 1 61 ? 0.899   -1.846  -7.709  1.00 28.39 ? 144 LEU B O   1 
ATOM   1133 C CB  . LEU B 1 61 ? 1.136   -5.087  -8.479  1.00 24.98 ? 144 LEU B CB  1 
ATOM   1134 C CG  . LEU B 1 61 ? 2.550   -4.547  -8.679  1.00 28.87 ? 144 LEU B CG  1 
ATOM   1135 C CD1 . LEU B 1 61 ? 3.315   -4.496  -7.354  1.00 29.11 ? 144 LEU B CD1 1 
ATOM   1136 C CD2 . LEU B 1 61 ? 3.306   -5.378  -9.702  1.00 27.24 ? 144 LEU B CD2 1 
ATOM   1137 N N   . ALA B 1 62 ? -0.420  -2.567  -9.384  1.00 29.35 ? 145 ALA B N   1 
ATOM   1138 C CA  . ALA B 1 62 ? -0.473  -1.243  -9.998  1.00 25.88 ? 145 ALA B CA  1 
ATOM   1139 C C   . ALA B 1 62 ? -0.985  -0.200  -9.013  1.00 27.45 ? 145 ALA B C   1 
ATOM   1140 O O   . ALA B 1 62 ? -0.336  0.828   -8.790  1.00 30.31 ? 145 ALA B O   1 
ATOM   1141 C CB  . ALA B 1 62 ? -1.345  -1.295  -11.252 1.00 32.46 ? 145 ALA B CB  1 
ATOM   1142 N N   . ARG B 1 63 ? -2.131  -0.471  -8.383  1.00 28.63 ? 146 ARG B N   1 
ATOM   1143 C CA  . ARG B 1 63 ? -2.722  0.486   -7.457  1.00 30.99 ? 146 ARG B CA  1 
ATOM   1144 C C   . ARG B 1 63 ? -1.843  0.686   -6.228  1.00 30.52 ? 146 ARG B C   1 
ATOM   1145 O O   . ARG B 1 63 ? -1.720  1.805   -5.720  1.00 33.60 ? 146 ARG B O   1 
ATOM   1146 C CB  . ARG B 1 63 ? -4.122  0.017   -7.057  1.00 35.72 ? 146 ARG B CB  1 
ATOM   1147 C CG  . ARG B 1 63 ? -5.203  0.435   -8.069  1.00 45.59 ? 146 ARG B CG  1 
ATOM   1148 C CD  . ARG B 1 63 ? -6.604  0.040   -7.627  1.00 47.78 ? 146 ARG B CD  1 
ATOM   1149 N NE  . ARG B 1 63 ? -6.978  -1.272  -8.146  1.00 52.38 ? 146 ARG B NE  1 
ATOM   1150 C CZ  . ARG B 1 63 ? -6.934  -2.398  -7.440  1.00 51.05 ? 146 ARG B CZ  1 
ATOM   1151 N NH1 . ARG B 1 63 ? -7.286  -3.547  -8.007  1.00 50.45 ? 146 ARG B NH1 1 
ATOM   1152 N NH2 . ARG B 1 63 ? -6.542  -2.377  -6.170  1.00 52.29 ? 146 ARG B NH2 1 
ATOM   1153 N N   . SER B 1 64 ? -1.210  -0.389  -5.758  1.00 30.13 ? 147 SER B N   1 
ATOM   1154 C CA  . SER B 1 64 ? -0.336  -0.309  -4.594  1.00 32.12 ? 147 SER B CA  1 
ATOM   1155 C C   . SER B 1 64 ? 0.883   0.558   -4.889  1.00 29.77 ? 147 SER B C   1 
ATOM   1156 O O   . SER B 1 64 ? 1.217   1.471   -4.125  1.00 29.37 ? 147 SER B O   1 
ATOM   1157 C CB  . SER B 1 64 ? 0.087   -1.724  -4.200  1.00 30.57 ? 147 SER B CB  1 
ATOM   1158 O OG  . SER B 1 64 ? 0.859   -1.728  -3.008  1.00 31.98 ? 147 SER B OG  1 
ATOM   1159 N N   . VAL B 1 65 ? 1.561   0.290   -6.009  1.00 29.54 ? 148 VAL B N   1 
ATOM   1160 C CA  . VAL B 1 65 ? 2.715   1.102   -6.378  1.00 30.79 ? 148 VAL B CA  1 
ATOM   1161 C C   . VAL B 1 65 ? 2.290   2.542   -6.670  1.00 30.87 ? 148 VAL B C   1 
ATOM   1162 O O   . VAL B 1 65 ? 3.024   3.493   -6.371  1.00 32.34 ? 148 VAL B O   1 
ATOM   1163 C CB  . VAL B 1 65 ? 3.434   0.448   -7.568  1.00 33.56 ? 148 VAL B CB  1 
ATOM   1164 C CG1 . VAL B 1 65 ? 4.551   1.327   -8.056  1.00 32.98 ? 148 VAL B CG1 1 
ATOM   1165 C CG2 . VAL B 1 65 ? 3.963   -0.925  -7.159  1.00 29.86 ? 148 VAL B CG2 1 
ATOM   1166 N N   . GLN B 1 66 ? 1.091   2.731   -7.209  1.00 29.32 ? 149 GLN B N   1 
ATOM   1167 C CA  . GLN B 1 66 ? 0.618   4.093   -7.446  1.00 34.14 ? 149 GLN B CA  1 
ATOM   1168 C C   . GLN B 1 66 ? 0.472   4.847   -6.133  1.00 34.87 ? 149 GLN B C   1 
ATOM   1169 O O   . GLN B 1 66 ? 0.885   6.011   -6.022  1.00 33.75 ? 149 GLN B O   1 
ATOM   1170 C CB  . GLN B 1 66 ? -0.707  4.061   -8.197  1.00 34.02 ? 149 GLN B CB  1 
ATOM   1171 C CG  . GLN B 1 66 ? -1.394  5.412   -8.307  1.00 39.44 ? 149 GLN B CG  1 
ATOM   1172 C CD  . GLN B 1 66 ? -2.744  5.298   -8.969  1.00 43.04 ? 149 GLN B CD  1 
ATOM   1173 O OE1 . GLN B 1 66 ? -3.639  4.615   -8.464  1.00 43.11 ? 149 GLN B OE1 1 
ATOM   1174 N NE2 . GLN B 1 66 ? -2.903  5.958   -10.108 1.00 42.84 ? 149 GLN B NE2 1 
ATOM   1175 N N   . ILE B 1 67 ? -0.093  4.192   -5.118  1.00 32.08 ? 150 ILE B N   1 
ATOM   1176 C CA  . ILE B 1 67 ? -0.297  4.867   -3.844  1.00 33.43 ? 150 ILE B CA  1 
ATOM   1177 C C   . ILE B 1 67 ? 1.040   5.137   -3.185  1.00 35.87 ? 150 ILE B C   1 
ATOM   1178 O O   . ILE B 1 67 ? 1.312   6.257   -2.734  1.00 35.67 ? 150 ILE B O   1 
ATOM   1179 C CB  . ILE B 1 67 ? -1.230  4.040   -2.945  1.00 33.31 ? 150 ILE B CB  1 
ATOM   1180 C CG1 . ILE B 1 67 ? -2.641  4.027   -3.549  1.00 33.02 ? 150 ILE B CG1 1 
ATOM   1181 C CG2 . ILE B 1 67 ? -1.222  4.585   -1.509  1.00 33.49 ? 150 ILE B CG2 1 
ATOM   1182 C CD1 . ILE B 1 67 ? -3.534  2.917   -3.003  1.00 34.16 ? 150 ILE B CD1 1 
ATOM   1183 N N   . SER B 1 68 ? 1.924   4.138   -3.186  1.00 32.73 ? 151 SER B N   1 
ATOM   1184 C CA  . SER B 1 68 ? 3.197   4.269   -2.492  1.00 35.72 ? 151 SER B CA  1 
ATOM   1185 C C   . SER B 1 68 ? 4.069   5.335   -3.135  1.00 36.01 ? 151 SER B C   1 
ATOM   1186 O O   . SER B 1 68 ? 4.775   6.071   -2.438  1.00 38.97 ? 151 SER B O   1 
ATOM   1187 C CB  . SER B 1 68 ? 3.913   2.921   -2.475  1.00 37.65 ? 151 SER B CB  1 
ATOM   1188 O OG  . SER B 1 68 ? 3.264   2.054   -1.566  1.00 36.38 ? 151 SER B OG  1 
ATOM   1189 N N   . ARG B 1 69 ? 4.023   5.445   -4.462  1.00 35.18 ? 152 ARG B N   1 
ATOM   1190 C CA  . ARG B 1 69 ? 4.797   6.488   -5.119  1.00 36.63 ? 152 ARG B CA  1 
ATOM   1191 C C   . ARG B 1 69 ? 4.188   7.867   -4.916  1.00 37.80 ? 152 ARG B C   1 
ATOM   1192 O O   . ARG B 1 69 ? 4.921   8.856   -4.843  1.00 43.99 ? 152 ARG B O   1 
ATOM   1193 C CB  . ARG B 1 69 ? 4.922   6.186   -6.601  1.00 35.35 ? 152 ARG B CB  1 
ATOM   1194 C CG  . ARG B 1 69 ? 5.791   4.982   -6.869  1.00 31.53 ? 152 ARG B CG  1 
ATOM   1195 C CD  . ARG B 1 69 ? 5.827   4.682   -8.330  1.00 33.81 ? 152 ARG B CD  1 
ATOM   1196 N NE  . ARG B 1 69 ? 6.779   3.616   -8.605  1.00 36.11 ? 152 ARG B NE  1 
ATOM   1197 C CZ  . ARG B 1 69 ? 7.272   3.361   -9.807  1.00 36.70 ? 152 ARG B CZ  1 
ATOM   1198 N NH1 . ARG B 1 69 ? 6.898   4.097   -10.848 1.00 36.20 ? 152 ARG B NH1 1 
ATOM   1199 N NH2 . ARG B 1 69 ? 8.149   2.375   -9.966  1.00 34.57 ? 152 ARG B NH2 1 
ATOM   1200 N N   . SER B 1 70 ? 2.864   7.962   -4.825  1.00 37.77 ? 153 SER B N   1 
ATOM   1201 C CA  . SER B 1 70 ? 2.252   9.270   -4.621  1.00 40.40 ? 153 SER B CA  1 
ATOM   1202 C C   . SER B 1 70 ? 2.400   9.760   -3.192  1.00 41.76 ? 153 SER B C   1 
ATOM   1203 O O   . SER B 1 70 ? 2.224   10.956  -2.940  1.00 39.19 ? 153 SER B O   1 
ATOM   1204 C CB  . SER B 1 70 ? 0.774   9.244   -5.014  1.00 38.80 ? 153 SER B CB  1 
ATOM   1205 O OG  . SER B 1 70 ? 0.022   8.431   -4.136  1.00 38.53 ? 153 SER B OG  1 
ATOM   1206 N N   . SER B 1 71 ? 2.713   8.871   -2.256  1.00 38.64 ? 154 SER B N   1 
ATOM   1207 C CA  . SER B 1 71 ? 3.068   9.272   -0.906  1.00 46.33 ? 154 SER B CA  1 
ATOM   1208 C C   . SER B 1 71 ? 4.583   9.334   -0.798  1.00 54.95 ? 154 SER B C   1 
ATOM   1209 O O   . SER B 1 71 ? 5.297   8.560   -1.444  1.00 55.73 ? 154 SER B O   1 
ATOM   1210 C CB  . SER B 1 71 ? 2.526   8.284   0.130   1.00 44.81 ? 154 SER B CB  1 
ATOM   1211 O OG  . SER B 1 71 ? 1.260   7.774   -0.244  1.00 45.13 ? 154 SER B OG  1 
ATOM   1212 N N   . ASN B 1 72 ? 5.066   10.262  0.024   1.00 57.55 ? 155 ASN B N   1 
ATOM   1213 C CA  . ASN B 1 72 ? 6.487   10.337  0.359   1.00 60.84 ? 155 ASN B CA  1 
ATOM   1214 C C   . ASN B 1 72 ? 7.380   10.384  -0.876  1.00 61.38 ? 155 ASN B C   1 
ATOM   1215 O O   . ASN B 1 72 ? 7.951   9.367   -1.269  1.00 66.07 ? 155 ASN B O   1 
ATOM   1216 C CB  . ASN B 1 72 ? 6.876   9.143   1.237   1.00 62.29 ? 155 ASN B CB  1 
ATOM   1217 C CG  . ASN B 1 72 ? 6.597   9.388   2.706   1.00 62.67 ? 155 ASN B CG  1 
ATOM   1218 O OD1 . ASN B 1 72 ? 5.772   10.239  3.062   1.00 58.79 ? 155 ASN B OD1 1 
ATOM   1219 N ND2 . ASN B 1 72 ? 7.271   8.636   3.570   1.00 61.05 ? 155 ASN B ND2 1 
HETATM 1220 O O   . HOH C 2 .  ? -15.955 10.180  13.368  1.00 44.51 ? 201 HOH A O   1 
HETATM 1221 O O   . HOH C 2 .  ? 4.598   1.576   20.398  1.00 42.20 ? 202 HOH A O   1 
HETATM 1222 O O   . HOH C 2 .  ? 9.260   -1.606  9.591   1.00 36.27 ? 203 HOH A O   1 
HETATM 1223 O O   . HOH C 2 .  ? 9.976   -4.752  15.541  1.00 40.94 ? 204 HOH A O   1 
HETATM 1224 O O   . HOH C 2 .  ? -4.668  7.545   -1.996  1.00 36.46 ? 205 HOH A O   1 
HETATM 1225 O O   . HOH C 2 .  ? -16.339 16.634  -2.896  1.00 40.12 ? 206 HOH A O   1 
HETATM 1226 O O   . HOH C 2 .  ? 6.655   -6.013  14.509  1.00 40.15 ? 207 HOH A O   1 
HETATM 1227 O O   . HOH C 2 .  ? 7.189   -7.377  9.942   1.00 40.55 ? 208 HOH A O   1 
HETATM 1228 O O   . HOH C 2 .  ? -12.695 5.514   3.139   1.00 39.35 ? 209 HOH A O   1 
HETATM 1229 O O   . HOH C 2 .  ? -4.475  -0.192  16.649  1.00 44.34 ? 210 HOH A O   1 
HETATM 1230 O O   . HOH C 2 .  ? -3.415  -4.647  8.436   1.00 34.58 ? 211 HOH A O   1 
HETATM 1231 O O   . HOH C 2 .  ? -6.291  14.586  3.136   1.00 43.60 ? 212 HOH A O   1 
HETATM 1232 O O   . HOH C 2 .  ? 6.155   11.283  13.206  1.00 48.48 ? 213 HOH A O   1 
HETATM 1233 O O   . HOH C 2 .  ? -14.872 12.296  6.983   1.00 32.68 ? 214 HOH A O   1 
HETATM 1234 O O   . HOH C 2 .  ? -8.230  13.766  9.907   1.00 30.17 ? 215 HOH A O   1 
HETATM 1235 O O   . HOH C 2 .  ? 6.289   -5.894  2.579   1.00 26.33 ? 216 HOH A O   1 
HETATM 1236 O O   . HOH C 2 .  ? -11.590 9.482   14.569  1.00 37.64 ? 217 HOH A O   1 
HETATM 1237 O O   . HOH C 2 .  ? 10.069  -0.494  1.126   1.00 36.88 ? 218 HOH A O   1 
HETATM 1238 O O   . HOH C 2 .  ? -8.154  13.261  2.580   1.00 32.31 ? 219 HOH A O   1 
HETATM 1239 O O   . HOH C 2 .  ? -7.945  3.457   -2.134  1.00 33.63 ? 220 HOH A O   1 
HETATM 1240 O O   . HOH C 2 .  ? -15.320 15.021  4.457   1.00 36.31 ? 221 HOH A O   1 
HETATM 1241 O O   . HOH C 2 .  ? -9.928  3.360   8.024   1.00 44.40 ? 222 HOH A O   1 
HETATM 1242 O O   . HOH C 2 .  ? 7.110   9.137   6.578   1.00 51.70 ? 223 HOH A O   1 
HETATM 1243 O O   . HOH C 2 .  ? -2.917  11.144  19.234  1.00 46.41 ? 224 HOH A O   1 
HETATM 1244 O O   . HOH C 2 .  ? -8.994  3.210   12.209  1.00 38.45 ? 225 HOH A O   1 
HETATM 1245 O O   . HOH C 2 .  ? 8.560   -9.169  5.123   1.00 43.43 ? 226 HOH A O   1 
HETATM 1246 O O   . HOH C 2 .  ? -5.967  -3.134  4.389   1.00 34.53 ? 227 HOH A O   1 
HETATM 1247 O O   . HOH C 2 .  ? 14.748  1.547   12.865  1.00 48.72 ? 228 HOH A O   1 
HETATM 1248 O O   . HOH C 2 .  ? -0.361  4.432   1.783   1.00 38.41 ? 229 HOH A O   1 
HETATM 1249 O O   . HOH C 2 .  ? -11.572 0.572   2.063   1.00 41.50 ? 230 HOH A O   1 
HETATM 1250 O O   . HOH C 2 .  ? -10.842 6.980   12.778  1.00 42.91 ? 231 HOH A O   1 
HETATM 1251 O O   . HOH C 2 .  ? -9.664  -0.132  -0.461  1.00 39.87 ? 232 HOH A O   1 
HETATM 1252 O O   . HOH C 2 .  ? -5.172  15.354  0.753   1.00 36.57 ? 233 HOH A O   1 
HETATM 1253 O O   . HOH C 2 .  ? 14.359  -4.400  2.349   1.00 44.21 ? 234 HOH A O   1 
HETATM 1254 O O   . HOH C 2 .  ? -2.439  -1.634  -1.764  1.00 29.61 ? 235 HOH A O   1 
HETATM 1255 O O   . HOH C 2 .  ? -14.092 16.904  -4.345  1.00 38.60 ? 236 HOH A O   1 
HETATM 1256 O O   . HOH C 2 .  ? -10.779 19.632  -2.460  1.00 42.78 ? 237 HOH A O   1 
HETATM 1257 O O   . HOH C 2 .  ? 14.167  -2.223  2.032   1.00 49.11 ? 238 HOH A O   1 
HETATM 1258 O O   . HOH C 2 .  ? -3.770  13.103  18.103  1.00 43.34 ? 239 HOH A O   1 
HETATM 1259 O O   . HOH C 2 .  ? -8.312  0.752   18.446  1.00 48.95 ? 240 HOH A O   1 
HETATM 1260 O O   . HOH C 2 .  ? -10.583 -3.668  -7.786  1.00 57.03 ? 241 HOH A O   1 
HETATM 1261 O O   . HOH C 2 .  ? -9.295  6.613   9.079   1.00 33.08 ? 242 HOH A O   1 
HETATM 1262 O O   . HOH C 2 .  ? 5.191   2.154   24.351  1.00 48.19 ? 243 HOH A O   1 
HETATM 1263 O O   . HOH C 2 .  ? 1.203   -9.892  11.152  1.00 36.23 ? 244 HOH A O   1 
HETATM 1264 O O   . HOH C 2 .  ? 12.432  -5.805  6.372   1.00 45.08 ? 245 HOH A O   1 
HETATM 1265 O O   . HOH C 2 .  ? 3.129   4.076   21.046  1.00 53.25 ? 246 HOH A O   1 
HETATM 1266 O O   . HOH C 2 .  ? -5.942  -5.725  8.527   1.00 48.95 ? 247 HOH A O   1 
HETATM 1267 O O   . HOH C 2 .  ? -6.275  -3.760  -0.450  1.00 41.50 ? 248 HOH A O   1 
HETATM 1268 O O   . HOH C 2 .  ? -11.625 6.688   10.384  1.00 42.78 ? 249 HOH A O   1 
HETATM 1269 O O   . HOH C 2 .  ? 8.628   -7.335  3.238   1.00 30.05 ? 250 HOH A O   1 
HETATM 1270 O O   . HOH C 2 .  ? 7.886   9.361   13.296  1.00 51.90 ? 251 HOH A O   1 
HETATM 1271 O O   . HOH C 2 .  ? -8.957  19.932  -5.776  1.00 50.34 ? 252 HOH A O   1 
HETATM 1272 O O   . HOH C 2 .  ? -12.814 2.955   2.102   1.00 46.80 ? 253 HOH A O   1 
HETATM 1273 O O   . HOH C 2 .  ? -16.534 10.714  8.016   1.00 42.70 ? 254 HOH A O   1 
HETATM 1274 O O   . HOH C 2 .  ? -7.374  0.016   10.203  1.00 46.99 ? 255 HOH A O   1 
HETATM 1275 O O   . HOH C 2 .  ? -7.656  -2.778  5.830   1.00 44.41 ? 256 HOH A O   1 
HETATM 1276 O O   . HOH C 2 .  ? -8.332  4.150   9.796   1.00 39.95 ? 257 HOH A O   1 
HETATM 1277 O O   . HOH C 2 .  ? -7.258  1.822   8.619   1.00 36.28 ? 258 HOH A O   1 
HETATM 1278 O O   . HOH C 2 .  ? -11.132 19.263  -6.766  1.00 42.86 ? 259 HOH A O   1 
HETATM 1279 O O   . HOH C 2 .  ? 4.700   -7.655  15.701  1.00 46.08 ? 260 HOH A O   1 
HETATM 1280 O O   . HOH D 2 .  ? 3.599   -0.368  -1.332  1.00 39.66 ? 201 HOH B O   1 
HETATM 1281 O O   . HOH D 2 .  ? -7.909  -6.037  -9.040  1.00 46.89 ? 202 HOH B O   1 
HETATM 1282 O O   . HOH D 2 .  ? -0.669  -15.079 7.170   1.00 45.99 ? 203 HOH B O   1 
HETATM 1283 O O   . HOH D 2 .  ? 8.451   -13.338 -0.572  1.00 36.26 ? 204 HOH B O   1 
HETATM 1284 O O   . HOH D 2 .  ? 12.114  1.053   -5.149  1.00 32.66 ? 205 HOH B O   1 
HETATM 1285 O O   . HOH D 2 .  ? 5.086   -12.333 4.469   1.00 31.36 ? 206 HOH B O   1 
HETATM 1286 O O   . HOH D 2 .  ? 6.032   -3.449  -18.175 1.00 50.58 ? 207 HOH B O   1 
HETATM 1287 O O   . HOH D 2 .  ? -2.717  -0.051  -22.230 1.00 41.78 ? 208 HOH B O   1 
HETATM 1288 O O   . HOH D 2 .  ? -3.757  -3.833  5.719   1.00 32.27 ? 209 HOH B O   1 
HETATM 1289 O O   . HOH D 2 .  ? 7.382   -6.320  -15.883 1.00 43.57 ? 210 HOH B O   1 
HETATM 1290 O O   . HOH D 2 .  ? 9.383   -12.354 -7.604  1.00 29.65 ? 211 HOH B O   1 
HETATM 1291 O O   . HOH D 2 .  ? 1.575   2.708   -16.720 1.00 41.28 ? 212 HOH B O   1 
HETATM 1292 O O   . HOH D 2 .  ? -0.143  -16.525 4.809   1.00 35.19 ? 213 HOH B O   1 
HETATM 1293 O O   . HOH D 2 .  ? -4.346  -16.215 -13.212 1.00 44.18 ? 214 HOH B O   1 
HETATM 1294 O O   . HOH D 2 .  ? 3.567   -18.118 -0.625  1.00 34.18 ? 215 HOH B O   1 
HETATM 1295 O O   . HOH D 2 .  ? 11.320  -4.694  -0.678  1.00 32.47 ? 216 HOH B O   1 
HETATM 1296 O O   . HOH D 2 .  ? -1.657  -14.611 -0.904  1.00 29.76 ? 217 HOH B O   1 
HETATM 1297 O O   . HOH D 2 .  ? 9.940   -11.910 -3.782  1.00 28.48 ? 218 HOH B O   1 
HETATM 1298 O O   . HOH D 2 .  ? 13.928  3.676   -12.762 1.00 41.33 ? 219 HOH B O   1 
HETATM 1299 O O   . HOH D 2 .  ? 11.809  2.699   -11.208 1.00 42.47 ? 220 HOH B O   1 
HETATM 1300 O O   . HOH D 2 .  ? -3.568  -18.864 1.123   1.00 41.76 ? 221 HOH B O   1 
HETATM 1301 O O   . HOH D 2 .  ? -0.837  7.090   -11.598 1.00 45.65 ? 222 HOH B O   1 
HETATM 1302 O O   . HOH D 2 .  ? -0.317  -3.401  -1.111  1.00 33.58 ? 223 HOH B O   1 
HETATM 1303 O O   . HOH D 2 .  ? 9.027   -10.738 -1.287  1.00 26.58 ? 224 HOH B O   1 
HETATM 1304 O O   . HOH D 2 .  ? 6.912   2.565   -3.985  1.00 36.96 ? 225 HOH B O   1 
HETATM 1305 O O   . HOH D 2 .  ? 9.989   3.886   -6.923  1.00 40.53 ? 226 HOH B O   1 
HETATM 1306 O O   . HOH D 2 .  ? -6.744  -18.163 -15.787 1.00 51.79 ? 227 HOH B O   1 
HETATM 1307 O O   . HOH D 2 .  ? 12.667  -3.060  -12.608 1.00 39.30 ? 228 HOH B O   1 
HETATM 1308 O O   . HOH D 2 .  ? -7.788  -7.669  -0.503  1.00 46.16 ? 229 HOH B O   1 
HETATM 1309 O O   . HOH D 2 .  ? 5.018   -2.011  -3.425  1.00 40.03 ? 230 HOH B O   1 
HETATM 1310 O O   . HOH D 2 .  ? -3.604  -2.658  -3.963  1.00 39.15 ? 231 HOH B O   1 
HETATM 1311 O O   . HOH D 2 .  ? 1.936   7.744   -8.115  1.00 36.35 ? 232 HOH B O   1 
HETATM 1312 O O   . HOH D 2 .  ? -5.356  -13.592 -15.084 1.00 39.96 ? 233 HOH B O   1 
HETATM 1313 O O   . HOH D 2 .  ? -8.835  -6.953  -4.676  1.00 45.08 ? 234 HOH B O   1 
HETATM 1314 O O   . HOH D 2 .  ? 7.185   -2.011  -14.633 1.00 43.12 ? 235 HOH B O   1 
HETATM 1315 O O   . HOH D 2 .  ? 5.370   -11.763 -19.362 1.00 51.50 ? 236 HOH B O   1 
HETATM 1316 O O   . HOH D 2 .  ? -7.502  -5.999  -18.257 1.00 48.49 ? 237 HOH B O   1 
HETATM 1317 O O   . HOH D 2 .  ? -6.150  -5.056  2.340   1.00 41.73 ? 238 HOH B O   1 
HETATM 1318 O O   . HOH D 2 .  ? 15.228  -2.892  -1.391  1.00 39.48 ? 239 HOH B O   1 
HETATM 1319 O O   . HOH D 2 .  ? 2.818   6.418   -10.106 1.00 42.87 ? 240 HOH B O   1 
HETATM 1320 O O   . HOH D 2 .  ? -5.748  -4.197  -2.902  1.00 40.59 ? 241 HOH B O   1 
HETATM 1321 O O   . HOH D 2 .  ? -2.372  6.096   -17.183 1.00 44.84 ? 242 HOH B O   1 
HETATM 1322 O O   . HOH D 2 .  ? 6.196   0.178   -2.481  1.00 36.36 ? 243 HOH B O   1 
HETATM 1323 O O   . HOH D 2 .  ? 8.811   -0.601  -1.827  1.00 36.64 ? 244 HOH B O   1 
HETATM 1324 O O   . HOH D 2 .  ? 10.428  1.558   -2.934  1.00 40.82 ? 245 HOH B O   1 
HETATM 1325 O O   . HOH D 2 .  ? 12.474  3.420   -6.414  1.00 36.39 ? 246 HOH B O   1 
# 
